data_3EO8
#
_entry.id   3EO8
#
_cell.length_a   51.843
_cell.length_b   183.265
_cell.length_c   74.393
_cell.angle_alpha   90.000
_cell.angle_beta   104.890
_cell.angle_gamma   90.000
#
_symmetry.space_group_name_H-M   'P 1 21 1'
#
loop_
_entity.id
_entity.type
_entity.pdbx_description
1 polymer 'BluB-like flavoprotein'
2 non-polymer 'FLAVIN MONONUCLEOTIDE'
3 non-polymer 'ACETATE ION'
4 non-polymer 'CHLORIDE ION'
5 non-polymer GLYCEROL
6 water water
#
_entity_poly.entity_id   1
_entity_poly.type   'polypeptide(L)'
_entity_poly.pdbx_seq_one_letter_code
;G(MSE)ELQDTIFKRQSVRKFKNQDVSDEDILK(MSE)IKAAGAAPSGKNIQNWHFVVIKRRDL(MSE)EKIADVITKKQ
QEILVE(MSE)DKVSVDKANRFRKFVKNFTLFYLKAPVLVLVFTKVYNPSGYYELELIDAPKETIDKLFIRNPG(MSE)Q
SLGAAIENFTLSAIELGYGSCWLTSQNYAADEIEAVLEAETGFEKGEYFLGA(MSE)LALGVPEDNLKSPSKKPVEEICT
FIK
;
_entity_poly.pdbx_strand_id   A,B,C,D,E,F
#
# COMPACT_ATOMS: atom_id res chain seq x y z
N GLY A 1 13.61 -20.65 19.62
CA GLY A 1 13.93 -19.33 20.22
C GLY A 1 14.99 -18.60 19.41
N GLU A 3 18.64 -16.11 19.66
CA GLU A 3 19.79 -15.72 20.48
C GLU A 3 19.70 -14.22 20.75
N LEU A 4 20.23 -13.81 21.91
CA LEU A 4 20.06 -12.45 22.39
C LEU A 4 20.54 -11.36 21.41
N GLN A 5 21.78 -11.48 20.97
CA GLN A 5 22.35 -10.45 20.09
C GLN A 5 21.56 -10.39 18.80
N ASP A 6 21.10 -11.55 18.32
CA ASP A 6 20.30 -11.55 17.10
C ASP A 6 19.05 -10.72 17.31
N THR A 7 18.42 -10.86 18.47
CA THR A 7 17.22 -10.07 18.78
CA THR A 7 17.23 -10.09 18.79
C THR A 7 17.56 -8.59 18.93
N ILE A 8 18.66 -8.30 19.62
CA ILE A 8 19.06 -6.92 19.87
C ILE A 8 19.34 -6.17 18.56
N PHE A 9 19.93 -6.86 17.59
CA PHE A 9 20.34 -6.18 16.34
C PHE A 9 19.27 -6.27 15.26
N LYS A 10 18.26 -7.09 15.49
CA LYS A 10 17.06 -7.11 14.66
C LYS A 10 16.07 -6.02 15.05
N ARG A 11 16.16 -5.53 16.29
CA ARG A 11 15.21 -4.57 16.79
C ARG A 11 15.25 -3.26 16.00
N GLN A 12 14.08 -2.88 15.52
CA GLN A 12 13.88 -1.59 14.92
C GLN A 12 12.56 -0.99 15.44
N SER A 13 12.36 0.31 15.24
CA SER A 13 11.01 0.88 15.45
C SER A 13 10.10 0.59 14.27
N VAL A 14 9.15 -0.31 14.51
CA VAL A 14 8.26 -0.82 13.49
C VAL A 14 7.02 0.04 13.39
N ARG A 15 6.84 0.67 12.24
CA ARG A 15 5.72 1.60 12.04
C ARG A 15 4.77 1.16 10.92
N LYS A 16 5.04 0.00 10.32
CA LYS A 16 4.15 -0.55 9.33
C LYS A 16 4.07 -2.04 9.62
N PHE A 17 2.85 -2.56 9.51
CA PHE A 17 2.51 -3.92 9.96
C PHE A 17 1.75 -4.72 8.92
N LYS A 18 1.99 -6.03 8.94
CA LYS A 18 1.26 -6.96 8.08
CA LYS A 18 1.25 -6.94 8.07
C LYS A 18 -0.13 -7.19 8.66
N ASN A 19 -1.02 -7.74 7.85
CA ASN A 19 -2.38 -8.00 8.28
C ASN A 19 -2.46 -9.37 8.90
N GLN A 20 -1.99 -9.47 10.15
CA GLN A 20 -1.89 -10.73 10.85
C GLN A 20 -2.09 -10.42 12.32
N ASP A 21 -2.58 -11.41 13.05
CA ASP A 21 -2.92 -11.23 14.45
C ASP A 21 -1.74 -11.53 15.36
N VAL A 22 -1.82 -11.04 16.59
CA VAL A 22 -0.90 -11.39 17.66
C VAL A 22 -1.68 -12.15 18.72
N SER A 23 -1.25 -13.38 19.04
CA SER A 23 -1.99 -14.18 20.03
C SER A 23 -1.83 -13.63 21.44
N ASP A 24 -2.90 -13.75 22.22
CA ASP A 24 -2.85 -13.36 23.64
C ASP A 24 -1.76 -14.11 24.42
N GLU A 25 -1.63 -15.40 24.14
CA GLU A 25 -0.60 -16.24 24.75
C GLU A 25 0.80 -15.67 24.50
N ASP A 26 1.06 -15.16 23.30
CA ASP A 26 2.38 -14.63 22.99
C ASP A 26 2.57 -13.28 23.69
N ILE A 27 1.51 -12.50 23.76
CA ILE A 27 1.59 -11.19 24.42
C ILE A 27 1.85 -11.40 25.91
N LEU A 28 1.23 -12.43 26.47
CA LEU A 28 1.48 -12.77 27.86
C LEU A 28 2.96 -13.12 28.10
N LYS A 29 3.57 -13.87 27.17
CA LYS A 29 5.00 -14.17 27.28
C LYS A 29 5.82 -12.88 27.28
N ILE A 31 4.90 -9.92 28.35
CA ILE A 31 4.66 -9.21 29.60
C ILE A 31 5.39 -9.93 30.73
N LYS A 32 5.44 -11.25 30.68
CA LYS A 32 6.18 -12.01 31.69
C LYS A 32 7.65 -11.61 31.65
N ALA A 33 8.19 -11.47 30.44
CA ALA A 33 9.58 -11.04 30.28
C ALA A 33 9.78 -9.62 30.79
N ALA A 34 8.87 -8.72 30.45
CA ALA A 34 8.91 -7.34 30.95
C ALA A 34 8.97 -7.30 32.48
N GLY A 35 8.17 -8.14 33.10
CA GLY A 35 8.06 -8.20 34.57
C GLY A 35 9.29 -8.73 35.29
N ALA A 36 10.17 -9.36 34.52
CA ALA A 36 11.44 -9.83 35.05
C ALA A 36 12.55 -8.77 35.03
N ALA A 37 12.27 -7.58 34.47
CA ALA A 37 13.24 -6.49 34.40
C ALA A 37 13.63 -6.02 35.79
N PRO A 38 14.85 -5.49 35.93
CA PRO A 38 15.24 -4.93 37.21
C PRO A 38 14.47 -3.65 37.42
N SER A 39 14.31 -3.26 38.67
CA SER A 39 13.68 -2.01 38.99
C SER A 39 14.12 -1.53 40.36
N GLY A 40 14.08 -0.21 40.56
CA GLY A 40 14.55 0.37 41.80
C GLY A 40 13.81 -0.21 43.00
N LYS A 41 14.55 -0.79 43.93
CA LYS A 41 13.97 -1.39 45.15
C LYS A 41 12.83 -2.37 44.80
N ASN A 42 12.95 -3.05 43.67
CA ASN A 42 11.94 -4.01 43.21
C ASN A 42 10.53 -3.42 43.12
N ILE A 43 10.44 -2.12 42.81
CA ILE A 43 9.15 -1.44 42.72
C ILE A 43 8.25 -2.01 41.61
N GLN A 44 8.84 -2.55 40.54
CA GLN A 44 8.07 -3.08 39.44
C GLN A 44 6.93 -2.14 39.08
N ASN A 45 7.28 -0.90 38.74
CA ASN A 45 6.30 0.15 38.52
C ASN A 45 5.77 0.11 37.11
N TRP A 46 5.03 -0.95 36.81
CA TRP A 46 4.50 -1.11 35.46
C TRP A 46 3.21 -1.90 35.46
N HIS A 47 2.32 -1.56 34.52
CA HIS A 47 1.09 -2.32 34.27
C HIS A 47 0.79 -2.22 32.79
N PHE A 48 0.63 -3.35 32.12
CA PHE A 48 0.43 -3.37 30.68
C PHE A 48 -1.05 -3.62 30.36
N VAL A 49 -1.68 -2.65 29.69
CA VAL A 49 -3.06 -2.75 29.26
C VAL A 49 -3.10 -3.09 27.79
N VAL A 50 -3.58 -4.29 27.47
CA VAL A 50 -3.52 -4.78 26.11
C VAL A 50 -4.84 -4.59 25.37
N ILE A 51 -4.80 -3.84 24.27
CA ILE A 51 -6.01 -3.50 23.53
C ILE A 51 -5.96 -4.00 22.12
N LYS A 52 -7.00 -4.74 21.74
CA LYS A 52 -7.25 -5.12 20.35
C LYS A 52 -8.55 -4.52 19.81
N ARG A 53 -9.33 -3.88 20.69
CA ARG A 53 -10.64 -3.37 20.29
CA ARG A 53 -10.64 -3.33 20.34
C ARG A 53 -10.45 -2.13 19.42
N ARG A 54 -10.86 -2.23 18.15
CA ARG A 54 -10.58 -1.16 17.16
C ARG A 54 -11.19 0.15 17.58
N ASP A 55 -12.42 0.13 18.09
CA ASP A 55 -13.08 1.39 18.36
C ASP A 55 -12.41 2.14 19.49
N LEU A 56 -11.84 1.41 20.46
CA LEU A 56 -11.09 2.07 21.54
C LEU A 56 -9.80 2.68 21.02
N GLU A 58 -9.41 3.84 18.10
CA GLU A 58 -9.78 5.03 17.34
C GLU A 58 -10.16 6.14 18.28
N LYS A 59 -10.84 5.80 19.39
CA LYS A 59 -11.20 6.78 20.38
C LYS A 59 -9.98 7.45 21.00
N ILE A 60 -8.92 6.68 21.20
CA ILE A 60 -7.67 7.17 21.80
C ILE A 60 -7.04 8.15 20.78
N ALA A 61 -7.07 7.76 19.52
CA ALA A 61 -6.52 8.60 18.45
C ALA A 61 -7.23 9.94 18.40
N ASP A 62 -8.54 9.91 18.52
CA ASP A 62 -9.32 11.15 18.46
C ASP A 62 -8.98 12.10 19.59
N VAL A 63 -8.72 11.61 20.82
CA VAL A 63 -8.36 12.54 21.91
C VAL A 63 -6.93 13.08 21.74
N ILE A 64 -6.06 12.28 21.13
CA ILE A 64 -4.72 12.75 20.79
C ILE A 64 -4.84 13.88 19.76
N THR A 65 -5.61 13.64 18.73
CA THR A 65 -5.87 14.67 17.70
C THR A 65 -6.48 15.96 18.27
N LYS A 66 -7.47 15.81 19.14
CA LYS A 66 -8.15 16.95 19.69
C LYS A 66 -7.20 17.79 20.52
N LYS A 67 -6.40 17.14 21.34
CA LYS A 67 -5.40 17.84 22.15
C LYS A 67 -4.35 18.49 21.25
N GLN A 68 -3.88 17.73 20.25
CA GLN A 68 -2.99 18.28 19.21
C GLN A 68 -3.52 19.54 18.58
N GLN A 69 -4.81 19.54 18.22
CA GLN A 69 -5.37 20.70 17.56
C GLN A 69 -5.39 21.94 18.44
N GLU A 70 -5.61 21.78 19.74
CA GLU A 70 -5.57 22.90 20.68
C GLU A 70 -4.19 23.55 20.66
N ILE A 71 -3.15 22.71 20.57
CA ILE A 71 -1.77 23.22 20.46
C ILE A 71 -1.54 23.90 19.08
N LEU A 72 -1.97 23.25 18.00
CA LEU A 72 -1.77 23.77 16.65
C LEU A 72 -2.38 25.16 16.39
N VAL A 73 -3.59 25.39 16.87
CA VAL A 73 -4.24 26.69 16.65
CA VAL A 73 -4.27 26.68 16.69
C VAL A 73 -3.47 27.80 17.35
N GLU A 74 -2.77 27.48 18.43
CA GLU A 74 -1.89 28.50 19.04
C GLU A 74 -0.52 28.60 18.32
N ASP A 76 0.06 28.15 15.20
CA ASP A 76 -0.09 28.86 13.93
C ASP A 76 0.02 30.36 14.08
N LYS A 77 -0.31 30.87 15.26
CA LYS A 77 -0.21 32.32 15.50
C LYS A 77 1.24 32.80 15.65
N VAL A 78 2.16 31.88 15.91
CA VAL A 78 3.59 32.19 16.12
C VAL A 78 4.38 31.78 14.88
N SER A 79 4.19 30.55 14.41
CA SER A 79 4.94 30.05 13.28
C SER A 79 4.19 28.94 12.57
N VAL A 80 3.68 29.26 11.39
CA VAL A 80 2.91 28.31 10.59
C VAL A 80 3.81 27.14 10.18
N ASP A 81 5.10 27.40 9.92
CA ASP A 81 6.00 26.32 9.49
C ASP A 81 6.24 25.33 10.63
N LYS A 82 6.47 25.87 11.82
CA LYS A 82 6.64 25.02 12.98
C LYS A 82 5.35 24.25 13.27
N ALA A 83 4.19 24.90 13.14
CA ALA A 83 2.91 24.15 13.28
C ALA A 83 2.83 23.03 12.24
N ASN A 84 3.17 23.36 10.99
CA ASN A 84 3.20 22.34 9.92
C ASN A 84 4.14 21.19 10.19
N ARG A 85 5.32 21.48 10.74
CA ARG A 85 6.22 20.42 11.12
C ARG A 85 5.56 19.51 12.17
N PHE A 86 4.81 20.09 13.09
CA PHE A 86 4.10 19.28 14.12
C PHE A 86 2.94 18.46 13.54
N ARG A 87 2.21 19.02 12.57
CA ARG A 87 1.19 18.24 11.85
C ARG A 87 1.77 16.97 11.23
N LYS A 88 2.90 17.11 10.56
CA LYS A 88 3.51 15.96 9.88
C LYS A 88 4.03 14.99 10.92
N PHE A 89 4.63 15.53 11.98
CA PHE A 89 5.20 14.70 13.04
C PHE A 89 4.15 13.77 13.71
N VAL A 90 3.00 14.34 14.07
CA VAL A 90 1.98 13.55 14.74
C VAL A 90 1.43 12.40 13.86
N LYS A 91 1.30 12.64 12.55
CA LYS A 91 0.86 11.58 11.62
C LYS A 91 1.87 10.47 11.52
N ASN A 92 3.12 10.87 11.39
CA ASN A 92 4.18 9.90 11.08
C ASN A 92 4.73 9.15 12.28
N PHE A 93 4.77 9.85 13.41
CA PHE A 93 5.37 9.35 14.66
C PHE A 93 4.39 9.16 15.83
N THR A 94 3.11 9.35 15.62
CA THR A 94 2.16 9.00 16.69
C THR A 94 0.97 8.18 16.15
N LEU A 95 0.22 8.74 15.21
CA LEU A 95 -1.05 8.12 14.87
C LEU A 95 -0.90 6.88 13.98
N PHE A 96 0.35 6.56 13.58
CA PHE A 96 0.63 5.34 12.82
C PHE A 96 0.31 4.06 13.59
N TYR A 97 0.20 4.14 14.91
CA TYR A 97 -0.10 2.94 15.70
C TYR A 97 -1.40 2.25 15.26
N LEU A 98 -2.31 2.99 14.62
CA LEU A 98 -3.56 2.43 14.19
C LEU A 98 -3.35 1.36 13.11
N LYS A 99 -2.16 1.37 12.51
CA LYS A 99 -1.78 0.39 11.49
C LYS A 99 -1.51 -0.99 12.07
N ALA A 100 -1.35 -1.09 13.39
CA ALA A 100 -1.10 -2.36 14.09
C ALA A 100 -2.38 -2.97 14.63
N PRO A 101 -2.41 -4.32 14.77
CA PRO A 101 -3.51 -5.02 15.40
C PRO A 101 -3.60 -4.86 16.91
N VAL A 102 -2.53 -4.45 17.58
CA VAL A 102 -2.53 -4.36 19.04
C VAL A 102 -1.92 -3.06 19.48
N LEU A 103 -2.58 -2.40 20.43
CA LEU A 103 -2.07 -1.23 21.14
C LEU A 103 -1.88 -1.65 22.59
N VAL A 104 -0.68 -1.44 23.14
CA VAL A 104 -0.46 -1.70 24.54
C VAL A 104 -0.22 -0.37 25.24
N LEU A 105 -0.98 -0.07 26.28
CA LEU A 105 -0.74 1.11 27.06
C LEU A 105 0.05 0.67 28.25
N VAL A 106 1.22 1.27 28.42
CA VAL A 106 2.08 0.91 29.52
C VAL A 106 1.94 1.97 30.57
N PHE A 107 1.25 1.59 31.65
CA PHE A 107 1.07 2.46 32.81
C PHE A 107 2.25 2.30 33.76
N THR A 108 2.52 3.34 34.53
CA THR A 108 3.65 3.34 35.44
C THR A 108 3.26 4.24 36.63
N LYS A 109 4.12 4.30 37.63
CA LYS A 109 3.93 5.15 38.77
C LYS A 109 5.28 5.72 39.24
N VAL A 110 5.21 6.82 40.01
CA VAL A 110 6.43 7.49 40.45
C VAL A 110 7.20 6.61 41.41
N TYR A 111 8.52 6.60 41.27
CA TYR A 111 9.44 5.94 42.21
C TYR A 111 10.30 7.02 42.84
N ASN A 112 10.18 7.19 44.15
CA ASN A 112 11.01 8.14 44.90
C ASN A 112 12.32 7.42 45.23
N PRO A 113 13.43 7.84 44.59
CA PRO A 113 14.67 7.06 44.62
C PRO A 113 15.46 7.30 45.90
N SER A 114 16.59 6.60 46.06
CA SER A 114 17.44 6.78 47.22
C SER A 114 17.89 8.19 47.30
N GLY A 115 17.95 8.74 48.51
CA GLY A 115 18.25 10.12 48.73
C GLY A 115 16.99 10.93 48.99
N TYR A 116 15.87 10.51 48.43
CA TYR A 116 14.65 11.30 48.51
C TYR A 116 14.15 11.48 49.94
N TYR A 117 13.86 10.37 50.59
CA TYR A 117 13.32 10.47 51.95
C TYR A 117 14.37 10.97 52.96
N GLU A 118 15.62 10.62 52.72
CA GLU A 118 16.72 11.08 53.54
C GLU A 118 16.85 12.61 53.47
N LEU A 119 16.79 13.17 52.26
CA LEU A 119 16.89 14.61 52.08
C LEU A 119 15.66 15.33 52.59
N GLU A 120 14.47 14.76 52.37
CA GLU A 120 13.22 15.29 52.94
C GLU A 120 13.27 15.33 54.45
N LEU A 121 13.86 14.31 55.06
CA LEU A 121 13.89 14.22 56.51
C LEU A 121 14.58 15.43 57.10
N ILE A 122 15.61 15.91 56.41
CA ILE A 122 16.47 17.01 56.88
C ILE A 122 16.11 18.33 56.22
N ASP A 123 14.93 18.40 55.62
CA ASP A 123 14.41 19.61 54.98
C ASP A 123 15.39 20.20 53.99
N ALA A 124 15.96 19.35 53.16
CA ALA A 124 16.86 19.80 52.09
C ALA A 124 16.06 20.62 51.11
N PRO A 125 16.69 21.60 50.46
CA PRO A 125 15.99 22.40 49.45
C PRO A 125 15.37 21.57 48.37
N LYS A 126 14.16 21.94 47.96
CA LYS A 126 13.45 21.22 46.90
C LYS A 126 14.31 21.11 45.64
N GLU A 127 15.10 22.15 45.36
CA GLU A 127 15.98 22.15 44.18
C GLU A 127 17.05 21.05 44.26
N THR A 128 17.51 20.71 45.47
CA THR A 128 18.44 19.60 45.65
C THR A 128 17.77 18.25 45.43
N ILE A 129 16.58 18.08 46.01
CA ILE A 129 15.86 16.83 45.85
C ILE A 129 15.47 16.60 44.37
N ASP A 130 15.10 17.68 43.69
CA ASP A 130 14.73 17.59 42.27
C ASP A 130 15.83 16.96 41.42
N LYS A 131 17.09 17.19 41.80
CA LYS A 131 18.23 16.66 41.04
C LYS A 131 18.24 15.14 40.96
N LEU A 132 17.67 14.45 41.94
CA LEU A 132 17.56 12.98 41.84
C LEU A 132 16.73 12.57 40.63
N PHE A 133 15.77 13.42 40.26
CA PHE A 133 14.82 13.04 39.23
C PHE A 133 15.25 13.36 37.80
N ILE A 134 16.31 14.15 37.62
CA ILE A 134 16.84 14.39 36.25
C ILE A 134 17.33 13.07 35.60
N ARG A 135 17.63 12.06 36.43
CA ARG A 135 17.98 10.74 35.94
C ARG A 135 16.92 9.72 36.34
N ASN A 136 15.72 10.22 36.65
CA ASN A 136 14.55 9.40 37.00
C ASN A 136 14.74 7.87 36.99
N PRO A 137 15.27 7.32 38.11
CA PRO A 137 15.41 5.85 38.23
C PRO A 137 14.11 5.06 38.00
N GLY A 138 12.96 5.61 38.37
CA GLY A 138 11.67 4.96 38.04
C GLY A 138 11.47 4.72 36.55
N GLN A 140 14.00 4.82 34.31
CA GLN A 140 15.00 3.87 33.87
C GLN A 140 14.46 2.45 34.04
N SER A 141 13.80 2.20 35.17
CA SER A 141 13.19 0.89 35.45
C SER A 141 12.13 0.55 34.41
N LEU A 142 11.25 1.51 34.12
CA LEU A 142 10.21 1.27 33.10
C LEU A 142 10.81 0.92 31.74
N GLY A 143 11.86 1.64 31.36
CA GLY A 143 12.57 1.35 30.11
C GLY A 143 13.15 -0.04 30.05
N ALA A 144 13.70 -0.50 31.17
CA ALA A 144 14.20 -1.87 31.25
C ALA A 144 13.08 -2.88 30.97
N ALA A 145 11.90 -2.68 31.58
CA ALA A 145 10.74 -3.57 31.33
C ALA A 145 10.28 -3.54 29.89
N ILE A 146 10.15 -2.34 29.35
CA ILE A 146 9.62 -2.20 27.97
C ILE A 146 10.64 -2.72 26.96
N GLU A 147 11.93 -2.61 27.26
CA GLU A 147 12.94 -3.26 26.40
C GLU A 147 12.86 -4.78 26.43
N ASN A 148 12.63 -5.39 27.60
CA ASN A 148 12.44 -6.83 27.70
C ASN A 148 11.22 -7.29 26.88
N PHE A 149 10.14 -6.53 26.95
CA PHE A 149 8.94 -6.76 26.15
C PHE A 149 9.30 -6.70 24.66
N THR A 150 9.95 -5.61 24.28
CA THR A 150 10.36 -5.35 22.89
C THR A 150 11.17 -6.49 22.27
N LEU A 151 12.18 -6.95 23.01
CA LEU A 151 13.03 -8.00 22.52
C LEU A 151 12.25 -9.31 22.41
N SER A 152 11.36 -9.54 23.37
CA SER A 152 10.57 -10.76 23.41
C SER A 152 9.59 -10.82 22.25
N ALA A 153 8.98 -9.69 21.95
CA ALA A 153 8.11 -9.56 20.76
C ALA A 153 8.86 -10.02 19.52
N ILE A 154 10.10 -9.55 19.34
CA ILE A 154 10.91 -9.95 18.17
C ILE A 154 11.23 -11.44 18.13
N GLU A 155 11.61 -12.00 19.28
CA GLU A 155 11.86 -13.44 19.34
C GLU A 155 10.65 -14.25 18.90
N LEU A 156 9.46 -13.78 19.23
CA LEU A 156 8.22 -14.51 18.94
C LEU A 156 7.69 -14.28 17.50
N GLY A 157 8.39 -13.47 16.71
CA GLY A 157 8.02 -13.25 15.32
C GLY A 157 7.27 -11.97 15.04
N TYR A 158 7.30 -11.07 16.00
CA TYR A 158 6.57 -9.82 15.89
C TYR A 158 7.56 -8.66 15.97
N GLY A 159 7.05 -7.44 16.09
CA GLY A 159 7.88 -6.28 16.27
C GLY A 159 6.99 -5.16 16.77
N SER A 160 7.60 -4.04 17.14
CA SER A 160 6.84 -2.99 17.78
C SER A 160 7.52 -1.64 17.64
N CYS A 161 6.79 -0.60 17.99
CA CYS A 161 7.37 0.71 18.16
C CYS A 161 6.92 1.16 19.51
N TRP A 162 7.86 1.76 20.21
CA TRP A 162 7.67 2.39 21.51
C TRP A 162 7.24 3.84 21.29
N LEU A 163 6.22 4.30 22.00
CA LEU A 163 5.75 5.67 21.84
C LEU A 163 5.63 6.41 23.14
N THR A 164 6.16 7.62 23.17
CA THR A 164 5.85 8.56 24.25
C THR A 164 5.34 9.87 23.68
N SER A 165 5.28 10.01 22.36
CA SER A 165 4.94 11.30 21.75
C SER A 165 3.48 11.70 21.99
N GLN A 166 2.65 10.75 22.38
CA GLN A 166 1.25 11.07 22.71
C GLN A 166 1.05 11.76 24.05
N ASN A 167 2.09 11.87 24.87
CA ASN A 167 1.88 12.10 26.31
C ASN A 167 1.44 13.51 26.69
N TYR A 168 1.51 14.47 25.78
CA TYR A 168 0.82 15.75 26.00
C TYR A 168 -0.71 15.53 26.15
N ALA A 169 -1.21 14.37 25.72
CA ALA A 169 -2.62 13.99 25.86
C ALA A 169 -2.84 12.78 26.79
N ALA A 170 -1.87 12.47 27.63
CA ALA A 170 -1.94 11.30 28.51
C ALA A 170 -3.19 11.30 29.39
N ASP A 171 -3.49 12.44 30.00
CA ASP A 171 -4.66 12.50 30.86
C ASP A 171 -5.93 12.16 30.12
N GLU A 172 -6.03 12.63 28.88
CA GLU A 172 -7.23 12.44 28.07
C GLU A 172 -7.35 11.00 27.60
N ILE A 173 -6.22 10.38 27.28
CA ILE A 173 -6.16 8.95 26.92
C ILE A 173 -6.63 8.08 28.09
N GLU A 174 -6.14 8.38 29.29
CA GLU A 174 -6.54 7.70 30.49
C GLU A 174 -8.07 7.79 30.73
N ALA A 175 -8.63 8.98 30.54
CA ALA A 175 -10.07 9.20 30.69
C ALA A 175 -10.90 8.36 29.71
N VAL A 176 -10.48 8.31 28.44
CA VAL A 176 -11.14 7.45 27.46
C VAL A 176 -11.08 5.99 27.87
N LEU A 177 -9.89 5.50 28.26
CA LEU A 177 -9.75 4.11 28.65
C LEU A 177 -10.69 3.78 29.79
N GLU A 178 -10.71 4.65 30.78
CA GLU A 178 -11.57 4.46 31.98
C GLU A 178 -13.05 4.45 31.60
N ALA A 179 -13.45 5.41 30.79
CA ALA A 179 -14.85 5.55 30.40
C ALA A 179 -15.36 4.35 29.57
N GLU A 180 -14.47 3.74 28.79
CA GLU A 180 -14.84 2.70 27.84
C GLU A 180 -14.62 1.25 28.32
N THR A 181 -13.87 1.06 29.40
CA THR A 181 -13.50 -0.27 29.85
C THR A 181 -13.68 -0.53 31.35
N GLY A 182 -13.85 0.50 32.17
CA GLY A 182 -13.83 0.31 33.60
C GLY A 182 -12.45 0.19 34.24
N PHE A 183 -11.37 0.27 33.47
CA PHE A 183 -10.03 0.13 34.01
C PHE A 183 -9.79 1.21 35.05
N GLU A 184 -9.30 0.81 36.24
CA GLU A 184 -9.01 1.74 37.33
C GLU A 184 -7.49 1.91 37.48
N LYS A 185 -6.96 3.05 37.05
CA LYS A 185 -5.50 3.26 37.04
C LYS A 185 -4.91 3.44 38.44
N GLY A 186 -5.74 3.80 39.41
CA GLY A 186 -5.27 4.14 40.74
C GLY A 186 -4.21 5.22 40.70
N GLU A 187 -3.02 4.93 41.26
CA GLU A 187 -1.93 5.90 41.34
C GLU A 187 -1.06 5.92 40.07
N TYR A 188 -1.37 5.04 39.13
CA TYR A 188 -0.60 4.90 37.92
C TYR A 188 -1.06 5.90 36.86
N PHE A 189 -0.19 6.16 35.91
CA PHE A 189 -0.45 7.07 34.80
C PHE A 189 0.22 6.48 33.56
N LEU A 190 -0.20 6.95 32.39
CA LEU A 190 0.33 6.43 31.13
C LEU A 190 1.81 6.78 31.03
N GLY A 191 2.65 5.78 30.85
CA GLY A 191 4.08 6.03 30.65
C GLY A 191 4.48 6.02 29.19
N ALA A 192 3.98 5.04 28.45
CA ALA A 192 4.35 4.83 27.07
C ALA A 192 3.24 3.99 26.40
N LEU A 194 2.94 0.97 23.12
CA LEU A 194 3.61 0.12 22.14
C LEU A 194 2.63 -0.22 21.02
N ALA A 195 3.05 0.03 19.78
CA ALA A 195 2.32 -0.48 18.60
C ALA A 195 2.94 -1.83 18.28
N LEU A 196 2.10 -2.87 18.24
CA LEU A 196 2.56 -4.24 18.21
C LEU A 196 1.87 -5.05 17.12
N GLY A 197 2.67 -5.77 16.34
CA GLY A 197 2.17 -6.59 15.22
C GLY A 197 3.25 -7.38 14.53
N VAL A 198 2.87 -8.05 13.45
CA VAL A 198 3.85 -8.70 12.60
C VAL A 198 4.36 -7.61 11.69
N PRO A 199 5.68 -7.35 11.73
CA PRO A 199 6.23 -6.21 10.99
C PRO A 199 6.20 -6.37 9.48
N GLU A 200 5.97 -5.28 8.76
CA GLU A 200 6.22 -5.22 7.32
C GLU A 200 7.70 -5.41 7.02
N ASP A 201 7.96 -5.76 5.77
CA ASP A 201 9.31 -5.86 5.28
C ASP A 201 9.91 -4.46 4.97
N ASN A 202 11.23 -4.45 4.80
CA ASN A 202 12.00 -3.30 4.34
C ASN A 202 11.89 -2.13 5.29
N LEU A 203 12.06 -2.41 6.58
CA LEU A 203 11.98 -1.32 7.56
C LEU A 203 13.32 -0.62 7.68
N LYS A 204 13.25 0.69 7.89
CA LYS A 204 14.43 1.54 7.95
C LYS A 204 14.59 2.16 9.33
N SER A 205 15.84 2.23 9.77
CA SER A 205 16.23 2.90 11.01
C SER A 205 17.30 3.92 10.70
N PRO A 206 17.36 5.00 11.49
CA PRO A 206 18.37 6.01 11.25
C PRO A 206 19.78 5.58 11.59
N SER A 207 20.75 6.36 11.09
CA SER A 207 22.15 6.17 11.41
CA SER A 207 22.14 6.14 11.42
C SER A 207 22.36 6.30 12.92
N LYS A 208 23.29 5.52 13.43
CA LYS A 208 23.62 5.54 14.83
C LYS A 208 25.03 6.07 15.05
N LYS A 209 25.26 6.58 16.27
CA LYS A 209 26.59 6.96 16.68
C LYS A 209 27.53 5.77 16.61
N PRO A 210 28.80 6.00 16.23
CA PRO A 210 29.76 4.91 16.31
C PRO A 210 30.06 4.57 17.75
N VAL A 211 30.32 3.31 18.01
CA VAL A 211 30.46 2.83 19.40
C VAL A 211 31.61 3.56 20.12
N GLU A 212 32.68 3.90 19.40
CA GLU A 212 33.81 4.62 20.02
CA GLU A 212 33.81 4.61 20.01
C GLU A 212 33.34 5.92 20.66
N GLU A 213 32.29 6.52 20.11
CA GLU A 213 31.74 7.81 20.60
CA GLU A 213 31.85 7.80 20.65
C GLU A 213 30.96 7.69 21.88
N ILE A 214 30.44 6.49 22.16
CA ILE A 214 29.52 6.31 23.28
C ILE A 214 30.18 5.61 24.45
N CYS A 215 31.51 5.51 24.41
CA CYS A 215 32.22 4.95 25.56
C CYS A 215 33.62 5.49 25.71
N THR A 216 34.13 5.30 26.93
CA THR A 216 35.47 5.70 27.32
C THR A 216 36.01 4.60 28.23
N PHE A 217 37.17 4.01 27.89
CA PHE A 217 37.81 3.03 28.75
C PHE A 217 38.93 3.72 29.49
N ILE A 218 38.78 3.83 30.81
CA ILE A 218 39.76 4.53 31.62
C ILE A 218 40.95 3.62 31.82
N LYS A 219 42.13 4.17 31.55
CA LYS A 219 43.37 3.40 31.45
C LYS A 219 44.42 3.90 32.44
N GLY B 1 26.42 -18.67 22.04
CA GLY B 1 25.37 -17.67 22.36
C GLY B 1 24.36 -18.18 23.37
N GLU B 3 19.99 -17.95 24.45
CA GLU B 3 18.63 -17.61 24.00
C GLU B 3 18.06 -16.48 24.87
N LEU B 4 17.22 -15.64 24.27
CA LEU B 4 16.74 -14.44 24.92
C LEU B 4 16.04 -14.69 26.26
N GLN B 5 15.02 -15.55 26.28
CA GLN B 5 14.28 -15.78 27.51
C GLN B 5 15.19 -16.32 28.61
N ASP B 6 16.11 -17.21 28.25
CA ASP B 6 17.09 -17.71 29.20
C ASP B 6 17.88 -16.56 29.89
N THR B 7 18.33 -15.59 29.10
CA THR B 7 19.09 -14.45 29.64
CA THR B 7 19.09 -14.47 29.63
C THR B 7 18.18 -13.61 30.53
N ILE B 8 17.00 -13.31 30.05
CA ILE B 8 16.03 -12.51 30.80
C ILE B 8 15.70 -13.07 32.19
N PHE B 9 15.46 -14.36 32.27
CA PHE B 9 15.06 -14.98 33.53
C PHE B 9 16.22 -15.38 34.37
N LYS B 10 17.41 -15.45 33.76
CA LYS B 10 18.65 -15.65 34.51
C LYS B 10 19.07 -14.38 35.22
N ARG B 11 18.64 -13.24 34.71
CA ARG B 11 19.14 -11.96 35.20
C ARG B 11 18.77 -11.74 36.62
N GLN B 12 19.78 -11.39 37.43
CA GLN B 12 19.63 -10.96 38.83
C GLN B 12 20.52 -9.77 39.11
N SER B 13 20.25 -9.09 40.22
CA SER B 13 21.14 -8.03 40.68
C SER B 13 22.29 -8.68 41.42
N VAL B 14 23.45 -8.69 40.77
CA VAL B 14 24.59 -9.41 41.27
C VAL B 14 25.38 -8.49 42.21
N ARG B 15 25.47 -8.90 43.48
CA ARG B 15 26.21 -8.12 44.48
C ARG B 15 27.42 -8.85 45.11
N LYS B 16 27.70 -10.06 44.62
CA LYS B 16 28.89 -10.79 45.00
C LYS B 16 29.54 -11.37 43.74
N PHE B 17 30.88 -11.29 43.67
CA PHE B 17 31.61 -11.57 42.45
C PHE B 17 32.80 -12.51 42.70
N LYS B 18 33.07 -13.35 41.73
CA LYS B 18 34.24 -14.20 41.78
C LYS B 18 35.46 -13.36 41.44
N ASN B 19 36.62 -13.84 41.84
CA ASN B 19 37.86 -13.17 41.54
C ASN B 19 38.33 -13.53 40.12
N GLN B 20 37.67 -12.94 39.12
CA GLN B 20 37.99 -13.17 37.71
C GLN B 20 37.82 -11.88 36.94
N ASP B 21 38.53 -11.77 35.83
CA ASP B 21 38.54 -10.56 35.02
C ASP B 21 37.39 -10.55 34.05
N VAL B 22 37.12 -9.34 33.54
CA VAL B 22 36.16 -9.13 32.45
C VAL B 22 36.92 -8.46 31.30
N SER B 23 37.01 -9.13 30.15
CA SER B 23 37.82 -8.58 29.06
C SER B 23 37.21 -7.32 28.49
N ASP B 24 38.07 -6.39 28.06
CA ASP B 24 37.63 -5.16 27.39
C ASP B 24 36.78 -5.46 26.15
N GLU B 25 37.14 -6.53 25.44
CA GLU B 25 36.44 -6.92 24.23
C GLU B 25 34.99 -7.34 24.52
N ASP B 26 34.81 -8.09 25.60
CA ASP B 26 33.46 -8.47 26.05
C ASP B 26 32.67 -7.23 26.51
N ILE B 27 33.34 -6.32 27.18
CA ILE B 27 32.67 -5.10 27.64
C ILE B 27 32.25 -4.29 26.42
N LEU B 28 33.13 -4.22 25.42
CA LEU B 28 32.75 -3.50 24.21
C LEU B 28 31.51 -4.11 23.53
N LYS B 29 31.39 -5.44 23.52
CA LYS B 29 30.18 -6.09 22.99
C LYS B 29 28.92 -5.62 23.72
N ILE B 31 28.53 -2.85 25.26
CA ILE B 31 28.30 -1.47 24.90
C ILE B 31 27.68 -1.34 23.50
N LYS B 32 28.15 -2.10 22.53
CA LYS B 32 27.51 -2.14 21.20
C LYS B 32 26.01 -2.51 21.31
N ALA B 33 25.68 -3.44 22.20
CA ALA B 33 24.30 -3.84 22.42
C ALA B 33 23.52 -2.67 23.00
N ALA B 34 24.10 -1.97 23.98
CA ALA B 34 23.48 -0.78 24.57
C ALA B 34 23.18 0.25 23.49
N GLY B 35 24.18 0.46 22.63
CA GLY B 35 24.11 1.48 21.60
C GLY B 35 23.03 1.28 20.57
N ALA B 36 22.56 0.04 20.45
CA ALA B 36 21.52 -0.36 19.52
C ALA B 36 20.10 -0.23 20.14
N ALA B 37 20.01 0.20 21.39
CA ALA B 37 18.74 0.40 22.07
C ALA B 37 17.94 1.50 21.40
N PRO B 38 16.59 1.44 21.53
CA PRO B 38 15.79 2.48 20.96
C PRO B 38 15.96 3.71 21.86
N SER B 39 15.73 4.89 21.31
CA SER B 39 15.78 6.12 22.08
C SER B 39 14.92 7.19 21.47
N GLY B 40 14.37 8.07 22.30
CA GLY B 40 13.49 9.15 21.85
C GLY B 40 14.16 10.01 20.80
N LYS B 41 13.52 10.11 19.64
CA LYS B 41 14.06 10.83 18.46
C LYS B 41 15.52 10.47 18.16
N ASN B 42 15.91 9.22 18.43
CA ASN B 42 17.28 8.75 18.18
C ASN B 42 18.34 9.60 18.90
N ILE B 43 17.97 10.13 20.04
CA ILE B 43 18.86 10.97 20.81
C ILE B 43 20.10 10.16 21.32
N GLN B 44 19.95 8.87 21.59
CA GLN B 44 21.09 8.06 21.99
C GLN B 44 21.83 8.72 23.15
N ASN B 45 21.05 9.04 24.20
CA ASN B 45 21.54 9.86 25.31
C ASN B 45 22.29 9.04 26.33
N TRP B 46 23.44 8.54 25.94
CA TRP B 46 24.21 7.65 26.77
C TRP B 46 25.72 7.66 26.44
N HIS B 47 26.52 7.44 27.46
CA HIS B 47 27.96 7.31 27.31
C HIS B 47 28.45 6.48 28.49
N PHE B 48 29.12 5.37 28.18
CA PHE B 48 29.56 4.39 29.18
C PHE B 48 31.03 4.61 29.50
N VAL B 49 31.32 4.93 30.76
CA VAL B 49 32.71 5.10 31.22
C VAL B 49 33.10 3.82 31.98
N VAL B 50 33.99 3.03 31.40
CA VAL B 50 34.43 1.74 31.92
C VAL B 50 35.71 1.91 32.77
N ILE B 51 35.61 1.56 34.06
CA ILE B 51 36.70 1.77 34.99
C ILE B 51 37.13 0.41 35.54
N LYS B 52 38.41 0.10 35.37
CA LYS B 52 39.03 -1.01 36.07
C LYS B 52 40.06 -0.55 37.11
N ARG B 53 40.35 0.75 37.11
CA ARG B 53 41.37 1.36 37.99
CA ARG B 53 41.37 1.35 37.98
C ARG B 53 40.89 1.37 39.42
N ARG B 54 41.51 0.52 40.23
CA ARG B 54 41.18 0.36 41.62
C ARG B 54 41.15 1.67 42.42
N ASP B 55 42.20 2.48 42.28
CA ASP B 55 42.26 3.74 43.04
C ASP B 55 41.09 4.68 42.69
N LEU B 56 40.65 4.65 41.45
CA LEU B 56 39.55 5.53 41.01
C LEU B 56 38.23 5.05 41.55
N GLU B 58 37.96 3.43 44.32
CA GLU B 58 38.02 3.75 45.74
C GLU B 58 37.80 5.25 46.02
N LYS B 59 38.31 6.11 45.14
CA LYS B 59 38.10 7.56 45.25
C LYS B 59 36.62 7.93 45.08
N ILE B 60 35.94 7.23 44.19
CA ILE B 60 34.51 7.44 43.97
C ILE B 60 33.74 7.00 45.22
N ALA B 61 34.13 5.87 45.78
CA ALA B 61 33.55 5.39 47.06
C ALA B 61 33.72 6.44 48.13
N ASP B 62 34.92 7.00 48.22
CA ASP B 62 35.21 8.00 49.22
C ASP B 62 34.35 9.25 49.08
N VAL B 63 34.08 9.71 47.85
CA VAL B 63 33.23 10.88 47.67
C VAL B 63 31.76 10.59 47.99
N ILE B 64 31.29 9.40 47.65
CA ILE B 64 29.94 8.97 48.07
C ILE B 64 29.86 9.02 49.62
N THR B 65 30.84 8.43 50.30
CA THR B 65 30.87 8.42 51.77
C THR B 65 30.92 9.84 52.35
N LYS B 66 31.72 10.71 51.77
CA LYS B 66 31.83 12.07 52.26
C LYS B 66 30.46 12.78 52.17
N LYS B 67 29.80 12.64 51.02
CA LYS B 67 28.47 13.21 50.86
C LYS B 67 27.45 12.57 51.80
N GLN B 68 27.46 11.24 51.87
CA GLN B 68 26.58 10.51 52.79
C GLN B 68 26.75 10.98 54.24
N GLN B 69 27.98 11.19 54.68
CA GLN B 69 28.23 11.62 56.05
C GLN B 69 27.68 13.02 56.33
N GLU B 70 27.74 13.90 55.34
CA GLU B 70 27.16 15.23 55.48
C GLU B 70 25.65 15.15 55.73
N ILE B 71 24.98 14.26 54.99
CA ILE B 71 23.56 13.98 55.17
C ILE B 71 23.30 13.35 56.54
N LEU B 72 24.14 12.37 56.92
CA LEU B 72 23.96 11.68 58.21
C LEU B 72 24.09 12.60 59.40
N VAL B 73 25.03 13.55 59.34
CA VAL B 73 25.17 14.51 60.44
C VAL B 73 23.85 15.23 60.73
N GLU B 74 23.15 15.63 59.68
CA GLU B 74 21.82 16.20 59.81
C GLU B 74 20.72 15.19 60.16
N ASP B 76 21.00 12.40 61.94
CA ASP B 76 21.16 12.06 63.35
C ASP B 76 20.46 13.05 64.31
N LYS B 77 20.36 14.31 63.91
CA LYS B 77 19.67 15.33 64.71
C LYS B 77 18.15 15.13 64.75
N VAL B 78 17.63 14.36 63.79
CA VAL B 78 16.20 14.18 63.60
C VAL B 78 15.80 12.78 64.05
N SER B 79 16.49 11.78 63.53
CA SER B 79 16.14 10.38 63.80
C SER B 79 17.35 9.48 63.61
N VAL B 80 17.97 9.07 64.71
CA VAL B 80 19.09 8.13 64.64
C VAL B 80 18.63 6.79 64.06
N ASP B 81 17.36 6.42 64.28
CA ASP B 81 16.77 5.23 63.66
C ASP B 81 16.92 5.29 62.14
N LYS B 82 16.37 6.33 61.54
CA LYS B 82 16.43 6.51 60.11
C LYS B 82 17.87 6.68 59.61
N ALA B 83 18.67 7.43 60.34
CA ALA B 83 20.09 7.63 59.99
C ALA B 83 20.83 6.29 59.96
N ASN B 84 20.58 5.44 60.97
CA ASN B 84 21.25 4.14 61.07
C ASN B 84 20.82 3.19 59.94
N ARG B 85 19.55 3.23 59.57
CA ARG B 85 19.09 2.44 58.42
C ARG B 85 19.76 2.89 57.14
N PHE B 86 20.02 4.20 57.02
CA PHE B 86 20.73 4.77 55.84
C PHE B 86 22.18 4.32 55.84
N ARG B 87 22.79 4.24 57.01
CA ARG B 87 24.17 3.75 57.15
C ARG B 87 24.26 2.31 56.63
N LYS B 88 23.32 1.48 57.03
CA LYS B 88 23.33 0.09 56.59
CA LYS B 88 23.29 0.08 56.60
C LYS B 88 23.05 0.00 55.09
N PHE B 89 22.12 0.82 54.59
CA PHE B 89 21.72 0.78 53.19
C PHE B 89 22.85 1.10 52.24
N VAL B 90 23.59 2.17 52.53
CA VAL B 90 24.71 2.54 51.65
C VAL B 90 25.78 1.45 51.62
N LYS B 91 26.07 0.85 52.76
CA LYS B 91 27.04 -0.25 52.82
C LYS B 91 26.63 -1.43 51.95
N ASN B 92 25.38 -1.85 52.06
CA ASN B 92 24.92 -3.08 51.43
C ASN B 92 24.44 -2.88 50.00
N PHE B 93 23.96 -1.67 49.69
CA PHE B 93 23.33 -1.39 48.40
C PHE B 93 23.99 -0.29 47.59
N THR B 94 25.17 0.16 48.00
CA THR B 94 25.92 1.09 47.15
C THR B 94 27.35 0.62 47.08
N LEU B 95 28.03 0.60 48.22
CA LEU B 95 29.49 0.42 48.21
C LEU B 95 29.94 -1.00 47.99
N PHE B 96 28.98 -1.92 47.95
CA PHE B 96 29.26 -3.29 47.54
C PHE B 96 29.91 -3.33 46.15
N TYR B 97 29.79 -2.26 45.35
CA TYR B 97 30.34 -2.30 43.98
C TYR B 97 31.85 -2.55 43.95
N LEU B 98 32.53 -2.21 45.05
CA LEU B 98 33.97 -2.46 45.17
C LEU B 98 34.33 -3.94 45.11
N LYS B 99 33.34 -4.79 45.29
CA LYS B 99 33.54 -6.23 45.21
C LYS B 99 33.71 -6.72 43.79
N ALA B 100 33.38 -5.87 42.82
CA ALA B 100 33.44 -6.27 41.42
C ALA B 100 34.75 -5.76 40.81
N PRO B 101 35.21 -6.43 39.75
CA PRO B 101 36.40 -5.97 39.07
C PRO B 101 36.22 -4.77 38.16
N VAL B 102 34.98 -4.46 37.79
CA VAL B 102 34.70 -3.37 36.85
C VAL B 102 33.57 -2.51 37.40
N LEU B 103 33.77 -1.20 37.37
CA LEU B 103 32.73 -0.23 37.61
C LEU B 103 32.40 0.49 36.30
N VAL B 104 31.14 0.53 35.91
CA VAL B 104 30.76 1.29 34.70
C VAL B 104 29.94 2.51 35.13
N LEU B 105 30.37 3.69 34.75
CA LEU B 105 29.58 4.86 35.02
C LEU B 105 28.77 5.15 33.76
N VAL B 106 27.45 5.13 33.88
CA VAL B 106 26.61 5.46 32.73
C VAL B 106 26.12 6.92 32.81
N PHE B 107 26.69 7.74 31.93
CA PHE B 107 26.34 9.14 31.79
C PHE B 107 25.19 9.24 30.78
N THR B 108 24.43 10.33 30.92
CA THR B 108 23.25 10.57 30.11
C THR B 108 23.06 12.08 29.98
N LYS B 109 22.04 12.47 29.23
CA LYS B 109 21.68 13.88 29.10
C LYS B 109 20.16 14.01 29.04
N VAL B 110 19.65 15.19 29.35
CA VAL B 110 18.22 15.43 29.31
C VAL B 110 17.71 15.31 27.88
N TYR B 111 16.57 14.64 27.70
CA TYR B 111 15.87 14.59 26.45
C TYR B 111 14.59 15.39 26.66
N ASN B 112 14.46 16.52 25.98
CA ASN B 112 13.21 17.24 25.96
C ASN B 112 12.27 16.56 24.96
N PRO B 113 11.18 15.93 25.45
CA PRO B 113 10.42 15.06 24.56
C PRO B 113 9.33 15.75 23.72
N SER B 114 8.61 14.96 22.91
CA SER B 114 7.57 15.54 22.06
C SER B 114 6.55 16.32 22.87
N GLY B 115 6.16 17.47 22.36
CA GLY B 115 5.31 18.40 23.08
C GLY B 115 6.08 19.50 23.75
N TYR B 116 7.32 19.25 24.15
CA TYR B 116 8.10 20.25 24.89
C TYR B 116 8.29 21.57 24.12
N TYR B 117 8.92 21.50 22.95
CA TYR B 117 9.18 22.75 22.21
C TYR B 117 7.91 23.35 21.63
N GLU B 118 6.94 22.50 21.31
CA GLU B 118 5.66 22.97 20.78
C GLU B 118 4.97 23.81 21.87
N LEU B 119 4.92 23.28 23.09
CA LEU B 119 4.27 23.98 24.21
C LEU B 119 5.05 25.21 24.62
N GLU B 120 6.38 25.12 24.59
CA GLU B 120 7.21 26.30 24.86
C GLU B 120 6.95 27.39 23.83
N LEU B 121 6.80 27.01 22.57
CA LEU B 121 6.57 27.98 21.48
C LEU B 121 5.35 28.85 21.77
N ILE B 122 4.33 28.27 22.38
CA ILE B 122 3.05 28.97 22.63
C ILE B 122 2.93 29.45 24.07
N ASP B 123 4.07 29.50 24.77
CA ASP B 123 4.14 29.99 26.14
C ASP B 123 3.19 29.24 27.09
N ALA B 124 3.07 27.91 26.90
CA ALA B 124 2.31 27.09 27.84
C ALA B 124 2.89 27.23 29.25
N PRO B 125 2.04 27.08 30.28
CA PRO B 125 2.52 27.08 31.66
C PRO B 125 3.57 25.99 31.88
N LYS B 126 4.57 26.32 32.67
CA LYS B 126 5.61 25.35 33.02
C LYS B 126 5.00 24.12 33.65
N GLU B 127 3.96 24.28 34.46
CA GLU B 127 3.25 23.17 35.12
C GLU B 127 2.75 22.13 34.10
N THR B 128 2.30 22.59 32.94
CA THR B 128 1.85 21.71 31.89
C THR B 128 3.03 20.98 31.22
N ILE B 129 4.09 21.71 30.98
CA ILE B 129 5.25 21.13 30.32
C ILE B 129 5.89 20.08 31.24
N ASP B 130 5.92 20.36 32.55
CA ASP B 130 6.53 19.47 33.53
C ASP B 130 5.91 18.08 33.49
N LYS B 131 4.62 18.00 33.14
CA LYS B 131 3.93 16.72 33.15
C LYS B 131 4.54 15.77 32.13
N LEU B 132 5.17 16.29 31.08
CA LEU B 132 5.85 15.41 30.10
C LEU B 132 6.98 14.60 30.76
N PHE B 133 7.58 15.16 31.79
CA PHE B 133 8.76 14.55 32.46
C PHE B 133 8.44 13.59 33.60
N ILE B 134 7.18 13.50 34.04
CA ILE B 134 6.86 12.52 35.09
C ILE B 134 7.05 11.09 34.55
N ARG B 135 7.10 10.94 33.22
CA ARG B 135 7.31 9.63 32.57
C ARG B 135 8.60 9.70 31.74
N ASN B 136 9.43 10.69 32.08
CA ASN B 136 10.77 10.94 31.50
C ASN B 136 11.20 9.97 30.40
N PRO B 137 10.77 10.28 29.15
CA PRO B 137 11.17 9.41 28.01
C PRO B 137 12.69 9.31 27.84
N GLY B 138 13.43 10.34 28.22
CA GLY B 138 14.90 10.27 28.16
C GLY B 138 15.47 9.17 29.05
N GLN B 140 13.58 6.52 30.14
CA GLN B 140 13.16 5.25 29.51
C GLN B 140 14.17 4.78 28.51
N SER B 141 14.66 5.71 27.68
CA SER B 141 15.65 5.41 26.67
C SER B 141 16.92 4.90 27.34
N LEU B 142 17.42 5.62 28.35
CA LEU B 142 18.62 5.15 29.03
C LEU B 142 18.40 3.73 29.56
N GLY B 143 17.23 3.47 30.16
CA GLY B 143 16.97 2.14 30.71
C GLY B 143 16.95 1.03 29.67
N ALA B 144 16.48 1.32 28.47
CA ALA B 144 16.53 0.35 27.34
C ALA B 144 18.00 0.00 27.04
N ALA B 145 18.87 1.02 27.04
CA ALA B 145 20.31 0.84 26.71
C ALA B 145 21.00 0.04 27.81
N ILE B 146 20.71 0.39 29.04
CA ILE B 146 21.34 -0.31 30.16
C ILE B 146 20.81 -1.75 30.27
N GLU B 147 19.54 -1.98 29.99
CA GLU B 147 19.01 -3.35 29.93
C GLU B 147 19.66 -4.20 28.83
N ASN B 148 19.91 -3.60 27.66
CA ASN B 148 20.63 -4.31 26.58
C ASN B 148 22.03 -4.72 27.06
N PHE B 149 22.69 -3.79 27.74
CA PHE B 149 24.01 -4.02 28.31
C PHE B 149 23.98 -5.19 29.30
N THR B 150 23.00 -5.12 30.20
CA THR B 150 22.77 -6.06 31.29
C THR B 150 22.55 -7.47 30.74
N LEU B 151 21.64 -7.61 29.79
CA LEU B 151 21.40 -8.93 29.22
C LEU B 151 22.63 -9.44 28.47
N SER B 152 23.35 -8.55 27.80
CA SER B 152 24.50 -9.00 27.05
C SER B 152 25.62 -9.48 27.99
N ALA B 153 25.76 -8.85 29.16
CA ALA B 153 26.70 -9.32 30.18
C ALA B 153 26.44 -10.80 30.51
N ILE B 154 25.17 -11.14 30.68
CA ILE B 154 24.79 -12.46 31.09
C ILE B 154 25.11 -13.46 29.98
N GLU B 155 24.81 -13.11 28.74
CA GLU B 155 25.09 -14.01 27.61
C GLU B 155 26.56 -14.34 27.56
N LEU B 156 27.40 -13.38 27.93
CA LEU B 156 28.84 -13.52 27.85
C LEU B 156 29.48 -14.17 29.08
N GLY B 157 28.66 -14.58 30.05
CA GLY B 157 29.18 -15.31 31.22
C GLY B 157 29.44 -14.44 32.45
N TYR B 158 28.90 -13.25 32.43
CA TYR B 158 29.08 -12.29 33.53
C TYR B 158 27.73 -11.95 34.14
N GLY B 159 27.68 -10.93 34.97
CA GLY B 159 26.44 -10.45 35.55
C GLY B 159 26.77 -9.12 36.17
N SER B 160 25.75 -8.44 36.67
CA SER B 160 25.92 -7.06 37.08
C SER B 160 24.85 -6.65 38.02
N CYS B 161 25.07 -5.51 38.68
CA CYS B 161 24.03 -4.81 39.41
C CYS B 161 23.95 -3.38 38.85
N TRP B 162 22.72 -2.94 38.63
CA TRP B 162 22.41 -1.56 38.21
C TRP B 162 22.34 -0.73 39.49
N LEU B 163 22.87 0.49 39.49
CA LEU B 163 22.85 1.35 40.67
C LEU B 163 22.48 2.76 40.36
N THR B 164 21.46 3.27 41.07
CA THR B 164 21.21 4.71 41.11
C THR B 164 21.27 5.27 42.53
N SER B 165 21.54 4.42 43.53
CA SER B 165 21.53 4.86 44.93
C SER B 165 22.63 5.87 45.28
N GLN B 166 23.67 5.92 44.47
CA GLN B 166 24.73 6.94 44.66
C GLN B 166 24.37 8.38 44.26
N ASN B 167 23.22 8.58 43.62
CA ASN B 167 23.06 9.81 42.84
C ASN B 167 22.82 11.07 43.67
N TYR B 168 22.57 10.97 44.97
CA TYR B 168 22.67 12.18 45.82
C TYR B 168 24.09 12.72 45.82
N ALA B 169 25.07 11.91 45.39
CA ALA B 169 26.48 12.37 45.28
C ALA B 169 26.98 12.44 43.85
N ALA B 170 26.06 12.48 42.88
CA ALA B 170 26.44 12.45 41.46
C ALA B 170 27.39 13.59 41.04
N ASP B 171 27.17 14.79 41.53
CA ASP B 171 27.98 15.93 41.11
C ASP B 171 29.41 15.68 41.55
N GLU B 172 29.53 15.17 42.77
CA GLU B 172 30.82 14.89 43.40
C GLU B 172 31.56 13.76 42.72
N ILE B 173 30.81 12.74 42.30
CA ILE B 173 31.36 11.65 41.50
C ILE B 173 31.90 12.17 40.15
N GLU B 174 31.10 12.99 39.46
CA GLU B 174 31.54 13.59 38.19
C GLU B 174 32.81 14.41 38.38
N ALA B 175 32.86 15.17 39.46
CA ALA B 175 34.03 16.01 39.78
C ALA B 175 35.29 15.17 39.99
N VAL B 176 35.21 14.07 40.73
CA VAL B 176 36.40 13.28 40.97
CA VAL B 176 36.36 13.20 40.98
C VAL B 176 36.84 12.56 39.68
N LEU B 177 35.89 12.03 38.90
CA LEU B 177 36.21 11.45 37.62
C LEU B 177 37.01 12.41 36.76
N GLU B 178 36.52 13.64 36.67
CA GLU B 178 37.18 14.66 35.88
C GLU B 178 38.61 14.99 36.38
N ALA B 179 38.78 15.13 37.69
CA ALA B 179 40.10 15.41 38.25
C ALA B 179 41.08 14.25 38.00
N GLU B 180 40.59 13.03 38.09
CA GLU B 180 41.45 11.86 38.04
C GLU B 180 41.79 11.42 36.60
N THR B 181 40.93 11.79 35.64
CA THR B 181 41.06 11.27 34.30
C THR B 181 41.03 12.31 33.17
N GLY B 182 40.62 13.53 33.46
CA GLY B 182 40.35 14.52 32.42
C GLY B 182 39.14 14.23 31.54
N PHE B 183 38.31 13.26 31.91
CA PHE B 183 37.10 13.01 31.15
C PHE B 183 36.27 14.29 31.15
N GLU B 184 35.75 14.67 29.97
CA GLU B 184 34.89 15.84 29.83
C GLU B 184 33.44 15.42 29.53
N LYS B 185 32.59 15.57 30.53
CA LYS B 185 31.19 15.16 30.43
C LYS B 185 30.35 16.06 29.50
N GLY B 186 30.75 17.30 29.28
CA GLY B 186 29.96 18.19 28.43
C GLY B 186 28.63 18.49 29.09
N GLU B 187 27.54 18.26 28.36
CA GLU B 187 26.18 18.43 28.87
C GLU B 187 25.64 17.20 29.62
N TYR B 188 26.46 16.14 29.65
CA TYR B 188 26.05 14.90 30.23
C TYR B 188 26.25 14.91 31.75
N PHE B 189 25.51 14.05 32.44
CA PHE B 189 25.64 13.87 33.89
C PHE B 189 25.49 12.37 34.21
N LEU B 190 25.90 11.96 35.39
CA LEU B 190 25.78 10.58 35.79
C LEU B 190 24.30 10.18 35.90
N GLY B 191 23.92 9.10 35.22
CA GLY B 191 22.58 8.51 35.29
C GLY B 191 22.51 7.31 36.22
N ALA B 192 23.51 6.44 36.13
CA ALA B 192 23.50 5.13 36.79
C ALA B 192 24.94 4.62 36.83
N LEU B 194 27.14 0.62 36.98
CA LEU B 194 26.98 -0.83 36.93
C LEU B 194 28.18 -1.48 37.56
N ALA B 195 27.92 -2.38 38.52
CA ALA B 195 28.92 -3.26 39.12
C ALA B 195 28.96 -4.52 38.26
N LEU B 196 30.12 -4.82 37.68
CA LEU B 196 30.21 -5.86 36.64
C LEU B 196 31.34 -6.83 36.88
N GLY B 197 31.00 -8.11 36.82
CA GLY B 197 31.98 -9.19 36.97
C GLY B 197 31.40 -10.57 36.77
N VAL B 198 32.15 -11.58 37.19
CA VAL B 198 31.67 -12.97 37.16
C VAL B 198 30.92 -13.18 38.46
N PRO B 199 29.62 -13.49 38.39
CA PRO B 199 28.87 -13.61 39.64
C PRO B 199 29.23 -14.83 40.45
N GLU B 200 29.11 -14.72 41.76
CA GLU B 200 29.13 -15.90 42.61
C GLU B 200 27.87 -16.67 42.30
N ASP B 201 27.82 -17.92 42.73
CA ASP B 201 26.63 -18.77 42.56
C ASP B 201 25.63 -18.51 43.68
N ASN B 202 24.39 -18.91 43.46
CA ASN B 202 23.38 -19.04 44.51
C ASN B 202 23.05 -17.70 45.14
N LEU B 203 22.84 -16.72 44.26
CA LEU B 203 22.49 -15.38 44.66
C LEU B 203 20.96 -15.30 44.77
N LYS B 204 20.50 -14.37 45.58
CA LYS B 204 19.10 -14.25 45.87
C LYS B 204 18.50 -12.95 45.34
N SER B 205 17.23 -13.07 44.95
CA SER B 205 16.43 -11.97 44.48
C SER B 205 15.05 -12.02 45.19
N PRO B 206 14.43 -10.86 45.42
CA PRO B 206 13.09 -10.85 45.96
C PRO B 206 12.06 -11.39 44.97
N SER B 207 10.92 -11.85 45.46
CA SER B 207 9.88 -12.38 44.60
C SER B 207 9.30 -11.28 43.76
N LYS B 208 8.79 -11.67 42.61
CA LYS B 208 8.17 -10.72 41.69
C LYS B 208 6.67 -10.94 41.63
N LYS B 209 6.00 -9.93 41.12
CA LYS B 209 4.55 -9.95 40.93
C LYS B 209 4.19 -11.01 39.91
N PRO B 210 3.08 -11.72 40.13
CA PRO B 210 2.63 -12.65 39.12
C PRO B 210 2.29 -11.89 37.86
N VAL B 211 2.50 -12.55 36.74
CA VAL B 211 2.32 -11.86 35.47
CA VAL B 211 2.29 -11.90 35.44
C VAL B 211 0.88 -11.32 35.35
N GLU B 212 -0.08 -12.06 35.89
CA GLU B 212 -1.46 -11.65 35.81
C GLU B 212 -1.72 -10.37 36.59
N GLU B 213 -0.88 -10.05 37.58
CA GLU B 213 -1.07 -8.81 38.34
C GLU B 213 -0.68 -7.55 37.56
N ILE B 214 0.28 -7.70 36.66
CA ILE B 214 0.86 -6.54 35.98
C ILE B 214 0.27 -6.32 34.59
N CYS B 215 -0.90 -6.88 34.32
CA CYS B 215 -1.54 -6.64 33.06
C CYS B 215 -3.05 -6.76 33.10
N THR B 216 -3.66 -6.12 32.12
CA THR B 216 -5.10 -6.22 31.91
C THR B 216 -5.35 -6.35 30.41
N PHE B 217 -6.01 -7.43 29.99
CA PHE B 217 -6.40 -7.59 28.60
C PHE B 217 -7.83 -7.05 28.40
N ILE B 218 -7.97 -5.96 27.68
CA ILE B 218 -9.30 -5.38 27.43
C ILE B 218 -10.07 -6.31 26.51
N LYS B 219 -11.31 -6.63 26.90
CA LYS B 219 -12.14 -7.54 26.13
C LYS B 219 -13.15 -6.72 25.35
N GLY C 1 -30.43 -2.94 -24.36
CA GLY C 1 -29.65 -2.01 -23.52
C GLY C 1 -28.58 -1.37 -24.37
N GLU C 3 -24.60 0.37 -23.97
CA GLU C 3 -23.39 0.46 -23.14
C GLU C 3 -23.17 1.92 -22.73
N LEU C 4 -22.56 2.15 -21.57
CA LEU C 4 -22.45 3.49 -20.98
C LEU C 4 -21.77 4.49 -21.89
N GLN C 5 -20.55 4.20 -22.31
CA GLN C 5 -19.82 5.16 -23.14
C GLN C 5 -20.57 5.48 -24.44
N ASP C 6 -21.16 4.47 -25.07
CA ASP C 6 -21.97 4.73 -26.27
C ASP C 6 -23.03 5.79 -26.00
N THR C 7 -23.73 5.66 -24.89
CA THR C 7 -24.77 6.65 -24.53
CA THR C 7 -24.76 6.63 -24.53
C THR C 7 -24.17 8.03 -24.31
N ILE C 8 -23.07 8.07 -23.56
CA ILE C 8 -22.40 9.32 -23.20
C ILE C 8 -22.01 10.09 -24.46
N PHE C 9 -21.44 9.39 -25.43
CA PHE C 9 -20.93 10.07 -26.64
C PHE C 9 -22.00 10.21 -27.72
N LYS C 10 -23.13 9.54 -27.57
CA LYS C 10 -24.28 9.76 -28.46
C LYS C 10 -25.04 11.03 -28.06
N ARG C 11 -24.97 11.38 -26.79
CA ARG C 11 -25.73 12.51 -26.26
C ARG C 11 -25.42 13.80 -26.97
N GLN C 12 -26.45 14.46 -27.47
CA GLN C 12 -26.39 15.82 -27.92
C GLN C 12 -27.58 16.62 -27.36
N SER C 13 -27.53 17.94 -27.49
CA SER C 13 -28.71 18.76 -27.25
C SER C 13 -29.65 18.72 -28.44
N VAL C 14 -30.76 18.02 -28.27
CA VAL C 14 -31.71 17.80 -29.34
C VAL C 14 -32.74 18.93 -29.40
N ARG C 15 -32.79 19.61 -30.54
CA ARG C 15 -33.69 20.76 -30.71
C ARG C 15 -34.66 20.59 -31.89
N LYS C 16 -34.64 19.41 -32.50
CA LYS C 16 -35.57 19.05 -33.55
C LYS C 16 -35.92 17.60 -33.32
N PHE C 17 -37.21 17.30 -33.48
CA PHE C 17 -37.77 16.03 -33.09
C PHE C 17 -38.67 15.46 -34.16
N LYS C 18 -38.70 14.13 -34.21
CA LYS C 18 -39.59 13.45 -35.13
C LYS C 18 -41.00 13.42 -34.54
N ASN C 19 -41.96 13.01 -35.36
CA ASN C 19 -43.34 12.98 -34.93
C ASN C 19 -43.64 11.58 -34.37
N GLN C 20 -43.15 11.33 -33.15
CA GLN C 20 -43.38 10.06 -32.45
C GLN C 20 -43.55 10.36 -30.96
N ASP C 21 -44.40 9.61 -30.28
CA ASP C 21 -44.64 9.86 -28.86
C ASP C 21 -43.58 9.13 -28.02
N VAL C 22 -43.54 9.51 -26.75
CA VAL C 22 -42.70 8.90 -25.73
C VAL C 22 -43.63 8.28 -24.70
N SER C 23 -43.50 6.96 -24.46
CA SER C 23 -44.40 6.28 -23.51
C SER C 23 -44.13 6.72 -22.09
N ASP C 24 -45.21 6.83 -21.32
CA ASP C 24 -45.11 7.14 -19.91
C ASP C 24 -44.20 6.16 -19.19
N GLU C 25 -44.28 4.90 -19.58
CA GLU C 25 -43.47 3.86 -18.96
CA GLU C 25 -43.47 3.87 -18.94
C GLU C 25 -41.99 4.08 -19.22
N ASP C 26 -41.64 4.50 -20.42
CA ASP C 26 -40.25 4.84 -20.69
C ASP C 26 -39.81 6.04 -19.84
N ILE C 27 -40.66 7.05 -19.73
CA ILE C 27 -40.33 8.25 -18.93
C ILE C 27 -40.14 7.85 -17.48
N LEU C 28 -41.01 7.01 -16.92
CA LEU C 28 -40.79 6.49 -15.56
CA LEU C 28 -40.81 6.50 -15.57
C LEU C 28 -39.43 5.82 -15.41
N LYS C 29 -38.95 5.14 -16.44
CA LYS C 29 -37.61 4.53 -16.35
C LYS C 29 -36.50 5.57 -16.22
N ILE C 31 -36.91 8.53 -14.96
CA ILE C 31 -37.06 9.18 -13.65
C ILE C 31 -36.47 8.31 -12.54
N LYS C 32 -36.67 6.99 -12.63
CA LYS C 32 -36.11 6.07 -11.65
CA LYS C 32 -36.11 6.07 -11.66
C LYS C 32 -34.59 6.19 -11.69
N ALA C 33 -34.05 6.29 -12.90
CA ALA C 33 -32.61 6.48 -13.10
C ALA C 33 -32.14 7.78 -12.48
N ALA C 34 -32.83 8.87 -12.77
CA ALA C 34 -32.58 10.17 -12.14
C ALA C 34 -32.55 10.07 -10.63
N GLY C 35 -33.50 9.32 -10.08
CA GLY C 35 -33.66 9.26 -8.63
C GLY C 35 -32.56 8.48 -7.95
N ALA C 36 -31.75 7.78 -8.74
CA ALA C 36 -30.60 7.02 -8.24
C ALA C 36 -29.33 7.85 -8.19
N ALA C 37 -29.38 9.10 -8.66
CA ALA C 37 -28.23 9.97 -8.65
C ALA C 37 -27.77 10.25 -7.22
N PRO C 38 -26.47 10.59 -7.05
CA PRO C 38 -26.04 10.94 -5.72
C PRO C 38 -26.52 12.36 -5.43
N SER C 39 -26.60 12.71 -4.17
CA SER C 39 -26.97 14.04 -3.76
C SER C 39 -26.48 14.35 -2.36
N GLY C 40 -26.20 15.62 -2.14
CA GLY C 40 -25.68 16.07 -0.86
C GLY C 40 -26.58 15.65 0.28
N LYS C 41 -25.99 14.96 1.24
CA LYS C 41 -26.71 14.43 2.40
C LYS C 41 -27.99 13.68 2.01
N ASN C 42 -27.95 13.06 0.83
CA ASN C 42 -29.08 12.30 0.30
C ASN C 42 -30.36 13.13 0.20
N ILE C 43 -30.22 14.43 -0.03
CA ILE C 43 -31.39 15.31 -0.10
C ILE C 43 -32.34 14.97 -1.25
N GLN C 44 -31.81 14.40 -2.33
CA GLN C 44 -32.64 14.05 -3.49
C GLN C 44 -33.56 15.18 -3.89
N ASN C 45 -32.95 16.34 -4.14
CA ASN C 45 -33.66 17.62 -4.34
C ASN C 45 -34.17 17.73 -5.78
N TRP C 46 -35.12 16.86 -6.11
CA TRP C 46 -35.65 16.79 -7.46
C TRP C 46 -37.08 16.28 -7.51
N HIS C 47 -37.85 16.84 -8.44
CA HIS C 47 -39.20 16.38 -8.73
C HIS C 47 -39.53 16.67 -10.21
N PHE C 48 -39.82 15.63 -10.96
CA PHE C 48 -40.03 15.75 -12.38
C PHE C 48 -41.51 15.85 -12.71
N VAL C 49 -41.94 16.97 -13.30
CA VAL C 49 -43.33 17.16 -13.73
C VAL C 49 -43.35 16.93 -15.23
N VAL C 50 -43.94 15.80 -15.64
CA VAL C 50 -44.03 15.37 -17.05
C VAL C 50 -45.33 15.88 -17.67
N ILE C 51 -45.19 16.67 -18.74
CA ILE C 51 -46.30 17.31 -19.40
C ILE C 51 -46.36 16.89 -20.88
N LYS C 52 -47.52 16.38 -21.30
CA LYS C 52 -47.80 16.12 -22.73
C LYS C 52 -48.95 16.99 -23.28
N ARG C 53 -49.68 17.65 -22.40
CA ARG C 53 -50.83 18.46 -22.76
C ARG C 53 -50.40 19.70 -23.52
N ARG C 54 -50.79 19.83 -24.78
CA ARG C 54 -50.29 20.95 -25.61
C ARG C 54 -50.75 22.29 -25.04
N ASP C 55 -51.96 22.34 -24.49
CA ASP C 55 -52.46 23.63 -24.04
C ASP C 55 -51.63 24.14 -22.88
N LEU C 56 -51.12 23.24 -22.02
CA LEU C 56 -50.29 23.71 -20.92
C LEU C 56 -48.87 24.10 -21.39
N GLU C 58 -48.28 25.39 -24.23
CA GLU C 58 -48.48 26.66 -24.90
C GLU C 58 -48.71 27.78 -23.88
N LYS C 59 -49.39 27.51 -22.77
CA LYS C 59 -49.55 28.54 -21.72
C LYS C 59 -48.23 28.87 -21.01
N ILE C 60 -47.38 27.86 -20.84
CA ILE C 60 -46.02 28.05 -20.34
C ILE C 60 -45.22 28.96 -21.29
N ALA C 61 -45.35 28.67 -22.59
CA ALA C 61 -44.65 29.46 -23.61
C ALA C 61 -45.12 30.92 -23.48
N ASP C 62 -46.42 31.11 -23.26
CA ASP C 62 -47.01 32.45 -23.09
C ASP C 62 -46.45 33.19 -21.88
N VAL C 63 -46.24 32.49 -20.74
CA VAL C 63 -45.76 33.20 -19.56
C VAL C 63 -44.30 33.55 -19.79
N ILE C 64 -43.56 32.71 -20.50
CA ILE C 64 -42.16 33.00 -20.79
C ILE C 64 -42.04 34.26 -21.69
N THR C 65 -42.86 34.32 -22.74
CA THR C 65 -42.79 35.42 -23.72
C THR C 65 -43.35 36.70 -23.07
N LYS C 66 -44.34 36.56 -22.19
CA LYS C 66 -44.89 37.69 -21.44
CA LYS C 66 -44.87 37.70 -21.46
C LYS C 66 -43.82 38.35 -20.58
N LYS C 67 -43.11 37.53 -19.80
CA LYS C 67 -42.04 38.01 -18.96
C LYS C 67 -40.93 38.60 -19.84
N GLN C 68 -40.56 37.90 -20.91
CA GLN C 68 -39.54 38.42 -21.82
C GLN C 68 -39.88 39.84 -22.31
N GLN C 69 -41.13 40.06 -22.69
CA GLN C 69 -41.49 41.32 -23.29
C GLN C 69 -41.44 42.44 -22.25
N GLU C 70 -41.76 42.12 -21.01
CA GLU C 70 -41.65 43.10 -19.91
C GLU C 70 -40.17 43.51 -19.72
N ILE C 71 -39.27 42.54 -19.84
CA ILE C 71 -37.82 42.82 -19.80
C ILE C 71 -37.37 43.64 -21.02
N LEU C 72 -37.85 43.25 -22.20
CA LEU C 72 -37.53 43.95 -23.47
C LEU C 72 -37.92 45.41 -23.46
N VAL C 73 -39.05 45.73 -22.83
CA VAL C 73 -39.46 47.11 -22.74
C VAL C 73 -38.44 47.93 -21.94
N GLU C 74 -37.90 47.34 -20.90
CA GLU C 74 -36.91 48.06 -20.12
C GLU C 74 -35.56 48.08 -20.85
N ASP C 76 -35.04 48.26 -24.04
CA ASP C 76 -35.17 49.24 -25.12
C ASP C 76 -34.83 50.63 -24.64
N LYS C 77 -34.99 50.89 -23.34
CA LYS C 77 -34.65 52.20 -22.77
C LYS C 77 -33.14 52.42 -22.67
N VAL C 78 -32.37 51.34 -22.73
CA VAL C 78 -30.91 51.40 -22.59
C VAL C 78 -30.25 51.05 -23.93
N SER C 79 -30.68 49.93 -24.52
CA SER C 79 -30.10 49.44 -25.77
C SER C 79 -31.11 48.64 -26.57
N VAL C 80 -31.67 49.28 -27.60
CA VAL C 80 -32.56 48.56 -28.50
C VAL C 80 -31.82 47.38 -29.15
N ASP C 81 -30.54 47.56 -29.46
CA ASP C 81 -29.78 46.45 -30.10
C ASP C 81 -29.64 45.23 -29.19
N LYS C 82 -29.31 45.46 -27.92
CA LYS C 82 -29.28 44.35 -26.97
C LYS C 82 -30.68 43.70 -26.79
N ALA C 83 -31.74 44.51 -26.72
CA ALA C 83 -33.12 43.99 -26.73
C ALA C 83 -33.36 43.07 -27.93
N ASN C 84 -32.98 43.52 -29.12
CA ASN C 84 -33.20 42.73 -30.32
C ASN C 84 -32.52 41.37 -30.32
N ARG C 85 -31.32 41.30 -29.73
CA ARG C 85 -30.58 40.05 -29.64
C ARG C 85 -31.29 39.11 -28.67
N PHE C 86 -31.84 39.65 -27.60
CA PHE C 86 -32.56 38.81 -26.60
C PHE C 86 -33.86 38.26 -27.20
N ARG C 87 -34.52 39.04 -28.02
CA ARG C 87 -35.74 38.59 -28.68
C ARG C 87 -35.44 37.37 -29.53
N LYS C 88 -34.31 37.36 -30.25
CA LYS C 88 -33.96 36.24 -31.14
C LYS C 88 -33.51 35.01 -30.36
N PHE C 89 -32.74 35.27 -29.31
CA PHE C 89 -32.21 34.23 -28.45
C PHE C 89 -33.30 33.32 -27.85
N VAL C 90 -34.36 33.93 -27.34
CA VAL C 90 -35.43 33.17 -26.66
C VAL C 90 -36.17 32.29 -27.66
N LYS C 91 -36.38 32.79 -28.87
CA LYS C 91 -37.03 31.99 -29.89
C LYS C 91 -36.20 30.75 -30.21
N ASN C 92 -34.91 30.95 -30.40
CA ASN C 92 -34.07 29.87 -30.90
C ASN C 92 -33.62 28.91 -29.81
N PHE C 93 -33.42 29.43 -28.62
CA PHE C 93 -32.86 28.62 -27.52
C PHE C 93 -33.79 28.37 -26.33
N THR C 94 -35.06 28.75 -26.45
CA THR C 94 -36.03 28.41 -25.45
C THR C 94 -37.31 27.85 -26.09
N LEU C 95 -37.95 28.60 -26.97
CA LEU C 95 -39.30 28.21 -27.43
C LEU C 95 -39.33 27.01 -28.38
N PHE C 96 -38.15 26.54 -28.80
CA PHE C 96 -38.07 25.33 -29.63
C PHE C 96 -38.60 24.07 -28.91
N TYR C 97 -38.70 24.11 -27.58
CA TYR C 97 -39.25 22.97 -26.83
C TYR C 97 -40.64 22.54 -27.34
N LEU C 98 -41.42 23.49 -27.85
CA LEU C 98 -42.73 23.21 -28.39
C LEU C 98 -42.66 22.22 -29.55
N LYS C 99 -41.48 22.02 -30.12
CA LYS C 99 -41.32 21.03 -31.19
C LYS C 99 -41.29 19.59 -30.70
N ALA C 100 -41.15 19.40 -29.38
CA ALA C 100 -41.08 18.07 -28.78
C ALA C 100 -42.50 17.63 -28.33
N PRO C 101 -42.73 16.33 -28.26
CA PRO C 101 -44.00 15.81 -27.73
C PRO C 101 -44.13 15.90 -26.20
N VAL C 102 -43.02 16.05 -25.48
CA VAL C 102 -43.02 16.06 -24.00
C VAL C 102 -42.15 17.20 -23.50
N LEU C 103 -42.70 17.92 -22.52
CA LEU C 103 -41.97 18.91 -21.74
C LEU C 103 -41.90 18.36 -20.32
N VAL C 104 -40.69 18.30 -19.74
CA VAL C 104 -40.52 17.86 -18.33
C VAL C 104 -40.05 19.11 -17.56
N LEU C 105 -40.83 19.55 -16.58
CA LEU C 105 -40.40 20.62 -15.72
C LEU C 105 -39.64 19.95 -14.56
N VAL C 106 -38.37 20.29 -14.34
CA VAL C 106 -37.61 19.67 -13.25
C VAL C 106 -37.55 20.66 -12.10
N PHE C 107 -38.32 20.35 -11.04
CA PHE C 107 -38.30 21.12 -9.81
C PHE C 107 -37.17 20.68 -8.90
N THR C 108 -36.71 21.60 -8.06
CA THR C 108 -35.63 21.30 -7.13
C THR C 108 -35.86 22.09 -5.86
N LYS C 109 -34.96 21.97 -4.91
CA LYS C 109 -34.99 22.80 -3.72
C LYS C 109 -33.58 23.14 -3.27
N VAL C 110 -33.47 24.10 -2.37
CA VAL C 110 -32.18 24.55 -1.89
C VAL C 110 -31.57 23.51 -0.97
N TYR C 111 -30.25 23.30 -1.11
CA TYR C 111 -29.48 22.48 -0.19
C TYR C 111 -28.46 23.39 0.49
N ASN C 112 -28.54 23.47 1.81
CA ASN C 112 -27.57 24.20 2.58
C ASN C 112 -26.41 23.28 2.89
N PRO C 113 -25.25 23.56 2.28
CA PRO C 113 -24.14 22.63 2.35
C PRO C 113 -23.32 22.69 3.62
N SER C 114 -22.42 21.71 3.77
CA SER C 114 -21.53 21.68 4.90
CA SER C 114 -21.48 21.68 4.90
C SER C 114 -20.83 23.03 5.06
N GLY C 115 -20.82 23.53 6.27
CA GLY C 115 -20.27 24.83 6.53
C GLY C 115 -21.34 25.87 6.77
N TYR C 116 -22.52 25.68 6.21
CA TYR C 116 -23.52 26.73 6.24
C TYR C 116 -23.99 26.98 7.66
N TYR C 117 -24.45 25.92 8.33
CA TYR C 117 -25.03 26.09 9.67
C TYR C 117 -23.97 26.40 10.70
N GLU C 118 -22.78 25.88 10.46
CA GLU C 118 -21.66 26.14 11.31
C GLU C 118 -21.25 27.61 11.25
N LEU C 119 -21.15 28.16 10.04
CA LEU C 119 -20.80 29.59 9.89
C LEU C 119 -21.93 30.52 10.33
N GLU C 120 -23.18 30.13 10.14
CA GLU C 120 -24.31 30.90 10.67
C GLU C 120 -24.22 30.96 12.18
N LEU C 121 -23.83 29.86 12.82
CA LEU C 121 -23.82 29.77 14.28
C LEU C 121 -22.89 30.81 14.90
N ILE C 122 -21.78 31.09 14.24
CA ILE C 122 -20.77 32.03 14.74
C ILE C 122 -20.90 33.40 14.07
N ASP C 123 -22.04 33.64 13.43
CA ASP C 123 -22.34 34.92 12.80
C ASP C 123 -21.25 35.38 11.84
N ALA C 124 -20.76 34.45 11.03
CA ALA C 124 -19.78 34.78 10.03
C ALA C 124 -20.39 35.79 9.07
N PRO C 125 -19.55 36.60 8.42
CA PRO C 125 -20.06 37.57 7.44
C PRO C 125 -20.79 36.87 6.28
N LYS C 126 -21.85 37.50 5.76
CA LYS C 126 -22.61 36.93 4.65
C LYS C 126 -21.71 36.60 3.48
N GLU C 127 -20.78 37.50 3.19
CA GLU C 127 -19.83 37.33 2.10
C GLU C 127 -19.08 36.00 2.22
N THR C 128 -18.77 35.60 3.45
CA THR C 128 -18.09 34.32 3.70
C THR C 128 -19.02 33.11 3.47
N ILE C 129 -20.26 33.19 3.96
CA ILE C 129 -21.20 32.08 3.76
C ILE C 129 -21.56 31.97 2.29
N ASP C 130 -21.70 33.11 1.63
CA ASP C 130 -21.97 33.11 0.18
C ASP C 130 -21.01 32.25 -0.65
N LYS C 131 -19.75 32.16 -0.24
CA LYS C 131 -18.75 31.41 -0.98
C LYS C 131 -19.09 29.94 -1.06
N LEU C 132 -19.79 29.40 -0.08
CA LEU C 132 -20.28 28.01 -0.18
C LEU C 132 -21.20 27.77 -1.41
N PHE C 133 -21.94 28.82 -1.80
CA PHE C 133 -22.96 28.70 -2.83
C PHE C 133 -22.46 29.00 -4.24
N ILE C 134 -21.25 29.56 -4.38
CA ILE C 134 -20.70 29.74 -5.71
C ILE C 134 -20.43 28.38 -6.39
N ARG C 135 -20.31 27.32 -5.61
CA ARG C 135 -20.20 25.98 -6.19
C ARG C 135 -21.40 25.14 -5.83
N ASN C 136 -22.50 25.83 -5.49
CA ASN C 136 -23.80 25.23 -5.22
C ASN C 136 -23.90 23.70 -5.32
N PRO C 137 -23.60 23.00 -4.21
CA PRO C 137 -23.74 21.57 -4.16
C PRO C 137 -25.13 21.03 -4.44
N GLY C 138 -26.16 21.77 -4.07
CA GLY C 138 -27.53 21.36 -4.41
C GLY C 138 -27.77 21.28 -5.91
N GLN C 140 -25.35 20.96 -8.18
CA GLN C 140 -24.55 19.81 -8.62
C GLN C 140 -25.34 18.53 -8.55
N SER C 141 -25.99 18.32 -7.40
CA SER C 141 -26.84 17.18 -7.17
C SER C 141 -27.95 17.11 -8.22
N LEU C 142 -28.60 18.24 -8.48
CA LEU C 142 -29.67 18.29 -9.53
C LEU C 142 -29.12 17.86 -10.89
N GLY C 143 -27.93 18.37 -11.20
CA GLY C 143 -27.26 18.07 -12.44
C GLY C 143 -27.00 16.58 -12.60
N ALA C 144 -26.59 15.95 -11.52
CA ALA C 144 -26.35 14.50 -11.56
C ALA C 144 -27.63 13.73 -11.90
N ALA C 145 -28.76 14.14 -11.30
CA ALA C 145 -30.06 13.50 -11.56
C ALA C 145 -30.50 13.72 -13.01
N ILE C 146 -30.42 14.95 -13.46
CA ILE C 146 -30.87 15.26 -14.85
C ILE C 146 -29.95 14.54 -15.89
N GLU C 147 -28.66 14.39 -15.59
CA GLU C 147 -27.77 13.66 -16.47
C GLU C 147 -28.14 12.18 -16.51
N ASN C 148 -28.46 11.59 -15.36
CA ASN C 148 -28.92 10.20 -15.38
C ASN C 148 -30.18 10.05 -16.26
N PHE C 149 -31.08 11.00 -16.13
CA PHE C 149 -32.32 11.02 -16.93
C PHE C 149 -31.98 11.12 -18.42
N THR C 150 -31.08 12.05 -18.73
CA THR C 150 -30.62 12.34 -20.11
C THR C 150 -30.05 11.10 -20.79
N LEU C 151 -29.13 10.45 -20.09
CA LEU C 151 -28.49 9.25 -20.66
C LEU C 151 -29.53 8.14 -20.82
N SER C 152 -30.42 7.99 -19.85
CA SER C 152 -31.47 6.98 -19.96
C SER C 152 -32.40 7.20 -21.18
N ALA C 153 -32.75 8.46 -21.44
CA ALA C 153 -33.54 8.79 -22.64
C ALA C 153 -32.91 8.20 -23.88
N ILE C 154 -31.59 8.35 -24.01
CA ILE C 154 -30.84 7.93 -25.18
C ILE C 154 -30.85 6.43 -25.29
N GLU C 155 -30.63 5.77 -24.16
CA GLU C 155 -30.69 4.31 -24.14
C GLU C 155 -32.03 3.80 -24.66
N LEU C 156 -33.10 4.50 -24.29
CA LEU C 156 -34.44 4.08 -24.65
C LEU C 156 -34.87 4.54 -26.06
N GLY C 157 -33.97 5.17 -26.81
CA GLY C 157 -34.29 5.54 -28.19
C GLY C 157 -34.76 6.96 -28.38
N TYR C 158 -34.60 7.79 -27.35
CA TYR C 158 -35.03 9.17 -27.44
C TYR C 158 -33.82 10.07 -27.29
N GLY C 159 -34.10 11.37 -27.18
CA GLY C 159 -33.08 12.37 -26.86
C GLY C 159 -33.76 13.59 -26.31
N SER C 160 -32.97 14.57 -25.89
CA SER C 160 -33.49 15.71 -25.16
C SER C 160 -32.56 16.88 -25.27
N CYS C 161 -33.12 18.05 -24.93
CA CYS C 161 -32.34 19.22 -24.61
C CYS C 161 -32.67 19.65 -23.20
N TRP C 162 -31.63 20.01 -22.48
CA TRP C 162 -31.69 20.58 -21.13
C TRP C 162 -31.81 22.10 -21.26
N LEU C 163 -32.74 22.71 -20.51
CA LEU C 163 -32.98 24.14 -20.60
C LEU C 163 -32.97 24.81 -19.24
N THR C 164 -32.26 25.93 -19.17
CA THR C 164 -32.38 26.85 -18.04
C THR C 164 -32.59 28.26 -18.53
N SER C 165 -32.61 28.47 -19.86
CA SER C 165 -32.76 29.81 -20.37
C SER C 165 -34.11 30.47 -20.00
N GLN C 166 -35.12 29.67 -19.67
CA GLN C 166 -36.41 30.19 -19.28
C GLN C 166 -36.44 30.77 -17.85
N ASN C 167 -35.36 30.60 -17.10
CA ASN C 167 -35.47 30.79 -15.66
C ASN C 167 -35.66 32.22 -15.18
N TYR C 168 -35.49 33.21 -16.05
CA TYR C 168 -35.87 34.59 -15.64
C TYR C 168 -37.40 34.69 -15.48
N ALA C 169 -38.11 33.65 -15.92
CA ALA C 169 -39.56 33.56 -15.76
C ALA C 169 -40.01 32.39 -14.89
N ALA C 170 -39.08 31.85 -14.11
CA ALA C 170 -39.35 30.66 -13.26
C ALA C 170 -40.55 30.83 -12.36
N ASP C 171 -40.65 31.97 -11.69
CA ASP C 171 -41.75 32.15 -10.76
C ASP C 171 -43.07 32.12 -11.50
N GLU C 172 -43.08 32.70 -12.69
CA GLU C 172 -44.30 32.81 -13.47
C GLU C 172 -44.67 31.44 -14.08
N ILE C 173 -43.67 30.62 -14.40
CA ILE C 173 -43.88 29.24 -14.91
C ILE C 173 -44.46 28.35 -13.79
N GLU C 174 -43.92 28.49 -12.59
CA GLU C 174 -44.45 27.79 -11.39
C GLU C 174 -45.90 28.17 -11.13
N ALA C 175 -46.20 29.46 -11.21
CA ALA C 175 -47.56 29.92 -11.00
C ALA C 175 -48.54 29.40 -12.03
N VAL C 176 -48.18 29.37 -13.31
CA VAL C 176 -49.14 28.90 -14.30
C VAL C 176 -49.34 27.41 -14.13
N LEU C 177 -48.28 26.69 -13.79
CA LEU C 177 -48.44 25.26 -13.50
C LEU C 177 -49.46 25.05 -12.39
N GLU C 178 -49.34 25.79 -11.29
CA GLU C 178 -50.27 25.63 -10.18
C GLU C 178 -51.70 25.99 -10.59
N ALA C 179 -51.86 27.08 -11.35
CA ALA C 179 -53.16 27.52 -11.85
C ALA C 179 -53.84 26.47 -12.73
N GLU C 180 -53.05 25.82 -13.56
CA GLU C 180 -53.59 24.87 -14.54
C GLU C 180 -53.71 23.44 -14.09
N THR C 181 -53.02 23.07 -13.00
CA THR C 181 -52.98 21.66 -12.57
C THR C 181 -53.16 21.43 -11.07
N GLY C 182 -53.10 22.49 -10.28
CA GLY C 182 -53.10 22.41 -8.82
C GLY C 182 -51.81 21.90 -8.18
N PHE C 183 -50.78 21.68 -8.97
CA PHE C 183 -49.50 21.17 -8.45
C PHE C 183 -49.05 22.05 -7.30
N GLU C 184 -48.69 21.44 -6.17
CA GLU C 184 -48.21 22.19 -4.99
C GLU C 184 -46.72 21.98 -4.86
N LYS C 185 -45.93 22.99 -5.20
CA LYS C 185 -44.47 22.88 -5.20
C LYS C 185 -43.86 22.87 -3.79
N GLY C 186 -44.56 23.44 -2.82
CA GLY C 186 -43.99 23.49 -1.45
C GLY C 186 -42.74 24.34 -1.43
N GLU C 187 -41.65 23.77 -0.94
CA GLU C 187 -40.39 24.48 -0.87
C GLU C 187 -39.61 24.37 -2.18
N TYR C 188 -40.17 23.63 -3.14
CA TYR C 188 -39.52 23.42 -4.42
C TYR C 188 -39.79 24.57 -5.36
N PHE C 189 -38.95 24.66 -6.38
CA PHE C 189 -39.05 25.67 -7.41
C PHE C 189 -38.47 25.11 -8.70
N LEU C 190 -38.71 25.77 -9.84
CA LEU C 190 -38.25 25.29 -11.12
C LEU C 190 -36.75 25.40 -11.24
N GLY C 191 -36.11 24.28 -11.59
CA GLY C 191 -34.66 24.28 -11.78
C GLY C 191 -34.25 24.31 -13.23
N ALA C 192 -34.94 23.50 -14.03
CA ALA C 192 -34.59 23.26 -15.42
C ALA C 192 -35.84 22.69 -16.12
N LEU C 194 -36.72 19.96 -19.60
CA LEU C 194 -36.24 19.08 -20.64
C LEU C 194 -37.27 19.04 -21.79
N ALA C 195 -36.77 19.19 -23.02
CA ALA C 195 -37.56 18.99 -24.22
C ALA C 195 -37.21 17.57 -24.60
N LEU C 196 -38.22 16.71 -24.66
CA LEU C 196 -37.99 15.28 -24.79
C LEU C 196 -38.74 14.65 -25.95
N GLY C 197 -38.07 13.85 -26.74
CA GLY C 197 -38.73 13.22 -27.89
C GLY C 197 -37.81 12.28 -28.65
N VAL C 198 -38.27 11.77 -29.79
CA VAL C 198 -37.39 11.02 -30.68
C VAL C 198 -36.65 12.05 -31.55
N PRO C 199 -35.31 12.07 -31.49
CA PRO C 199 -34.58 13.09 -32.24
C PRO C 199 -34.63 12.92 -33.75
N GLU C 200 -34.56 14.04 -34.45
CA GLU C 200 -34.27 13.99 -35.86
C GLU C 200 -32.82 13.54 -36.06
N ASP C 201 -32.50 13.17 -37.30
CA ASP C 201 -31.18 12.66 -37.61
C ASP C 201 -30.21 13.77 -37.91
N ASN C 202 -28.93 13.46 -37.83
CA ASN C 202 -27.87 14.36 -38.27
C ASN C 202 -27.91 15.73 -37.62
N LEU C 203 -28.01 15.76 -36.30
CA LEU C 203 -28.00 16.99 -35.53
C LEU C 203 -26.58 17.42 -35.22
N LYS C 204 -26.43 18.70 -34.91
CA LYS C 204 -25.10 19.27 -34.71
C LYS C 204 -24.83 19.71 -33.28
N SER C 205 -23.58 19.53 -32.86
CA SER C 205 -23.12 20.00 -31.58
C SER C 205 -21.82 20.73 -31.80
N PRO C 206 -21.51 21.75 -30.99
CA PRO C 206 -20.22 22.41 -31.13
C PRO C 206 -19.06 21.55 -30.72
N SER C 207 -17.88 21.95 -31.15
CA SER C 207 -16.66 21.26 -30.75
CA SER C 207 -16.67 21.25 -30.74
C SER C 207 -16.46 21.35 -29.23
N LYS C 208 -15.77 20.35 -28.67
CA LYS C 208 -15.51 20.35 -27.22
C LYS C 208 -14.01 20.48 -26.99
N LYS C 209 -13.68 20.90 -25.79
CA LYS C 209 -12.29 21.03 -25.37
C LYS C 209 -11.56 19.70 -25.50
N PRO C 210 -10.27 19.75 -25.85
CA PRO C 210 -9.54 18.50 -25.89
C PRO C 210 -9.34 18.00 -24.45
N VAL C 211 -9.24 16.69 -24.30
CA VAL C 211 -9.13 16.10 -22.97
C VAL C 211 -7.97 16.71 -22.18
N GLU C 212 -6.84 17.00 -22.84
CA GLU C 212 -5.67 17.48 -22.10
C GLU C 212 -5.89 18.91 -21.54
N GLU C 213 -6.84 19.65 -22.13
CA GLU C 213 -7.17 20.98 -21.60
C GLU C 213 -7.96 20.92 -20.28
N ILE C 214 -8.69 19.83 -20.08
CA ILE C 214 -9.59 19.75 -18.95
C ILE C 214 -9.10 18.85 -17.81
N CYS C 215 -7.84 18.40 -17.86
CA CYS C 215 -7.26 17.73 -16.73
C CYS C 215 -5.77 17.92 -16.60
N THR C 216 -5.30 17.65 -15.38
CA THR C 216 -3.92 17.76 -15.02
C THR C 216 -3.63 16.63 -14.06
N PHE C 217 -2.53 15.92 -14.26
CA PHE C 217 -2.17 14.81 -13.41
C PHE C 217 -0.95 15.20 -12.58
N ILE C 218 -1.10 15.18 -11.26
CA ILE C 218 -0.01 15.52 -10.37
C ILE C 218 0.76 14.26 -9.99
N LYS C 219 2.06 14.22 -10.30
CA LYS C 219 2.96 13.09 -9.93
C LYS C 219 3.60 13.21 -8.53
N GLY D 1 -18.06 -3.65 -21.94
CA GLY D 1 -18.28 -2.60 -20.94
C GLY D 1 -19.47 -2.97 -20.08
N GLU D 3 -23.71 -1.91 -19.17
CA GLU D 3 -24.93 -1.30 -19.66
C GLU D 3 -25.29 -0.14 -18.75
N LEU D 4 -25.97 0.85 -19.31
CA LEU D 4 -26.20 2.10 -18.60
C LEU D 4 -26.92 1.95 -17.24
N GLN D 5 -28.07 1.29 -17.24
CA GLN D 5 -28.86 1.14 -16.04
C GLN D 5 -28.11 0.36 -14.98
N ASP D 6 -27.43 -0.70 -15.39
CA ASP D 6 -26.58 -1.44 -14.46
C ASP D 6 -25.59 -0.52 -13.73
N THR D 7 -24.96 0.38 -14.46
CA THR D 7 -24.01 1.31 -13.88
CA THR D 7 -24.00 1.32 -13.86
C THR D 7 -24.74 2.26 -12.92
N ILE D 8 -25.89 2.75 -13.36
CA ILE D 8 -26.63 3.72 -12.59
C ILE D 8 -27.07 3.15 -11.24
N PHE D 9 -27.53 1.89 -11.23
CA PHE D 9 -28.01 1.27 -10.00
C PHE D 9 -26.91 0.58 -9.18
N LYS D 10 -25.74 0.40 -9.78
CA LYS D 10 -24.56 -0.05 -9.04
C LYS D 10 -23.93 1.08 -8.22
N ARG D 11 -24.13 2.31 -8.69
CA ARG D 11 -23.44 3.44 -8.09
C ARG D 11 -23.82 3.64 -6.63
N GLN D 12 -22.78 3.66 -5.79
CA GLN D 12 -22.88 4.12 -4.44
C GLN D 12 -21.79 5.16 -4.13
N SER D 13 -21.97 5.85 -3.02
CA SER D 13 -20.87 6.63 -2.43
C SER D 13 -19.89 5.69 -1.71
N VAL D 14 -18.73 5.48 -2.30
CA VAL D 14 -17.72 4.59 -1.78
C VAL D 14 -16.78 5.32 -0.81
N ARG D 15 -16.74 4.88 0.45
CA ARG D 15 -15.91 5.48 1.47
C ARG D 15 -14.90 4.50 2.10
N LYS D 16 -14.82 3.30 1.55
CA LYS D 16 -13.80 2.31 1.91
C LYS D 16 -13.32 1.66 0.64
N PHE D 17 -12.01 1.48 0.53
CA PHE D 17 -11.36 1.08 -0.70
C PHE D 17 -10.36 -0.05 -0.48
N LYS D 18 -10.25 -0.93 -1.47
CA LYS D 18 -9.24 -1.95 -1.49
C LYS D 18 -7.89 -1.38 -1.83
N ASN D 19 -6.87 -2.16 -1.50
CA ASN D 19 -5.52 -1.74 -1.77
C ASN D 19 -5.13 -2.11 -3.20
N GLN D 20 -5.60 -1.29 -4.13
CA GLN D 20 -5.40 -1.55 -5.56
C GLN D 20 -5.23 -0.23 -6.31
N ASP D 21 -4.43 -0.23 -7.36
CA ASP D 21 -4.16 1.00 -8.13
C ASP D 21 -5.31 1.34 -9.08
N VAL D 22 -5.36 2.61 -9.46
CA VAL D 22 -6.23 3.08 -10.54
C VAL D 22 -5.33 3.58 -11.66
N SER D 23 -5.37 2.96 -12.85
CA SER D 23 -4.48 3.38 -13.92
C SER D 23 -4.82 4.77 -14.45
N ASP D 24 -3.79 5.54 -14.80
CA ASP D 24 -3.97 6.84 -15.46
C ASP D 24 -4.80 6.74 -16.73
N GLU D 25 -4.63 5.64 -17.46
CA GLU D 25 -5.38 5.47 -18.69
C GLU D 25 -6.89 5.36 -18.44
N ASP D 26 -7.27 4.68 -17.36
CA ASP D 26 -8.68 4.54 -17.03
C ASP D 26 -9.20 5.89 -16.60
N ILE D 27 -8.40 6.63 -15.83
CA ILE D 27 -8.85 7.94 -15.33
C ILE D 27 -9.09 8.89 -16.49
N LEU D 28 -8.21 8.85 -17.49
CA LEU D 28 -8.44 9.63 -18.71
C LEU D 28 -9.78 9.31 -19.36
N LYS D 29 -10.15 8.03 -19.44
CA LYS D 29 -11.44 7.65 -20.00
C LYS D 29 -12.58 8.26 -19.20
N ILE D 31 -12.40 11.04 -17.53
CA ILE D 31 -12.37 12.49 -17.80
C ILE D 31 -12.92 12.80 -19.20
N LYS D 32 -12.66 11.94 -20.19
CA LYS D 32 -13.18 12.13 -21.54
CA LYS D 32 -13.19 12.18 -21.52
C LYS D 32 -14.71 12.12 -21.47
N ALA D 33 -15.23 11.15 -20.69
CA ALA D 33 -16.67 11.02 -20.47
C ALA D 33 -17.26 12.26 -19.81
N ALA D 34 -16.63 12.74 -18.74
CA ALA D 34 -17.01 13.98 -18.06
C ALA D 34 -17.12 15.13 -19.04
N GLY D 35 -16.11 15.26 -19.87
CA GLY D 35 -16.02 16.38 -20.83
C GLY D 35 -17.07 16.35 -21.94
N ALA D 36 -17.73 15.20 -22.13
CA ALA D 36 -18.87 15.09 -23.04
C ALA D 36 -20.21 15.50 -22.43
N ALA D 37 -20.24 15.85 -21.14
CA ALA D 37 -21.50 16.27 -20.51
C ALA D 37 -22.01 17.57 -21.14
N PRO D 38 -23.34 17.81 -21.07
CA PRO D 38 -23.86 19.05 -21.61
C PRO D 38 -23.46 20.16 -20.65
N SER D 39 -23.49 21.40 -21.10
CA SER D 39 -23.22 22.56 -20.25
C SER D 39 -23.80 23.78 -20.89
N GLY D 40 -24.16 24.74 -20.04
CA GLY D 40 -24.77 25.98 -20.50
C GLY D 40 -23.86 26.67 -21.49
N LYS D 41 -24.42 26.95 -22.67
CA LYS D 41 -23.67 27.60 -23.73
C LYS D 41 -22.31 26.93 -24.02
N ASN D 42 -22.25 25.62 -23.82
CA ASN D 42 -21.04 24.88 -24.05
C ASN D 42 -19.86 25.44 -23.25
N ILE D 43 -20.16 26.03 -22.10
CA ILE D 43 -19.09 26.58 -21.23
C ILE D 43 -18.05 25.52 -20.77
N GLN D 44 -18.48 24.28 -20.60
CA GLN D 44 -17.57 23.19 -20.19
C GLN D 44 -16.70 23.63 -19.01
N ASN D 45 -17.39 24.03 -17.94
CA ASN D 45 -16.78 24.71 -16.81
C ASN D 45 -16.22 23.72 -15.81
N TRP D 46 -15.20 22.99 -16.26
CA TRP D 46 -14.64 21.95 -15.44
C TRP D 46 -13.17 21.71 -15.74
N HIS D 47 -12.43 21.36 -14.70
CA HIS D 47 -11.04 20.92 -14.85
C HIS D 47 -10.73 19.95 -13.72
N PHE D 48 -10.26 18.76 -14.09
CA PHE D 48 -10.00 17.66 -13.15
C PHE D 48 -8.50 17.57 -12.82
N VAL D 49 -8.15 17.83 -11.55
CA VAL D 49 -6.74 17.71 -11.10
C VAL D 49 -6.66 16.36 -10.38
N VAL D 50 -5.94 15.42 -10.98
CA VAL D 50 -5.87 14.04 -10.53
C VAL D 50 -4.64 13.88 -9.66
N ILE D 51 -4.82 13.58 -8.38
CA ILE D 51 -3.71 13.48 -7.43
C ILE D 51 -3.49 12.06 -6.91
N LYS D 52 -2.27 11.55 -7.07
CA LYS D 52 -1.84 10.32 -6.46
C LYS D 52 -0.70 10.53 -5.44
N ARG D 53 -0.13 11.75 -5.36
CA ARG D 53 0.95 12.01 -4.43
C ARG D 53 0.42 12.08 -3.00
N ARG D 54 0.73 11.08 -2.19
CA ARG D 54 0.28 11.04 -0.79
C ARG D 54 0.60 12.31 0.02
N ASP D 55 1.80 12.85 -0.14
CA ASP D 55 2.24 14.06 0.57
CA ASP D 55 2.19 14.02 0.63
C ASP D 55 1.24 15.19 0.34
N LEU D 56 0.82 15.34 -0.92
CA LEU D 56 -0.12 16.40 -1.25
C LEU D 56 -1.53 16.11 -0.71
N GLU D 58 -2.13 14.50 1.97
CA GLU D 58 -2.02 14.73 3.41
CA GLU D 58 -2.02 14.72 3.41
C GLU D 58 -1.99 16.22 3.71
N LYS D 59 -1.33 17.00 2.86
CA LYS D 59 -1.27 18.47 3.07
C LYS D 59 -2.63 19.13 2.88
N ILE D 60 -3.42 18.58 1.96
CA ILE D 60 -4.78 19.05 1.74
C ILE D 60 -5.63 18.73 2.98
N ALA D 61 -5.45 17.53 3.54
CA ALA D 61 -6.18 17.16 4.78
C ALA D 61 -5.81 18.12 5.89
N ASP D 62 -4.54 18.45 5.99
CA ASP D 62 -4.10 19.41 7.00
C ASP D 62 -4.72 20.83 6.85
N VAL D 63 -4.89 21.35 5.63
CA VAL D 63 -5.48 22.71 5.51
C VAL D 63 -6.97 22.66 5.81
N ILE D 64 -7.59 21.50 5.51
CA ILE D 64 -9.01 21.33 5.84
C ILE D 64 -9.20 21.34 7.37
N THR D 65 -8.39 20.55 8.06
CA THR D 65 -8.45 20.43 9.51
CA THR D 65 -8.49 20.44 9.52
C THR D 65 -8.09 21.75 10.19
N LYS D 66 -7.08 22.44 9.65
CA LYS D 66 -6.65 23.74 10.17
CA LYS D 66 -6.66 23.73 10.18
C LYS D 66 -7.79 24.74 10.10
N LYS D 67 -8.43 24.84 8.94
CA LYS D 67 -9.54 25.75 8.77
C LYS D 67 -10.72 25.35 9.68
N GLN D 68 -11.02 24.06 9.71
CA GLN D 68 -12.04 23.55 10.62
CA GLN D 68 -12.05 23.57 10.62
C GLN D 68 -11.81 24.00 12.08
N GLN D 69 -10.57 23.86 12.57
CA GLN D 69 -10.27 24.16 13.97
CA GLN D 69 -10.27 24.18 13.96
C GLN D 69 -10.52 25.64 14.22
N GLU D 70 -10.22 26.48 13.25
CA GLU D 70 -10.42 27.91 13.41
C GLU D 70 -11.91 28.21 13.58
N ILE D 71 -12.73 27.49 12.84
CA ILE D 71 -14.20 27.60 12.94
C ILE D 71 -14.70 27.05 14.28
N LEU D 72 -14.16 25.90 14.68
CA LEU D 72 -14.46 25.22 15.97
C LEU D 72 -14.20 26.10 17.20
N VAL D 73 -13.11 26.85 17.20
CA VAL D 73 -12.83 27.76 18.29
C VAL D 73 -13.95 28.76 18.50
N GLU D 74 -14.48 29.30 17.41
CA GLU D 74 -15.63 30.18 17.48
C GLU D 74 -16.94 29.46 17.80
N ASP D 76 -17.26 26.80 19.72
CA ASP D 76 -17.25 26.41 21.13
C ASP D 76 -17.73 27.56 22.00
N LYS D 77 -17.66 28.79 21.49
CA LYS D 77 -18.16 29.94 22.25
C LYS D 77 -19.69 29.99 22.32
N VAL D 78 -20.38 29.30 21.41
CA VAL D 78 -21.84 29.32 21.30
C VAL D 78 -22.42 27.95 21.66
N SER D 79 -21.87 26.88 21.09
CA SER D 79 -22.31 25.53 21.42
C SER D 79 -21.20 24.50 21.21
N VAL D 80 -20.65 24.02 22.31
CA VAL D 80 -19.63 22.99 22.29
C VAL D 80 -20.21 21.69 21.68
N ASP D 81 -21.50 21.43 21.88
CA ASP D 81 -22.12 20.24 21.26
C ASP D 81 -22.13 20.29 19.74
N LYS D 82 -22.48 21.46 19.20
CA LYS D 82 -22.49 21.64 17.75
C LYS D 82 -21.06 21.57 17.20
N ALA D 83 -20.11 22.09 17.94
CA ALA D 83 -18.70 22.01 17.57
C ALA D 83 -18.27 20.54 17.52
N ASN D 84 -18.63 19.77 18.55
CA ASN D 84 -18.31 18.35 18.60
C ASN D 84 -18.92 17.56 17.43
N ARG D 85 -20.15 17.90 17.06
CA ARG D 85 -20.82 17.29 15.90
C ARG D 85 -20.07 17.58 14.61
N PHE D 86 -19.59 18.81 14.48
CA PHE D 86 -18.80 19.21 13.29
C PHE D 86 -17.44 18.48 13.22
N ARG D 87 -16.82 18.28 14.36
CA ARG D 87 -15.57 17.53 14.44
C ARG D 87 -15.76 16.09 13.96
N LYS D 88 -16.80 15.43 14.45
CA LYS D 88 -17.08 14.05 14.04
C LYS D 88 -17.44 14.02 12.56
N PHE D 89 -18.27 14.96 12.13
CA PHE D 89 -18.71 15.00 10.74
C PHE D 89 -17.54 15.08 9.73
N VAL D 90 -16.62 15.99 9.95
CA VAL D 90 -15.50 16.16 9.03
C VAL D 90 -14.63 14.90 9.00
N LYS D 91 -14.47 14.23 10.13
CA LYS D 91 -13.67 13.02 10.14
C LYS D 91 -14.29 11.94 9.28
N ASN D 92 -15.59 11.74 9.42
CA ASN D 92 -16.25 10.57 8.82
C ASN D 92 -16.72 10.87 7.41
N PHE D 93 -16.99 12.13 7.12
CA PHE D 93 -17.54 12.49 5.78
C PHE D 93 -16.67 13.42 4.97
N THR D 94 -15.46 13.73 5.43
CA THR D 94 -14.45 14.39 4.59
C THR D 94 -13.13 13.64 4.55
N LEU D 95 -12.53 13.39 5.71
CA LEU D 95 -11.14 12.95 5.74
C LEU D 95 -10.98 11.48 5.35
N PHE D 96 -12.11 10.77 5.19
CA PHE D 96 -12.08 9.36 4.69
C PHE D 96 -11.46 9.26 3.30
N TYR D 97 -11.37 10.37 2.55
CA TYR D 97 -10.77 10.34 1.21
C TYR D 97 -9.34 9.81 1.19
N LEU D 98 -8.64 9.98 2.31
CA LEU D 98 -7.28 9.47 2.48
C LEU D 98 -7.21 7.94 2.36
N LYS D 99 -8.37 7.29 2.49
CA LYS D 99 -8.44 5.85 2.34
C LYS D 99 -8.31 5.38 0.90
N ALA D 100 -8.48 6.30 -0.05
CA ALA D 100 -8.48 5.98 -1.49
C ALA D 100 -7.07 6.22 -2.08
N PRO D 101 -6.73 5.55 -3.17
CA PRO D 101 -5.44 5.77 -3.85
C PRO D 101 -5.37 7.09 -4.67
N VAL D 102 -6.53 7.68 -4.98
CA VAL D 102 -6.60 8.83 -5.88
C VAL D 102 -7.57 9.83 -5.29
N LEU D 103 -7.13 11.08 -5.26
CA LEU D 103 -7.96 12.20 -4.97
C LEU D 103 -8.05 13.04 -6.25
N VAL D 104 -9.27 13.35 -6.67
CA VAL D 104 -9.49 14.24 -7.83
C VAL D 104 -10.10 15.55 -7.29
N LEU D 105 -9.45 16.66 -7.58
CA LEU D 105 -9.99 18.00 -7.29
C LEU D 105 -10.70 18.46 -8.54
N VAL D 106 -11.99 18.75 -8.44
CA VAL D 106 -12.73 19.20 -9.61
C VAL D 106 -12.92 20.70 -9.50
N PHE D 107 -12.22 21.42 -10.37
CA PHE D 107 -12.30 22.89 -10.44
C PHE D 107 -13.42 23.23 -11.38
N THR D 108 -13.99 24.41 -11.18
CA THR D 108 -15.07 24.88 -12.02
C THR D 108 -15.00 26.40 -12.10
N LYS D 109 -15.89 27.02 -12.89
CA LYS D 109 -15.98 28.49 -12.88
C LYS D 109 -17.44 28.92 -12.94
N VAL D 110 -17.68 30.19 -12.65
CA VAL D 110 -19.02 30.74 -12.69
C VAL D 110 -19.51 30.79 -14.11
N TYR D 111 -20.77 30.40 -14.30
CA TYR D 111 -21.47 30.60 -15.54
C TYR D 111 -22.57 31.63 -15.28
N ASN D 112 -22.49 32.76 -15.95
CA ASN D 112 -23.55 33.75 -15.90
C ASN D 112 -24.62 33.34 -16.88
N PRO D 113 -25.78 32.93 -16.37
CA PRO D 113 -26.78 32.27 -17.21
C PRO D 113 -27.66 33.24 -17.98
N SER D 114 -28.50 32.69 -18.84
CA SER D 114 -29.46 33.49 -19.59
CA SER D 114 -29.52 33.47 -19.58
C SER D 114 -30.34 34.33 -18.65
N GLY D 115 -30.53 35.59 -19.03
CA GLY D 115 -31.22 36.54 -18.19
C GLY D 115 -30.29 37.44 -17.39
N TYR D 116 -29.05 36.98 -17.16
CA TYR D 116 -28.13 37.71 -16.26
C TYR D 116 -27.74 39.07 -16.84
N TYR D 117 -27.21 39.08 -18.07
CA TYR D 117 -26.73 40.33 -18.66
C TYR D 117 -27.90 41.21 -19.02
N GLU D 118 -29.02 40.58 -19.40
CA GLU D 118 -30.23 41.32 -19.69
C GLU D 118 -30.75 42.09 -18.47
N LEU D 119 -30.86 41.38 -17.35
CA LEU D 119 -31.32 42.00 -16.09
C LEU D 119 -30.32 43.00 -15.54
N GLU D 120 -29.02 42.75 -15.70
CA GLU D 120 -28.02 43.76 -15.28
C GLU D 120 -28.13 45.02 -16.15
N LEU D 121 -28.44 44.87 -17.42
CA LEU D 121 -28.53 46.03 -18.29
C LEU D 121 -29.61 47.02 -17.86
N ILE D 122 -30.71 46.49 -17.31
CA ILE D 122 -31.83 47.29 -16.87
C ILE D 122 -31.77 47.55 -15.35
N ASP D 123 -30.62 47.30 -14.74
CA ASP D 123 -30.43 47.50 -13.30
C ASP D 123 -31.57 46.89 -12.50
N ALA D 124 -31.88 45.64 -12.80
CA ALA D 124 -32.89 44.92 -12.06
C ALA D 124 -32.37 44.79 -10.63
N PRO D 125 -33.28 44.66 -9.65
CA PRO D 125 -32.88 44.42 -8.27
C PRO D 125 -31.96 43.23 -8.11
N LYS D 126 -30.98 43.34 -7.22
CA LYS D 126 -30.07 42.20 -6.99
C LYS D 126 -30.85 40.94 -6.64
N GLU D 127 -31.87 41.08 -5.79
CA GLU D 127 -32.67 39.91 -5.40
C GLU D 127 -33.33 39.20 -6.53
N THR D 128 -33.68 39.95 -7.57
CA THR D 128 -34.24 39.37 -8.78
C THR D 128 -33.18 38.63 -9.58
N ILE D 129 -32.02 39.26 -9.77
CA ILE D 129 -30.90 38.61 -10.47
C ILE D 129 -30.41 37.36 -9.71
N ASP D 130 -30.39 37.43 -8.38
CA ASP D 130 -29.97 36.30 -7.54
C ASP D 130 -30.83 35.08 -7.79
N LYS D 131 -32.09 35.27 -8.21
CA LYS D 131 -32.92 34.12 -8.51
C LYS D 131 -32.38 33.20 -9.57
N LEU D 132 -31.67 33.76 -10.56
CA LEU D 132 -31.03 32.93 -11.59
C LEU D 132 -29.99 31.95 -10.98
N PHE D 133 -29.30 32.38 -9.93
CA PHE D 133 -28.20 31.59 -9.30
C PHE D 133 -28.71 30.65 -8.20
N ILE D 134 -29.91 30.87 -7.69
CA ILE D 134 -30.55 29.88 -6.82
C ILE D 134 -30.70 28.57 -7.60
N ARG D 135 -30.84 28.69 -8.90
CA ARG D 135 -31.05 27.57 -9.82
C ARG D 135 -29.73 27.21 -10.53
N ASN D 136 -28.63 27.81 -10.07
CA ASN D 136 -27.27 27.76 -10.68
C ASN D 136 -27.02 26.76 -11.83
N PRO D 137 -27.31 27.17 -13.07
CA PRO D 137 -27.08 26.35 -14.26
C PRO D 137 -25.62 25.94 -14.45
N GLY D 138 -24.70 26.78 -13.99
CA GLY D 138 -23.28 26.46 -14.00
C GLY D 138 -22.99 25.20 -13.19
N GLN D 140 -25.31 22.98 -12.15
CA GLN D 140 -25.99 21.86 -12.84
C GLN D 140 -25.08 21.24 -13.89
N SER D 141 -24.42 22.08 -14.69
CA SER D 141 -23.50 21.58 -15.74
C SER D 141 -22.35 20.79 -15.12
N LEU D 142 -21.76 21.34 -14.06
CA LEU D 142 -20.68 20.66 -13.33
C LEU D 142 -21.14 19.30 -12.84
N GLY D 143 -22.37 19.24 -12.31
CA GLY D 143 -22.93 17.99 -11.83
C GLY D 143 -23.07 16.96 -12.93
N ALA D 144 -23.52 17.39 -14.11
CA ALA D 144 -23.56 16.47 -15.25
C ALA D 144 -22.20 15.85 -15.60
N ALA D 145 -21.14 16.68 -15.62
CA ALA D 145 -19.80 16.20 -15.91
C ALA D 145 -19.31 15.19 -14.84
N ILE D 146 -19.47 15.55 -13.58
CA ILE D 146 -19.00 14.67 -12.51
C ILE D 146 -19.80 13.36 -12.47
N GLU D 147 -21.10 13.43 -12.76
CA GLU D 147 -21.89 12.19 -12.91
C GLU D 147 -21.40 11.32 -14.04
N ASN D 148 -21.08 11.90 -15.20
CA ASN D 148 -20.49 11.12 -16.27
C ASN D 148 -19.19 10.42 -15.82
N PHE D 149 -18.36 11.17 -15.08
CA PHE D 149 -17.10 10.64 -14.54
C PHE D 149 -17.40 9.45 -13.62
N THR D 150 -18.36 9.70 -12.73
CA THR D 150 -18.78 8.76 -11.67
C THR D 150 -19.21 7.42 -12.29
N LEU D 151 -20.09 7.48 -13.26
CA LEU D 151 -20.61 6.24 -13.89
C LEU D 151 -19.50 5.52 -14.65
N SER D 152 -18.64 6.27 -15.31
CA SER D 152 -17.49 5.68 -16.02
C SER D 152 -16.54 4.95 -15.09
N ALA D 153 -16.24 5.57 -13.95
CA ALA D 153 -15.44 4.90 -12.92
C ALA D 153 -15.98 3.50 -12.64
N ILE D 154 -17.30 3.40 -12.49
CA ILE D 154 -17.93 2.12 -12.14
C ILE D 154 -17.79 1.12 -13.28
N GLU D 155 -18.03 1.60 -14.50
CA GLU D 155 -17.91 0.73 -15.65
C GLU D 155 -16.52 0.12 -15.75
N LEU D 156 -15.52 0.90 -15.35
CA LEU D 156 -14.12 0.47 -15.44
C LEU D 156 -13.62 -0.33 -14.23
N GLY D 157 -14.53 -0.63 -13.30
CA GLY D 157 -14.25 -1.50 -12.15
C GLY D 157 -13.81 -0.79 -10.89
N TYR D 158 -14.05 0.53 -10.86
CA TYR D 158 -13.74 1.33 -9.69
C TYR D 158 -15.03 1.87 -9.00
N GLY D 159 -14.88 2.82 -8.08
CA GLY D 159 -16.01 3.56 -7.53
C GLY D 159 -15.46 4.80 -6.87
N SER D 160 -16.36 5.64 -6.39
CA SER D 160 -15.97 6.94 -5.85
C SER D 160 -16.99 7.48 -4.88
N CYS D 161 -16.56 8.48 -4.15
CA CYS D 161 -17.45 9.34 -3.42
C CYS D 161 -17.22 10.78 -3.89
N TRP D 162 -18.34 11.47 -4.12
CA TRP D 162 -18.38 12.87 -4.47
C TRP D 162 -18.34 13.65 -3.17
N LEU D 163 -17.54 14.71 -3.09
CA LEU D 163 -17.44 15.49 -1.86
C LEU D 163 -17.55 16.97 -2.10
N THR D 164 -18.36 17.63 -1.30
CA THR D 164 -18.34 19.09 -1.21
C THR D 164 -18.22 19.57 0.23
N SER D 165 -18.11 18.64 1.18
CA SER D 165 -18.06 19.00 2.59
C SER D 165 -16.80 19.80 2.94
N GLN D 166 -15.77 19.72 2.11
CA GLN D 166 -14.53 20.45 2.35
C GLN D 166 -14.58 21.95 2.02
N ASN D 167 -15.65 22.38 1.36
CA ASN D 167 -15.60 23.67 0.68
C ASN D 167 -15.59 24.95 1.54
N TYR D 168 -15.80 24.84 2.86
CA TYR D 168 -15.56 25.98 3.76
C TYR D 168 -14.04 26.30 3.87
N ALA D 169 -13.23 25.39 3.31
CA ALA D 169 -11.77 25.55 3.18
C ALA D 169 -11.26 25.53 1.73
N ALA D 170 -12.12 25.87 0.78
CA ALA D 170 -11.79 25.74 -0.67
C ALA D 170 -10.64 26.66 -1.02
N ASP D 171 -10.65 27.90 -0.54
CA ASP D 171 -9.59 28.82 -0.88
C ASP D 171 -8.26 28.28 -0.40
N GLU D 172 -8.28 27.67 0.78
CA GLU D 172 -7.06 27.19 1.39
C GLU D 172 -6.55 25.91 0.69
N ILE D 173 -7.47 25.13 0.17
CA ILE D 173 -7.15 23.94 -0.63
C ILE D 173 -6.49 24.38 -1.95
N GLU D 174 -7.10 25.37 -2.60
CA GLU D 174 -6.51 25.93 -3.81
C GLU D 174 -5.09 26.44 -3.58
N ALA D 175 -4.88 27.14 -2.48
CA ALA D 175 -3.58 27.69 -2.19
C ALA D 175 -2.54 26.61 -1.97
N VAL D 176 -2.85 25.59 -1.18
CA VAL D 176 -1.86 24.51 -0.98
C VAL D 176 -1.58 23.75 -2.30
N LEU D 177 -2.59 23.59 -3.15
CA LEU D 177 -2.34 22.96 -4.45
C LEU D 177 -1.34 23.79 -5.27
N GLU D 178 -1.54 25.11 -5.28
CA GLU D 178 -0.70 25.96 -6.11
C GLU D 178 0.74 25.97 -5.56
N ALA D 179 0.87 25.93 -4.23
CA ALA D 179 2.16 25.97 -3.54
C ALA D 179 2.93 24.72 -3.82
N GLU D 180 2.21 23.62 -3.86
CA GLU D 180 2.84 22.32 -4.01
C GLU D 180 3.03 21.87 -5.45
N THR D 181 2.33 22.50 -6.39
CA THR D 181 2.36 22.00 -7.77
C THR D 181 2.50 23.06 -8.84
N GLY D 182 2.33 24.33 -8.50
CA GLY D 182 2.32 25.38 -9.49
C GLY D 182 1.02 25.50 -10.26
N PHE D 183 0.02 24.69 -9.91
CA PHE D 183 -1.24 24.69 -10.66
C PHE D 183 -1.80 26.11 -10.71
N GLU D 184 -2.14 26.57 -11.93
CA GLU D 184 -2.66 27.93 -12.10
C GLU D 184 -4.16 27.83 -12.41
N LYS D 185 -4.99 28.12 -11.41
CA LYS D 185 -6.45 27.97 -11.55
C LYS D 185 -7.10 29.02 -12.40
N GLY D 186 -6.45 30.15 -12.60
CA GLY D 186 -7.09 31.24 -13.38
C GLY D 186 -8.37 31.72 -12.72
N GLU D 187 -9.47 31.73 -13.48
CA GLU D 187 -10.78 32.14 -13.00
CA GLU D 187 -10.79 32.15 -12.98
C GLU D 187 -11.51 31.00 -12.29
N TYR D 188 -10.88 29.83 -12.28
CA TYR D 188 -11.52 28.64 -11.74
C TYR D 188 -11.31 28.56 -10.25
N PHE D 189 -12.16 27.74 -9.63
CA PHE D 189 -12.13 27.53 -8.17
C PHE D 189 -12.57 26.11 -7.88
N LEU D 190 -12.28 25.64 -6.67
CA LEU D 190 -12.62 24.27 -6.33
C LEU D 190 -14.14 24.12 -6.26
N GLY D 191 -14.66 23.09 -6.91
CA GLY D 191 -16.11 22.82 -6.89
C GLY D 191 -16.44 21.61 -6.05
N ALA D 192 -15.65 20.55 -6.25
CA ALA D 192 -15.89 19.29 -5.59
C ALA D 192 -14.59 18.48 -5.56
N LEU D 194 -13.33 14.19 -5.65
CA LEU D 194 -13.70 12.79 -5.73
C LEU D 194 -12.65 11.92 -5.08
N ALA D 195 -13.10 11.04 -4.18
CA ALA D 195 -12.30 9.94 -3.64
C ALA D 195 -12.54 8.74 -4.57
N LEU D 196 -11.46 8.25 -5.18
CA LEU D 196 -11.53 7.24 -6.23
C LEU D 196 -10.64 6.04 -5.99
N GLY D 197 -11.21 4.86 -6.20
CA GLY D 197 -10.42 3.63 -6.10
C GLY D 197 -11.26 2.39 -6.38
N VAL D 198 -10.73 1.23 -6.01
CA VAL D 198 -11.48 -0.01 -6.14
C VAL D 198 -12.26 -0.17 -4.83
N PRO D 199 -13.59 -0.20 -4.92
CA PRO D 199 -14.38 -0.21 -3.69
C PRO D 199 -14.26 -1.51 -2.91
N GLU D 200 -14.30 -1.40 -1.59
CA GLU D 200 -14.54 -2.56 -0.74
C GLU D 200 -15.94 -3.13 -1.06
N ASP D 201 -16.18 -4.39 -0.68
CA ASP D 201 -17.45 -5.03 -0.95
C ASP D 201 -18.49 -4.67 0.13
N ASN D 202 -19.76 -4.93 -0.15
CA ASN D 202 -20.83 -4.86 0.83
C ASN D 202 -20.91 -3.50 1.51
N LEU D 203 -20.93 -2.45 0.70
CA LEU D 203 -21.03 -1.08 1.20
C LEU D 203 -22.51 -0.71 1.30
N LYS D 204 -22.82 0.21 2.20
CA LYS D 204 -24.22 0.56 2.48
C LYS D 204 -24.54 1.96 1.95
N SER D 205 -25.77 2.11 1.43
CA SER D 205 -26.33 3.41 1.09
C SER D 205 -27.69 3.59 1.76
N PRO D 206 -28.10 4.82 2.06
CA PRO D 206 -29.43 4.99 2.62
C PRO D 206 -30.47 4.74 1.57
N SER D 207 -31.71 4.46 2.01
CA SER D 207 -32.83 4.28 1.11
C SER D 207 -33.14 5.58 0.37
N LYS D 208 -33.80 5.43 -0.76
CA LYS D 208 -34.19 6.56 -1.59
C LYS D 208 -35.71 6.69 -1.67
N LYS D 209 -36.14 7.86 -2.08
CA LYS D 209 -37.55 8.16 -2.23
C LYS D 209 -38.14 7.17 -3.22
N PRO D 210 -39.42 6.82 -3.02
CA PRO D 210 -40.10 6.02 -3.99
C PRO D 210 -40.33 6.85 -5.27
N VAL D 211 -40.40 6.18 -6.40
CA VAL D 211 -40.46 6.93 -7.67
C VAL D 211 -41.70 7.85 -7.74
N GLU D 212 -42.87 7.41 -7.24
CA GLU D 212 -44.07 8.24 -7.33
C GLU D 212 -43.93 9.53 -6.50
N GLU D 213 -43.03 9.53 -5.52
CA GLU D 213 -42.72 10.75 -4.75
C GLU D 213 -42.00 11.80 -5.59
N ILE D 214 -41.20 11.37 -6.57
CA ILE D 214 -40.29 12.28 -7.26
C ILE D 214 -40.76 12.62 -8.66
N CYS D 215 -42.03 12.31 -8.95
CA CYS D 215 -42.60 12.77 -10.17
C CYS D 215 -44.11 12.91 -10.16
N THR D 216 -44.59 13.67 -11.13
CA THR D 216 -46.02 13.87 -11.36
C THR D 216 -46.26 13.87 -12.87
N PHE D 217 -47.25 13.13 -13.36
CA PHE D 217 -47.59 13.13 -14.78
C PHE D 217 -48.87 13.89 -14.96
N ILE D 218 -48.80 15.02 -15.66
CA ILE D 218 -49.96 15.85 -15.87
C ILE D 218 -50.80 15.22 -16.95
N LYS D 219 -52.08 15.06 -16.66
CA LYS D 219 -53.04 14.51 -17.58
C LYS D 219 -53.98 15.65 -17.92
N GLY E 1 8.61 -0.31 -6.53
CA GLY E 1 8.75 -1.51 -7.40
C GLY E 1 9.87 -1.27 -8.39
N GLU E 3 11.19 -1.52 -12.68
CA GLU E 3 10.83 -1.52 -14.10
C GLU E 3 11.31 -2.84 -14.72
N LEU E 4 10.54 -3.37 -15.66
CA LEU E 4 10.79 -4.70 -16.18
C LEU E 4 12.23 -4.90 -16.69
N GLN E 5 12.67 -4.00 -17.59
CA GLN E 5 14.00 -4.18 -18.15
C GLN E 5 15.06 -4.09 -17.07
N ASP E 6 14.83 -3.27 -16.05
CA ASP E 6 15.81 -3.15 -14.98
C ASP E 6 15.95 -4.51 -14.29
N THR E 7 14.83 -5.17 -14.02
CA THR E 7 14.85 -6.50 -13.38
C THR E 7 15.48 -7.55 -14.30
N ILE E 8 15.14 -7.52 -15.58
CA ILE E 8 15.67 -8.47 -16.54
C ILE E 8 17.19 -8.41 -16.63
N PHE E 9 17.74 -7.21 -16.68
CA PHE E 9 19.20 -7.04 -16.92
C PHE E 9 20.02 -7.03 -15.63
N LYS E 10 19.34 -6.91 -14.49
CA LYS E 10 19.97 -7.05 -13.17
CA LYS E 10 19.94 -7.04 -13.17
C LYS E 10 20.10 -8.51 -12.79
N ARG E 11 19.24 -9.37 -13.37
CA ARG E 11 19.20 -10.79 -13.04
C ARG E 11 20.53 -11.50 -13.30
N GLN E 12 21.04 -12.15 -12.26
CA GLN E 12 22.15 -13.07 -12.33
C GLN E 12 21.82 -14.36 -11.54
N SER E 13 22.63 -15.39 -11.77
CA SER E 13 22.55 -16.61 -10.95
C SER E 13 23.31 -16.35 -9.66
N VAL E 14 22.58 -16.13 -8.57
CA VAL E 14 23.16 -15.77 -7.28
C VAL E 14 23.60 -17.02 -6.48
N ARG E 15 24.89 -17.11 -6.20
CA ARG E 15 25.38 -18.26 -5.47
C ARG E 15 26.07 -17.87 -4.14
N LYS E 16 25.99 -16.59 -3.77
CA LYS E 16 26.51 -16.11 -2.51
C LYS E 16 25.49 -15.15 -1.93
N PHE E 17 25.17 -15.37 -0.65
CA PHE E 17 24.06 -14.68 0.01
C PHE E 17 24.48 -14.06 1.32
N LYS E 18 23.84 -12.95 1.66
CA LYS E 18 24.05 -12.30 2.92
C LYS E 18 23.29 -13.02 4.02
N ASN E 19 23.65 -12.76 5.27
CA ASN E 19 22.97 -13.40 6.39
C ASN E 19 21.70 -12.62 6.71
N GLN E 20 20.66 -12.79 5.90
CA GLN E 20 19.37 -12.11 6.11
C GLN E 20 18.24 -13.03 5.71
N ASP E 21 17.07 -12.94 6.35
CA ASP E 21 15.97 -13.86 6.00
CA ASP E 21 15.90 -13.77 6.08
C ASP E 21 15.12 -13.28 4.88
N VAL E 22 14.25 -14.12 4.35
CA VAL E 22 13.28 -13.75 3.32
C VAL E 22 11.89 -14.01 3.90
N SER E 23 11.04 -13.00 4.00
CA SER E 23 9.71 -13.23 4.61
C SER E 23 8.83 -14.16 3.77
N ASP E 24 8.00 -14.94 4.46
CA ASP E 24 7.01 -15.82 3.82
C ASP E 24 6.15 -15.02 2.87
N GLU E 25 5.83 -13.79 3.26
CA GLU E 25 4.90 -12.98 2.47
C GLU E 25 5.50 -12.49 1.16
N ASP E 26 6.79 -12.18 1.16
CA ASP E 26 7.49 -11.87 -0.09
C ASP E 26 7.61 -13.11 -0.98
N ILE E 27 7.82 -14.26 -0.37
CA ILE E 27 7.92 -15.49 -1.16
C ILE E 27 6.59 -15.79 -1.82
N LEU E 28 5.49 -15.58 -1.10
CA LEU E 28 4.15 -15.77 -1.67
C LEU E 28 3.94 -14.84 -2.89
N LYS E 29 4.42 -13.60 -2.79
CA LYS E 29 4.37 -12.70 -3.94
C LYS E 29 5.08 -13.25 -5.15
N ILE E 31 5.61 -16.39 -5.75
CA ILE E 31 4.87 -17.55 -6.21
C ILE E 31 3.59 -17.10 -6.94
N LYS E 32 2.98 -16.02 -6.51
CA LYS E 32 1.81 -15.49 -7.18
C LYS E 32 2.16 -15.07 -8.60
N ALA E 33 3.28 -14.36 -8.72
CA ALA E 33 3.83 -14.03 -10.03
C ALA E 33 4.11 -15.24 -10.90
N ALA E 34 4.77 -16.26 -10.35
CA ALA E 34 5.03 -17.49 -11.06
C ALA E 34 3.75 -18.11 -11.62
N GLY E 35 2.72 -18.11 -10.79
CA GLY E 35 1.45 -18.76 -11.15
C GLY E 35 0.65 -18.01 -12.21
N ALA E 36 1.09 -16.80 -12.53
CA ALA E 36 0.55 -16.02 -13.65
C ALA E 36 1.20 -16.32 -15.00
N ALA E 37 2.22 -17.16 -15.02
CA ALA E 37 2.94 -17.43 -16.25
C ALA E 37 2.01 -18.15 -17.21
N PRO E 38 2.27 -18.01 -18.52
CA PRO E 38 1.48 -18.83 -19.44
C PRO E 38 1.85 -20.32 -19.34
N SER E 39 0.95 -21.18 -19.74
CA SER E 39 1.22 -22.62 -19.78
C SER E 39 0.31 -23.32 -20.75
N GLY E 40 0.81 -24.40 -21.36
CA GLY E 40 0.07 -25.13 -22.36
C GLY E 40 -1.29 -25.51 -21.83
N LYS E 41 -2.33 -25.09 -22.56
CA LYS E 41 -3.73 -25.38 -22.20
C LYS E 41 -4.05 -25.00 -20.74
N ASN E 42 -3.35 -23.98 -20.21
CA ASN E 42 -3.54 -23.50 -18.86
C ASN E 42 -3.32 -24.60 -17.80
N ILE E 43 -2.42 -25.54 -18.07
CA ILE E 43 -2.15 -26.66 -17.17
CA ILE E 43 -2.16 -26.66 -17.17
C ILE E 43 -1.56 -26.20 -15.83
N GLN E 44 -0.80 -25.10 -15.82
CA GLN E 44 -0.23 -24.59 -14.58
C GLN E 44 0.43 -25.72 -13.80
N ASN E 45 1.39 -26.37 -14.46
CA ASN E 45 2.02 -27.59 -13.98
C ASN E 45 3.17 -27.27 -13.05
N TRP E 46 2.82 -26.67 -11.91
CA TRP E 46 3.83 -26.24 -10.95
C TRP E 46 3.30 -26.29 -9.53
N HIS E 47 4.16 -26.65 -8.59
CA HIS E 47 3.88 -26.52 -7.15
C HIS E 47 5.18 -26.16 -6.45
N PHE E 48 5.17 -25.07 -5.70
CA PHE E 48 6.37 -24.58 -5.05
C PHE E 48 6.41 -24.97 -3.58
N VAL E 49 7.38 -25.80 -3.21
CA VAL E 49 7.55 -26.24 -1.82
C VAL E 49 8.62 -25.37 -1.19
N VAL E 50 8.24 -24.54 -0.24
CA VAL E 50 9.19 -23.61 0.38
C VAL E 50 9.78 -24.14 1.68
N ILE E 51 11.10 -24.28 1.72
CA ILE E 51 11.80 -24.81 2.88
C ILE E 51 12.73 -23.77 3.53
N LYS E 52 12.57 -23.55 4.83
CA LYS E 52 13.53 -22.80 5.63
C LYS E 52 14.21 -23.68 6.71
N ARG E 53 13.67 -24.87 6.93
CA ARG E 53 14.17 -25.81 7.96
C ARG E 53 15.58 -26.32 7.61
N ARG E 54 16.59 -25.92 8.37
CA ARG E 54 17.98 -26.26 8.01
C ARG E 54 18.23 -27.77 7.94
N ASP E 55 17.67 -28.53 8.88
CA ASP E 55 18.00 -29.94 8.92
C ASP E 55 17.45 -30.65 7.69
N LEU E 56 16.33 -30.16 7.16
CA LEU E 56 15.79 -30.74 5.93
C LEU E 56 16.65 -30.35 4.75
N GLU E 58 19.76 -29.93 4.90
CA GLU E 58 21.01 -30.71 5.01
C GLU E 58 20.74 -32.16 4.64
N LYS E 59 19.54 -32.64 4.96
CA LYS E 59 19.18 -34.00 4.57
C LYS E 59 19.09 -34.13 3.06
N ILE E 60 18.56 -33.09 2.39
CA ILE E 60 18.50 -33.09 0.92
C ILE E 60 19.93 -33.07 0.36
N ALA E 61 20.80 -32.21 0.90
CA ALA E 61 22.21 -32.25 0.47
C ALA E 61 22.86 -33.65 0.61
N ASP E 62 22.55 -34.34 1.70
CA ASP E 62 23.14 -35.65 1.93
C ASP E 62 22.68 -36.67 0.93
N VAL E 63 21.42 -36.60 0.48
CA VAL E 63 20.96 -37.57 -0.52
C VAL E 63 21.56 -37.25 -1.88
N ILE E 64 21.78 -35.97 -2.19
CA ILE E 64 22.42 -35.65 -3.48
C ILE E 64 23.86 -36.20 -3.45
N THR E 65 24.55 -35.99 -2.35
CA THR E 65 25.92 -36.43 -2.18
C THR E 65 26.03 -37.95 -2.31
N LYS E 66 25.05 -38.68 -1.75
CA LYS E 66 25.10 -40.13 -1.72
C LYS E 66 24.92 -40.68 -3.13
N LYS E 67 23.98 -40.10 -3.87
CA LYS E 67 23.78 -40.49 -5.26
C LYS E 67 24.99 -40.11 -6.13
N GLN E 68 25.49 -38.90 -5.93
CA GLN E 68 26.73 -38.48 -6.57
C GLN E 68 27.87 -39.45 -6.35
N GLN E 69 28.02 -39.94 -5.13
CA GLN E 69 29.16 -40.81 -4.83
C GLN E 69 29.02 -42.15 -5.56
N GLU E 70 27.78 -42.62 -5.71
CA GLU E 70 27.53 -43.86 -6.43
C GLU E 70 27.94 -43.71 -7.90
N ILE E 71 27.75 -42.52 -8.45
CA ILE E 71 28.19 -42.22 -9.82
C ILE E 71 29.72 -42.10 -9.89
N LEU E 72 30.31 -41.34 -8.97
CA LEU E 72 31.78 -41.14 -8.89
C LEU E 72 32.60 -42.42 -8.82
N VAL E 73 32.25 -43.34 -7.92
CA VAL E 73 33.03 -44.56 -7.80
CA VAL E 73 33.01 -44.60 -7.81
C VAL E 73 33.07 -45.35 -9.13
N GLU E 74 32.01 -45.23 -9.92
CA GLU E 74 32.00 -45.83 -11.24
C GLU E 74 32.78 -44.97 -12.28
N ASP E 76 35.40 -43.19 -11.70
CA ASP E 76 36.82 -43.26 -11.39
C ASP E 76 37.43 -44.44 -12.11
N LYS E 77 36.62 -45.45 -12.41
CA LYS E 77 37.10 -46.67 -13.10
C LYS E 77 37.39 -46.41 -14.59
N VAL E 78 36.80 -45.34 -15.11
CA VAL E 78 36.97 -44.95 -16.51
C VAL E 78 37.89 -43.75 -16.63
N SER E 79 37.62 -42.68 -15.88
CA SER E 79 38.43 -41.46 -15.95
C SER E 79 38.41 -40.70 -14.62
N VAL E 80 39.54 -40.69 -13.91
CA VAL E 80 39.64 -39.97 -12.64
C VAL E 80 39.54 -38.46 -12.87
N ASP E 81 40.03 -37.96 -14.01
CA ASP E 81 39.96 -36.51 -14.22
C ASP E 81 38.53 -36.07 -14.46
N LYS E 82 37.79 -36.85 -15.25
CA LYS E 82 36.39 -36.57 -15.42
C LYS E 82 35.62 -36.70 -14.10
N ALA E 83 35.94 -37.71 -13.31
CA ALA E 83 35.32 -37.85 -11.99
C ALA E 83 35.64 -36.59 -11.16
N ASN E 84 36.91 -36.17 -11.21
CA ASN E 84 37.33 -35.00 -10.46
C ASN E 84 36.63 -33.72 -10.89
N ARG E 85 36.35 -33.58 -12.17
CA ARG E 85 35.60 -32.43 -12.66
C ARG E 85 34.17 -32.45 -12.10
N PHE E 86 33.58 -33.63 -12.01
CA PHE E 86 32.24 -33.82 -11.40
C PHE E 86 32.26 -33.47 -9.91
N ARG E 87 33.31 -33.88 -9.22
CA ARG E 87 33.47 -33.55 -7.80
C ARG E 87 33.41 -32.04 -7.57
N LYS E 88 34.16 -31.28 -8.37
CA LYS E 88 34.19 -29.81 -8.20
C LYS E 88 32.87 -29.20 -8.65
N PHE E 89 32.30 -29.75 -9.72
CA PHE E 89 31.05 -29.23 -10.27
C PHE E 89 29.93 -29.26 -9.24
N VAL E 90 29.81 -30.37 -8.52
CA VAL E 90 28.66 -30.52 -7.62
C VAL E 90 28.81 -29.55 -6.44
N LYS E 91 30.04 -29.34 -5.97
CA LYS E 91 30.29 -28.38 -4.90
C LYS E 91 29.92 -26.97 -5.30
N ASN E 92 30.38 -26.57 -6.47
CA ASN E 92 30.24 -25.19 -6.88
C ASN E 92 28.91 -24.89 -7.52
N PHE E 93 28.29 -25.89 -8.16
CA PHE E 93 27.03 -25.65 -8.88
C PHE E 93 25.82 -26.43 -8.38
N THR E 94 25.95 -27.14 -7.26
CA THR E 94 24.79 -27.78 -6.66
C THR E 94 24.72 -27.46 -5.16
N LEU E 95 25.75 -27.82 -4.37
CA LEU E 95 25.58 -27.82 -2.92
C LEU E 95 25.73 -26.42 -2.31
N PHE E 96 26.13 -25.45 -3.12
CA PHE E 96 26.15 -24.05 -2.71
C PHE E 96 24.78 -23.55 -2.21
N TYR E 97 23.66 -24.25 -2.51
CA TYR E 97 22.35 -23.74 -2.11
C TYR E 97 22.24 -23.61 -0.59
N LEU E 98 23.05 -24.39 0.12
CA LEU E 98 23.08 -24.32 1.58
C LEU E 98 23.50 -22.95 2.10
N LYS E 99 24.16 -22.17 1.24
CA LYS E 99 24.53 -20.81 1.62
C LYS E 99 23.34 -19.87 1.75
N ALA E 100 22.18 -20.28 1.25
CA ALA E 100 21.00 -19.42 1.19
C ALA E 100 20.10 -19.74 2.38
N PRO E 101 19.29 -18.77 2.83
CA PRO E 101 18.30 -19.06 3.86
C PRO E 101 17.07 -19.83 3.42
N VAL E 102 16.74 -19.85 2.12
CA VAL E 102 15.54 -20.52 1.64
C VAL E 102 15.91 -21.44 0.51
N LEU E 103 15.36 -22.65 0.54
CA LEU E 103 15.38 -23.57 -0.59
C LEU E 103 13.94 -23.75 -1.08
N VAL E 104 13.70 -23.51 -2.36
CA VAL E 104 12.38 -23.76 -2.93
C VAL E 104 12.48 -24.98 -3.86
N LEU E 105 11.71 -26.00 -3.58
CA LEU E 105 11.64 -27.14 -4.50
C LEU E 105 10.47 -26.91 -5.44
N VAL E 106 10.71 -26.86 -6.74
CA VAL E 106 9.67 -26.60 -7.72
C VAL E 106 9.29 -27.93 -8.35
N PHE E 107 8.11 -28.41 -7.93
CA PHE E 107 7.54 -29.63 -8.47
C PHE E 107 6.80 -29.29 -9.72
N THR E 108 6.66 -30.28 -10.60
CA THR E 108 6.00 -30.12 -11.87
C THR E 108 5.38 -31.48 -12.24
N LYS E 109 4.62 -31.50 -13.34
CA LYS E 109 4.05 -32.73 -13.88
C LYS E 109 4.10 -32.73 -15.38
N VAL E 110 3.99 -33.92 -15.98
CA VAL E 110 4.05 -34.02 -17.42
C VAL E 110 2.85 -33.33 -18.03
N TYR E 111 3.07 -32.62 -19.11
CA TYR E 111 2.02 -32.04 -19.92
C TYR E 111 2.08 -32.74 -21.25
N ASN E 112 1.03 -33.46 -21.61
CA ASN E 112 0.99 -34.07 -22.92
C ASN E 112 0.46 -33.03 -23.93
N PRO E 113 1.33 -32.61 -24.87
CA PRO E 113 1.03 -31.43 -25.68
C PRO E 113 0.09 -31.72 -26.84
N SER E 114 -0.31 -30.66 -27.56
CA SER E 114 -1.11 -30.80 -28.77
C SER E 114 -0.44 -31.74 -29.73
N GLY E 115 -1.27 -32.61 -30.30
CA GLY E 115 -0.81 -33.69 -31.13
C GLY E 115 -0.71 -35.03 -30.44
N TYR E 116 -0.47 -35.02 -29.14
CA TYR E 116 -0.24 -36.26 -28.43
C TYR E 116 -1.44 -37.19 -28.48
N TYR E 117 -2.58 -36.72 -28.01
CA TYR E 117 -3.79 -37.61 -27.99
C TYR E 117 -4.31 -37.91 -29.39
N GLU E 118 -4.17 -36.94 -30.27
CA GLU E 118 -4.56 -37.14 -31.68
C GLU E 118 -3.71 -38.22 -32.33
N LEU E 119 -2.40 -38.17 -32.12
CA LEU E 119 -1.54 -39.21 -32.66
C LEU E 119 -1.74 -40.54 -31.94
N GLU E 120 -2.01 -40.49 -30.64
CA GLU E 120 -2.30 -41.75 -29.94
C GLU E 120 -3.61 -42.36 -30.46
N LEU E 121 -4.60 -41.53 -30.73
CA LEU E 121 -5.89 -42.05 -31.24
C LEU E 121 -5.69 -42.97 -32.44
N ILE E 122 -4.81 -42.54 -33.34
CA ILE E 122 -4.54 -43.25 -34.58
C ILE E 122 -3.35 -44.23 -34.50
N ASP E 123 -2.93 -44.57 -33.29
CA ASP E 123 -1.80 -45.49 -33.06
C ASP E 123 -0.51 -45.12 -33.84
N ALA E 124 -0.17 -43.84 -33.82
CA ALA E 124 1.05 -43.38 -34.46
C ALA E 124 2.24 -43.99 -33.71
N PRO E 125 3.36 -44.21 -34.39
CA PRO E 125 4.50 -44.81 -33.70
C PRO E 125 4.99 -43.95 -32.53
N LYS E 126 5.45 -44.57 -31.45
CA LYS E 126 5.97 -43.82 -30.31
C LYS E 126 7.08 -42.86 -30.72
N GLU E 127 7.92 -43.28 -31.65
CA GLU E 127 9.00 -42.44 -32.19
C GLU E 127 8.49 -41.12 -32.79
N THR E 128 7.29 -41.13 -33.36
CA THR E 128 6.71 -39.88 -33.87
C THR E 128 6.19 -39.03 -32.74
N ILE E 129 5.54 -39.66 -31.78
CA ILE E 129 4.95 -38.91 -30.68
C ILE E 129 6.07 -38.30 -29.82
N ASP E 130 7.17 -39.05 -29.65
CA ASP E 130 8.32 -38.61 -28.86
C ASP E 130 8.90 -37.31 -29.39
N LYS E 131 8.79 -37.06 -30.70
CA LYS E 131 9.26 -35.79 -31.29
C LYS E 131 8.58 -34.58 -30.68
N LEU E 132 7.36 -34.73 -30.20
CA LEU E 132 6.70 -33.59 -29.56
C LEU E 132 7.42 -33.17 -28.28
N PHE E 133 8.09 -34.09 -27.63
CA PHE E 133 8.72 -33.82 -26.33
C PHE E 133 10.17 -33.32 -26.41
N ILE E 134 10.79 -33.35 -27.60
CA ILE E 134 12.14 -32.80 -27.72
C ILE E 134 12.11 -31.28 -27.45
N ARG E 135 10.93 -30.68 -27.63
CA ARG E 135 10.74 -29.27 -27.26
C ARG E 135 9.77 -29.10 -26.09
N ASN E 136 9.65 -30.16 -25.30
CA ASN E 136 8.82 -30.25 -24.11
C ASN E 136 8.08 -29.00 -23.71
N PRO E 137 6.88 -28.79 -24.29
CA PRO E 137 6.08 -27.59 -23.90
C PRO E 137 5.71 -27.47 -22.43
N GLY E 138 5.49 -28.58 -21.77
CA GLY E 138 5.30 -28.58 -20.33
C GLY E 138 6.46 -27.94 -19.58
N GLN E 140 8.74 -25.81 -21.06
CA GLN E 140 8.70 -24.42 -21.46
C GLN E 140 7.82 -23.65 -20.50
N SER E 141 6.62 -24.19 -20.24
CA SER E 141 5.67 -23.60 -19.28
C SER E 141 6.28 -23.40 -17.88
N LEU E 142 6.89 -24.46 -17.35
CA LEU E 142 7.55 -24.38 -16.05
C LEU E 142 8.64 -23.29 -16.05
N GLY E 143 9.37 -23.19 -17.16
CA GLY E 143 10.43 -22.20 -17.27
C GLY E 143 9.87 -20.80 -17.21
N ALA E 144 8.71 -20.58 -17.83
CA ALA E 144 8.06 -19.26 -17.77
C ALA E 144 7.68 -18.87 -16.33
N ALA E 145 7.13 -19.84 -15.60
CA ALA E 145 6.75 -19.69 -14.19
C ALA E 145 7.96 -19.36 -13.30
N ILE E 146 9.02 -20.15 -13.45
CA ILE E 146 10.25 -19.92 -12.65
C ILE E 146 10.92 -18.60 -13.02
N GLU E 147 10.85 -18.21 -14.29
CA GLU E 147 11.41 -16.90 -14.67
C GLU E 147 10.59 -15.78 -14.06
N ASN E 148 9.24 -15.91 -14.04
CA ASN E 148 8.43 -14.91 -13.32
C ASN E 148 8.79 -14.82 -11.83
N PHE E 149 8.97 -15.97 -11.19
CA PHE E 149 9.44 -16.03 -9.80
C PHE E 149 10.75 -15.27 -9.64
N THR E 150 11.71 -15.65 -10.49
CA THR E 150 13.07 -15.13 -10.49
C THR E 150 13.12 -13.59 -10.57
N LEU E 151 12.39 -13.03 -11.55
CA LEU E 151 12.38 -11.57 -11.73
C LEU E 151 11.71 -10.90 -10.54
N SER E 152 10.62 -11.48 -10.06
CA SER E 152 9.92 -10.94 -8.89
C SER E 152 10.78 -10.91 -7.64
N ALA E 153 11.57 -11.96 -7.42
CA ALA E 153 12.56 -11.99 -6.34
C ALA E 153 13.46 -10.74 -6.34
N ILE E 154 13.92 -10.37 -7.53
CA ILE E 154 14.80 -9.23 -7.71
C ILE E 154 14.06 -7.94 -7.41
N GLU E 155 12.85 -7.81 -7.94
CA GLU E 155 12.09 -6.59 -7.65
C GLU E 155 11.95 -6.37 -6.13
N LEU E 156 11.80 -7.47 -5.41
CA LEU E 156 11.59 -7.43 -3.95
C LEU E 156 12.86 -7.27 -3.10
N GLY E 157 14.03 -7.18 -3.73
CA GLY E 157 15.27 -6.97 -3.01
C GLY E 157 16.10 -8.20 -2.78
N TYR E 158 15.73 -9.29 -3.44
CA TYR E 158 16.39 -10.59 -3.25
C TYR E 158 17.01 -11.07 -4.56
N GLY E 159 17.46 -12.32 -4.55
CA GLY E 159 18.05 -12.89 -5.73
C GLY E 159 18.07 -14.38 -5.58
N SER E 160 18.39 -15.05 -6.66
CA SER E 160 18.34 -16.50 -6.62
C SER E 160 19.19 -17.17 -7.67
N CYS E 161 19.35 -18.48 -7.50
CA CYS E 161 19.87 -19.33 -8.56
C CYS E 161 18.87 -20.44 -8.80
N TRP E 162 18.66 -20.75 -10.08
CA TRP E 162 17.83 -21.83 -10.57
C TRP E 162 18.73 -23.07 -10.64
N LEU E 163 18.24 -24.21 -10.20
CA LEU E 163 19.05 -25.44 -10.19
C LEU E 163 18.31 -26.65 -10.75
N THR E 164 18.93 -27.31 -11.72
CA THR E 164 18.49 -28.63 -12.16
C THR E 164 19.60 -29.65 -12.05
N SER E 165 20.77 -29.27 -11.55
CA SER E 165 21.90 -30.20 -11.55
C SER E 165 21.77 -31.35 -10.54
N GLN E 166 20.87 -31.19 -9.58
CA GLN E 166 20.56 -32.20 -8.58
C GLN E 166 19.71 -33.36 -9.11
N ASN E 167 19.17 -33.26 -10.33
CA ASN E 167 18.05 -34.12 -10.74
C ASN E 167 18.37 -35.57 -11.00
N TYR E 168 19.66 -35.91 -11.07
CA TYR E 168 20.03 -37.32 -11.06
C TYR E 168 19.66 -37.97 -9.70
N ALA E 169 19.35 -37.16 -8.69
CA ALA E 169 18.93 -37.64 -7.36
C ALA E 169 17.49 -37.20 -7.00
N ALA E 170 16.70 -36.87 -8.02
CA ALA E 170 15.35 -36.33 -7.80
C ALA E 170 14.47 -37.27 -7.00
N ASP E 171 14.48 -38.56 -7.32
CA ASP E 171 13.64 -39.49 -6.61
C ASP E 171 14.00 -39.52 -5.14
N GLU E 172 15.30 -39.48 -4.88
CA GLU E 172 15.81 -39.55 -3.52
C GLU E 172 15.48 -38.30 -2.75
N ILE E 173 15.51 -37.15 -3.42
CA ILE E 173 15.11 -35.85 -2.81
C ILE E 173 13.63 -35.87 -2.42
N GLU E 174 12.82 -36.34 -3.35
CA GLU E 174 11.39 -36.49 -3.11
C GLU E 174 11.12 -37.42 -1.93
N ALA E 175 11.85 -38.55 -1.84
CA ALA E 175 11.70 -39.49 -0.72
C ALA E 175 11.98 -38.84 0.65
N VAL E 176 13.08 -38.10 0.76
CA VAL E 176 13.39 -37.39 2.00
C VAL E 176 12.29 -36.40 2.35
N LEU E 177 11.90 -35.59 1.38
CA LEU E 177 10.87 -34.58 1.62
C LEU E 177 9.61 -35.27 2.16
N GLU E 178 9.23 -36.38 1.55
CA GLU E 178 8.01 -37.07 1.97
C GLU E 178 8.12 -37.62 3.37
N ALA E 179 9.27 -38.27 3.62
CA ALA E 179 9.52 -38.95 4.90
C ALA E 179 9.58 -37.95 6.06
N GLU E 180 10.07 -36.75 5.78
CA GLU E 180 10.33 -35.73 6.81
C GLU E 180 9.20 -34.73 7.04
N THR E 181 8.31 -34.56 6.08
CA THR E 181 7.29 -33.51 6.16
C THR E 181 5.85 -33.97 5.94
N GLY E 182 5.65 -35.16 5.36
CA GLY E 182 4.33 -35.59 4.98
C GLY E 182 3.79 -35.06 3.67
N PHE E 183 4.56 -34.21 2.99
CA PHE E 183 4.20 -33.73 1.67
C PHE E 183 3.83 -34.88 0.75
N GLU E 184 2.71 -34.75 0.02
CA GLU E 184 2.32 -35.78 -0.95
CA GLU E 184 2.27 -35.77 -0.93
C GLU E 184 2.40 -35.21 -2.36
N LYS E 185 3.42 -35.65 -3.11
CA LYS E 185 3.67 -35.13 -4.46
C LYS E 185 2.63 -35.55 -5.49
N GLY E 186 1.90 -36.64 -5.23
CA GLY E 186 0.96 -37.19 -6.20
C GLY E 186 1.64 -37.55 -7.52
N GLU E 187 1.11 -37.05 -8.62
CA GLU E 187 1.69 -37.23 -9.94
C GLU E 187 2.85 -36.28 -10.21
N TYR E 188 3.11 -35.35 -9.31
CA TYR E 188 4.16 -34.39 -9.51
C TYR E 188 5.55 -34.97 -9.17
N PHE E 189 6.56 -34.36 -9.77
CA PHE E 189 7.97 -34.74 -9.53
C PHE E 189 8.83 -33.48 -9.49
N LEU E 190 10.05 -33.60 -8.95
CA LEU E 190 10.92 -32.44 -8.82
C LEU E 190 11.32 -31.93 -10.19
N GLY E 191 11.08 -30.65 -10.45
CA GLY E 191 11.50 -29.98 -11.68
C GLY E 191 12.81 -29.23 -11.59
N ALA E 192 12.92 -28.43 -10.53
CA ALA E 192 14.06 -27.56 -10.30
C ALA E 192 14.08 -27.18 -8.82
N LEU E 194 15.26 -23.68 -6.31
CA LEU E 194 15.76 -22.31 -6.25
C LEU E 194 16.44 -22.08 -4.90
N ALA E 195 17.68 -21.58 -4.97
CA ALA E 195 18.39 -21.02 -3.83
C ALA E 195 18.02 -19.56 -3.77
N LEU E 196 17.40 -19.14 -2.68
CA LEU E 196 16.81 -17.82 -2.58
C LEU E 196 17.27 -17.08 -1.33
N GLY E 197 17.63 -15.80 -1.50
CA GLY E 197 18.09 -14.97 -0.38
C GLY E 197 18.42 -13.53 -0.78
N VAL E 198 19.09 -12.84 0.12
CA VAL E 198 19.59 -11.52 -0.23
C VAL E 198 20.99 -11.73 -0.83
N PRO E 199 21.22 -11.29 -2.09
CA PRO E 199 22.51 -11.56 -2.69
C PRO E 199 23.64 -10.74 -2.10
N GLU E 200 24.83 -11.31 -2.11
CA GLU E 200 26.04 -10.53 -1.93
C GLU E 200 26.25 -9.61 -3.13
N ASP E 201 27.11 -8.61 -2.95
CA ASP E 201 27.37 -7.63 -4.00
C ASP E 201 28.43 -8.11 -4.99
N ASN E 202 28.50 -7.44 -6.14
CA ASN E 202 29.55 -7.65 -7.12
C ASN E 202 29.71 -9.11 -7.50
N LEU E 203 28.59 -9.73 -7.85
CA LEU E 203 28.59 -11.10 -8.36
C LEU E 203 28.86 -11.14 -9.86
N LYS E 204 29.30 -12.28 -10.34
CA LYS E 204 29.74 -12.38 -11.72
C LYS E 204 28.89 -13.35 -12.52
N SER E 205 28.72 -13.01 -13.79
CA SER E 205 27.99 -13.82 -14.75
C SER E 205 28.88 -13.97 -15.97
N PRO E 206 28.73 -15.09 -16.67
CA PRO E 206 29.53 -15.34 -17.85
C PRO E 206 29.15 -14.47 -19.04
N SER E 207 30.08 -14.35 -19.97
CA SER E 207 29.84 -13.60 -21.19
CA SER E 207 29.83 -13.58 -21.18
C SER E 207 28.70 -14.25 -21.96
N LYS E 208 27.95 -13.43 -22.69
CA LYS E 208 26.80 -13.91 -23.43
C LYS E 208 26.99 -13.74 -24.93
N LYS E 209 26.22 -14.49 -25.71
CA LYS E 209 26.20 -14.33 -27.16
C LYS E 209 25.78 -12.90 -27.50
N PRO E 210 26.34 -12.30 -28.55
CA PRO E 210 25.83 -11.01 -29.00
C PRO E 210 24.44 -11.22 -29.59
N VAL E 211 23.58 -10.22 -29.41
CA VAL E 211 22.19 -10.36 -29.85
C VAL E 211 22.08 -10.69 -31.33
N GLU E 212 22.98 -10.16 -32.17
CA GLU E 212 22.93 -10.45 -33.60
C GLU E 212 23.04 -11.96 -33.88
N GLU E 213 23.68 -12.72 -32.99
CA GLU E 213 23.86 -14.16 -33.22
C GLU E 213 22.59 -14.98 -32.89
N ILE E 214 21.73 -14.44 -32.05
CA ILE E 214 20.56 -15.20 -31.62
C ILE E 214 19.30 -14.80 -32.35
N CYS E 215 19.43 -14.00 -33.41
CA CYS E 215 18.26 -13.75 -34.23
C CYS E 215 18.52 -13.65 -35.70
N THR E 216 17.44 -13.82 -36.46
CA THR E 216 17.43 -13.59 -37.91
C THR E 216 16.14 -12.85 -38.27
N PHE E 217 16.27 -11.66 -38.86
CA PHE E 217 15.14 -10.92 -39.43
C PHE E 217 14.98 -11.26 -40.90
N ILE E 218 14.03 -12.14 -41.18
CA ILE E 218 13.74 -12.57 -42.55
C ILE E 218 13.20 -11.38 -43.32
N LYS E 219 13.74 -11.19 -44.52
CA LYS E 219 13.19 -10.20 -45.42
C LYS E 219 12.60 -10.85 -46.69
N GLY F 1 8.51 3.17 -19.66
CA GLY F 1 8.61 1.74 -19.18
C GLY F 1 7.44 1.30 -18.30
N GLU F 3 6.24 -1.27 -14.73
CA GLU F 3 6.68 -1.98 -13.51
C GLU F 3 6.50 -3.49 -13.69
N LEU F 4 7.37 -4.29 -13.09
CA LEU F 4 7.39 -5.75 -13.34
C LEU F 4 6.04 -6.43 -13.04
N GLN F 5 5.49 -6.25 -11.84
CA GLN F 5 4.24 -6.92 -11.50
C GLN F 5 3.11 -6.51 -12.44
N ASP F 6 3.07 -5.24 -12.80
CA ASP F 6 2.06 -4.75 -13.76
C ASP F 6 2.18 -5.54 -15.08
N THR F 7 3.39 -5.75 -15.56
CA THR F 7 3.58 -6.50 -16.82
CA THR F 7 3.59 -6.47 -16.79
C THR F 7 3.22 -7.96 -16.63
N ILE F 8 3.64 -8.55 -15.53
CA ILE F 8 3.32 -9.95 -15.27
C ILE F 8 1.81 -10.22 -15.22
N PHE F 9 1.05 -9.34 -14.58
CA PHE F 9 -0.40 -9.54 -14.42
C PHE F 9 -1.25 -9.04 -15.57
N LYS F 10 -0.67 -8.24 -16.44
CA LYS F 10 -1.34 -7.81 -17.68
C LYS F 10 -1.22 -8.83 -18.81
N ARG F 11 -0.25 -9.72 -18.69
CA ARG F 11 0.06 -10.68 -19.71
C ARG F 11 -1.09 -11.62 -19.92
N GLN F 12 -1.58 -11.65 -21.16
CA GLN F 12 -2.52 -12.64 -21.64
C GLN F 12 -2.00 -13.28 -22.91
N SER F 13 -2.58 -14.42 -23.26
CA SER F 13 -2.41 -15.00 -24.57
C SER F 13 -3.27 -14.26 -25.59
N VAL F 14 -2.63 -13.44 -26.41
CA VAL F 14 -3.34 -12.56 -27.35
C VAL F 14 -3.60 -13.28 -28.68
N ARG F 15 -4.87 -13.41 -29.08
CA ARG F 15 -5.19 -14.06 -30.34
C ARG F 15 -6.03 -13.19 -31.30
N LYS F 16 -6.18 -11.91 -30.97
CA LYS F 16 -6.79 -10.92 -31.82
C LYS F 16 -5.97 -9.65 -31.73
N PHE F 17 -5.70 -9.06 -32.90
CA PHE F 17 -4.73 -7.98 -33.01
C PHE F 17 -5.27 -6.80 -33.79
N LYS F 18 -4.83 -5.61 -33.41
CA LYS F 18 -5.20 -4.42 -34.15
C LYS F 18 -4.38 -4.35 -35.41
N ASN F 19 -4.83 -3.52 -36.33
CA ASN F 19 -4.14 -3.30 -37.58
C ASN F 19 -3.04 -2.27 -37.37
N GLN F 20 -1.94 -2.70 -36.74
CA GLN F 20 -0.84 -1.78 -36.40
C GLN F 20 0.46 -2.54 -36.52
N ASP F 21 1.54 -1.86 -36.90
CA ASP F 21 2.77 -2.64 -37.07
CA ASP F 21 2.86 -2.45 -37.12
C ASP F 21 3.61 -2.70 -35.80
N VAL F 22 4.61 -3.56 -35.85
CA VAL F 22 5.57 -3.76 -34.76
C VAL F 22 6.94 -3.42 -35.34
N SER F 23 7.60 -2.40 -34.81
CA SER F 23 8.91 -2.04 -35.36
C SER F 23 9.95 -3.11 -35.13
N ASP F 24 10.81 -3.30 -36.14
CA ASP F 24 11.98 -4.18 -36.01
C ASP F 24 12.78 -3.79 -34.76
N GLU F 25 12.91 -2.48 -34.50
CA GLU F 25 13.66 -2.02 -33.34
C GLU F 25 13.09 -2.56 -32.03
N ASP F 26 11.76 -2.54 -31.91
CA ASP F 26 11.10 -3.01 -30.71
C ASP F 26 11.24 -4.52 -30.62
N ILE F 27 11.17 -5.22 -31.76
CA ILE F 27 11.33 -6.66 -31.73
C ILE F 27 12.76 -7.01 -31.27
N LEU F 28 13.75 -6.26 -31.73
CA LEU F 28 15.10 -6.54 -31.24
C LEU F 28 15.21 -6.30 -29.72
N LYS F 29 14.52 -5.29 -29.18
CA LYS F 29 14.49 -5.13 -27.72
C LYS F 29 13.96 -6.38 -26.99
N ILE F 31 14.11 -9.46 -28.10
CA ILE F 31 15.10 -10.53 -28.27
C ILE F 31 16.28 -10.32 -27.33
N LYS F 32 16.69 -9.07 -27.12
CA LYS F 32 17.76 -8.76 -26.15
C LYS F 32 17.34 -9.23 -24.76
N ALA F 33 16.06 -9.02 -24.44
CA ALA F 33 15.54 -9.42 -23.15
C ALA F 33 15.56 -10.94 -23.04
N ALA F 34 15.11 -11.62 -24.11
CA ALA F 34 15.22 -13.06 -24.21
C ALA F 34 16.64 -13.56 -23.95
N GLY F 35 17.58 -12.89 -24.59
CA GLY F 35 18.98 -13.30 -24.58
C GLY F 35 19.62 -13.19 -23.22
N ALA F 36 19.04 -12.35 -22.37
CA ALA F 36 19.44 -12.17 -21.01
C ALA F 36 18.88 -13.24 -20.06
N ALA F 37 18.05 -14.17 -20.53
CA ALA F 37 17.49 -15.22 -19.65
C ALA F 37 18.57 -16.21 -19.11
N PRO F 38 18.29 -16.82 -17.95
CA PRO F 38 19.20 -17.88 -17.51
C PRO F 38 19.10 -19.10 -18.41
N SER F 39 20.14 -19.94 -18.42
CA SER F 39 20.09 -21.17 -19.19
C SER F 39 21.09 -22.16 -18.63
N GLY F 40 20.75 -23.45 -18.71
CA GLY F 40 21.61 -24.48 -18.17
C GLY F 40 23.02 -24.35 -18.74
N LYS F 41 24.00 -24.19 -17.85
CA LYS F 41 25.41 -24.05 -18.23
C LYS F 41 25.62 -22.96 -19.27
N ASN F 42 24.79 -21.93 -19.24
CA ASN F 42 24.90 -20.82 -20.19
C ASN F 42 24.81 -21.28 -21.65
N ILE F 43 24.08 -22.36 -21.91
CA ILE F 43 23.98 -22.85 -23.29
CA ILE F 43 23.92 -22.87 -23.28
C ILE F 43 23.26 -21.86 -24.23
N GLN F 44 22.37 -21.02 -23.69
CA GLN F 44 21.68 -20.02 -24.50
C GLN F 44 21.09 -20.66 -25.77
N ASN F 45 20.26 -21.66 -25.54
CA ASN F 45 19.77 -22.54 -26.62
C ASN F 45 18.54 -21.94 -27.27
N TRP F 46 18.75 -20.84 -27.99
CA TRP F 46 17.63 -20.14 -28.59
C TRP F 46 18.06 -19.35 -29.82
N HIS F 47 17.14 -19.22 -30.77
CA HIS F 47 17.36 -18.40 -31.95
C HIS F 47 16.03 -17.95 -32.47
N PHE F 48 15.84 -16.64 -32.54
CA PHE F 48 14.54 -16.07 -32.89
C PHE F 48 14.54 -15.66 -34.36
N VAL F 49 13.67 -16.29 -35.16
CA VAL F 49 13.51 -15.95 -36.58
C VAL F 49 12.26 -15.12 -36.73
N VAL F 50 12.42 -13.87 -37.14
CA VAL F 50 11.33 -12.90 -37.16
C VAL F 50 10.80 -12.78 -38.59
N ILE F 51 9.50 -12.99 -38.78
CA ILE F 51 8.88 -12.99 -40.09
C ILE F 51 7.73 -12.01 -40.14
N LYS F 52 7.73 -11.15 -41.17
CA LYS F 52 6.60 -10.25 -41.45
C LYS F 52 5.96 -10.52 -42.81
N ARG F 53 6.68 -11.14 -43.74
CA ARG F 53 6.10 -11.34 -45.07
C ARG F 53 4.96 -12.33 -45.07
N ARG F 54 3.83 -11.91 -45.64
CA ARG F 54 2.61 -12.71 -45.61
C ARG F 54 2.74 -13.99 -46.39
N ASP F 55 3.45 -13.96 -47.50
CA ASP F 55 3.54 -15.15 -48.32
C ASP F 55 4.18 -16.28 -47.48
N LEU F 56 5.20 -15.96 -46.69
CA LEU F 56 5.88 -16.95 -45.90
C LEU F 56 5.01 -17.45 -44.73
N GLU F 58 1.80 -17.58 -44.78
CA GLU F 58 0.75 -18.40 -45.39
C GLU F 58 1.31 -19.78 -45.81
N LYS F 59 2.55 -19.81 -46.31
CA LYS F 59 3.16 -21.08 -46.71
CA LYS F 59 3.17 -21.07 -46.71
C LYS F 59 3.38 -21.96 -45.50
N ILE F 60 3.70 -21.33 -44.37
CA ILE F 60 3.82 -22.07 -43.12
C ILE F 60 2.45 -22.62 -42.68
N ALA F 61 1.41 -21.82 -42.79
CA ALA F 61 0.03 -22.27 -42.51
C ALA F 61 -0.34 -23.47 -43.36
N ASP F 62 0.01 -23.40 -44.65
CA ASP F 62 -0.29 -24.50 -45.57
C ASP F 62 0.38 -25.81 -45.21
N VAL F 63 1.63 -25.77 -44.73
CA VAL F 63 2.28 -27.03 -44.38
C VAL F 63 1.71 -27.59 -43.09
N ILE F 64 1.35 -26.70 -42.16
CA ILE F 64 0.63 -27.11 -40.95
C ILE F 64 -0.65 -27.84 -41.36
N THR F 65 -1.45 -27.19 -42.21
CA THR F 65 -2.72 -27.75 -42.67
C THR F 65 -2.51 -29.07 -43.40
N LYS F 66 -1.48 -29.16 -44.22
CA LYS F 66 -1.23 -30.39 -44.95
C LYS F 66 -0.95 -31.57 -43.99
N LYS F 67 -0.13 -31.32 -42.98
CA LYS F 67 0.22 -32.33 -41.98
C LYS F 67 -1.01 -32.71 -41.16
N GLN F 68 -1.75 -31.69 -40.74
CA GLN F 68 -3.00 -31.86 -40.02
C GLN F 68 -4.00 -32.75 -40.78
N GLN F 69 -4.14 -32.53 -42.07
CA GLN F 69 -5.08 -33.28 -42.87
C GLN F 69 -4.67 -34.75 -42.98
N GLU F 70 -3.37 -35.04 -43.02
CA GLU F 70 -2.92 -36.42 -43.03
C GLU F 70 -3.36 -37.12 -41.74
N ILE F 71 -3.25 -36.41 -40.62
CA ILE F 71 -3.67 -36.91 -39.31
C ILE F 71 -5.20 -37.08 -39.29
N LEU F 72 -5.92 -36.09 -39.80
CA LEU F 72 -7.39 -36.13 -39.87
C LEU F 72 -7.96 -37.28 -40.70
N VAL F 73 -7.33 -37.60 -41.84
CA VAL F 73 -7.78 -38.75 -42.61
C VAL F 73 -7.77 -40.03 -41.76
N GLU F 74 -6.79 -40.19 -40.89
CA GLU F 74 -6.75 -41.35 -40.02
C GLU F 74 -7.66 -41.21 -38.80
N ASP F 76 -10.50 -39.66 -38.71
CA ASP F 76 -11.87 -39.82 -39.18
C ASP F 76 -12.28 -41.28 -39.22
N LYS F 77 -11.32 -42.18 -39.44
CA LYS F 77 -11.57 -43.62 -39.41
C LYS F 77 -11.84 -44.12 -37.99
N VAL F 78 -11.47 -43.38 -36.97
CA VAL F 78 -11.55 -43.87 -35.59
C VAL F 78 -12.71 -43.19 -34.86
N SER F 79 -12.73 -41.87 -34.91
CA SER F 79 -13.74 -41.08 -34.24
C SER F 79 -13.90 -39.77 -34.96
N VAL F 80 -15.01 -39.59 -35.66
CA VAL F 80 -15.30 -38.32 -36.31
C VAL F 80 -15.45 -37.20 -35.28
N ASP F 81 -15.99 -37.54 -34.10
CA ASP F 81 -16.11 -36.58 -33.01
C ASP F 81 -14.75 -35.99 -32.67
N LYS F 82 -13.75 -36.85 -32.47
CA LYS F 82 -12.45 -36.41 -32.06
C LYS F 82 -11.75 -35.63 -33.18
N ALA F 83 -11.90 -36.13 -34.41
CA ALA F 83 -11.40 -35.46 -35.61
C ALA F 83 -11.96 -34.04 -35.72
N ASN F 84 -13.28 -33.89 -35.57
CA ASN F 84 -13.89 -32.57 -35.69
C ASN F 84 -13.46 -31.62 -34.61
N ARG F 85 -13.21 -32.13 -33.41
CA ARG F 85 -12.69 -31.25 -32.34
C ARG F 85 -11.29 -30.76 -32.68
N PHE F 86 -10.50 -31.60 -33.34
CA PHE F 86 -9.14 -31.22 -33.76
C PHE F 86 -9.18 -30.22 -34.93
N ARG F 87 -10.17 -30.37 -35.82
CA ARG F 87 -10.40 -29.36 -36.88
C ARG F 87 -10.66 -27.98 -36.25
N LYS F 88 -11.53 -27.94 -35.25
CA LYS F 88 -11.84 -26.66 -34.57
C LYS F 88 -10.63 -26.15 -33.79
N PHE F 89 -9.88 -27.08 -33.20
CA PHE F 89 -8.75 -26.75 -32.35
C PHE F 89 -7.69 -26.06 -33.20
N VAL F 90 -7.34 -26.65 -34.33
CA VAL F 90 -6.26 -26.07 -35.12
C VAL F 90 -6.65 -24.66 -35.65
N LYS F 91 -7.89 -24.48 -36.04
CA LYS F 91 -8.35 -23.17 -36.53
C LYS F 91 -8.26 -22.10 -35.44
N ASN F 92 -8.73 -22.42 -34.24
CA ASN F 92 -8.84 -21.40 -33.17
C ASN F 92 -7.56 -21.20 -32.35
N PHE F 93 -6.73 -22.23 -32.29
CA PHE F 93 -5.52 -22.21 -31.43
C PHE F 93 -4.21 -22.49 -32.15
N THR F 94 -4.24 -22.55 -33.49
CA THR F 94 -2.99 -22.56 -34.24
C THR F 94 -3.04 -21.50 -35.32
N LEU F 95 -3.92 -21.64 -36.29
CA LEU F 95 -3.88 -20.76 -37.47
C LEU F 95 -4.35 -19.30 -37.23
N PHE F 96 -4.81 -18.99 -36.04
CA PHE F 96 -5.12 -17.58 -35.70
C PHE F 96 -3.87 -16.71 -35.75
N TYR F 97 -2.68 -17.30 -35.75
CA TYR F 97 -1.46 -16.50 -35.80
C TYR F 97 -1.44 -15.58 -37.04
N LEU F 98 -2.10 -16.02 -38.10
CA LEU F 98 -2.24 -15.20 -39.31
C LEU F 98 -2.89 -13.83 -39.07
N LYS F 99 -3.63 -13.69 -37.98
CA LYS F 99 -4.23 -12.41 -37.58
C LYS F 99 -3.26 -11.37 -37.07
N ALA F 100 -2.02 -11.78 -36.78
CA ALA F 100 -1.00 -10.87 -36.25
C ALA F 100 -0.12 -10.37 -37.39
N PRO F 101 0.52 -9.20 -37.21
CA PRO F 101 1.46 -8.72 -38.19
C PRO F 101 2.84 -9.42 -38.19
N VAL F 102 3.19 -10.07 -37.10
CA VAL F 102 4.55 -10.68 -36.96
C VAL F 102 4.43 -12.10 -36.46
N LEU F 103 5.14 -13.01 -37.11
CA LEU F 103 5.30 -14.37 -36.65
C LEU F 103 6.76 -14.52 -36.26
N VAL F 104 7.03 -14.95 -35.04
CA VAL F 104 8.39 -15.29 -34.65
C VAL F 104 8.52 -16.81 -34.47
N LEU F 105 9.45 -17.44 -35.19
CA LEU F 105 9.75 -18.85 -34.98
C LEU F 105 10.91 -18.96 -34.00
N VAL F 106 10.68 -19.62 -32.87
CA VAL F 106 11.70 -19.71 -31.82
C VAL F 106 12.31 -21.08 -31.97
N PHE F 107 13.54 -21.08 -32.49
CA PHE F 107 14.34 -22.28 -32.66
C PHE F 107 15.13 -22.52 -31.37
N THR F 108 15.49 -23.77 -31.13
CA THR F 108 16.16 -24.18 -29.91
C THR F 108 17.01 -25.38 -30.26
N LYS F 109 17.79 -25.87 -29.30
CA LYS F 109 18.51 -27.11 -29.49
C LYS F 109 18.48 -27.91 -28.19
N VAL F 110 18.82 -29.20 -28.27
CA VAL F 110 18.83 -30.08 -27.10
C VAL F 110 19.94 -29.63 -26.16
N TYR F 111 19.61 -29.55 -24.87
CA TYR F 111 20.60 -29.39 -23.83
C TYR F 111 20.70 -30.69 -23.04
N ASN F 112 21.86 -31.32 -23.07
CA ASN F 112 22.09 -32.51 -22.26
C ASN F 112 22.48 -32.05 -20.87
N PRO F 113 21.62 -32.29 -19.87
CA PRO F 113 21.81 -31.67 -18.57
C PRO F 113 22.80 -32.39 -17.66
N SER F 114 23.05 -31.81 -16.49
CA SER F 114 23.94 -32.40 -15.50
C SER F 114 23.53 -33.85 -15.21
N GLY F 115 24.51 -34.73 -15.15
CA GLY F 115 24.25 -36.14 -14.98
C GLY F 115 24.33 -36.87 -16.31
N TYR F 116 24.08 -36.18 -17.43
CA TYR F 116 23.96 -36.90 -18.69
C TYR F 116 25.27 -37.52 -19.11
N TYR F 117 26.33 -36.75 -19.24
CA TYR F 117 27.60 -37.30 -19.69
C TYR F 117 28.25 -38.19 -18.64
N GLU F 118 27.94 -37.90 -17.39
CA GLU F 118 28.50 -38.66 -16.27
C GLU F 118 27.92 -40.06 -16.32
N LEU F 119 26.61 -40.16 -16.50
CA LEU F 119 25.94 -41.45 -16.61
C LEU F 119 26.32 -42.21 -17.90
N GLU F 120 26.47 -41.48 -19.02
CA GLU F 120 26.94 -42.08 -20.25
CA GLU F 120 26.95 -42.07 -20.27
C GLU F 120 28.35 -42.65 -20.10
N LEU F 121 29.20 -41.94 -19.40
CA LEU F 121 30.58 -42.40 -19.21
C LEU F 121 30.63 -43.78 -18.56
N ILE F 122 29.68 -44.03 -17.66
CA ILE F 122 29.67 -45.27 -16.90
C ILE F 122 28.67 -46.29 -17.48
N ASP F 123 28.20 -46.01 -18.71
CA ASP F 123 27.24 -46.89 -19.40
C ASP F 123 26.02 -47.18 -18.52
N ALA F 124 25.49 -46.14 -17.89
CA ALA F 124 24.23 -46.25 -17.18
C ALA F 124 23.13 -46.63 -18.17
N PRO F 125 22.09 -47.35 -17.69
CA PRO F 125 20.92 -47.65 -18.51
C PRO F 125 20.30 -46.41 -19.12
N LYS F 126 19.92 -46.49 -20.39
CA LYS F 126 19.25 -45.36 -21.04
C LYS F 126 18.01 -44.95 -20.29
N GLU F 127 17.29 -45.94 -19.74
CA GLU F 127 16.07 -45.66 -18.95
C GLU F 127 16.37 -44.68 -17.80
N THR F 128 17.56 -44.78 -17.23
CA THR F 128 17.98 -43.89 -16.11
C THR F 128 18.31 -42.49 -16.60
N ILE F 129 19.04 -42.43 -17.70
CA ILE F 129 19.46 -41.20 -18.31
C ILE F 129 18.21 -40.45 -18.78
N ASP F 130 17.25 -41.17 -19.36
CA ASP F 130 15.99 -40.58 -19.82
C ASP F 130 15.27 -39.77 -18.75
N LYS F 131 15.39 -40.21 -17.50
CA LYS F 131 14.72 -39.54 -16.41
C LYS F 131 15.13 -38.10 -16.27
N LEU F 132 16.35 -37.77 -16.69
CA LEU F 132 16.78 -36.35 -16.63
C LEU F 132 15.93 -35.46 -17.54
N PHE F 133 15.39 -36.04 -18.60
CA PHE F 133 14.67 -35.24 -19.58
C PHE F 133 13.18 -35.08 -19.30
N ILE F 134 12.60 -35.78 -18.32
CA ILE F 134 11.19 -35.57 -18.02
C ILE F 134 10.93 -34.16 -17.48
N ARG F 135 12.01 -33.53 -16.99
CA ARG F 135 11.95 -32.15 -16.53
C ARG F 135 12.84 -31.26 -17.41
N ASN F 136 13.17 -31.77 -18.61
CA ASN F 136 13.94 -31.09 -19.67
C ASN F 136 14.41 -29.68 -19.34
N PRO F 137 15.56 -29.56 -18.65
CA PRO F 137 16.15 -28.29 -18.32
C PRO F 137 16.44 -27.41 -19.51
N GLY F 138 16.76 -28.01 -20.64
CA GLY F 138 16.90 -27.24 -21.90
C GLY F 138 15.63 -26.48 -22.28
N GLN F 140 13.14 -25.72 -20.03
CA GLN F 140 13.01 -24.72 -18.98
C GLN F 140 13.73 -23.44 -19.37
N SER F 141 14.95 -23.61 -19.86
CA SER F 141 15.79 -22.49 -20.29
C SER F 141 15.07 -21.73 -21.40
N LEU F 142 14.59 -22.45 -22.41
CA LEU F 142 13.87 -21.80 -23.51
C LEU F 142 12.66 -21.02 -23.00
N GLY F 143 11.94 -21.59 -22.05
CA GLY F 143 10.76 -20.92 -21.50
C GLY F 143 11.12 -19.63 -20.80
N ALA F 144 12.25 -19.60 -20.09
CA ALA F 144 12.68 -18.35 -19.44
C ALA F 144 12.92 -17.27 -20.48
N ALA F 145 13.54 -17.64 -21.59
CA ALA F 145 13.86 -16.66 -22.64
C ALA F 145 12.57 -16.16 -23.28
N ILE F 146 11.69 -17.08 -23.64
CA ILE F 146 10.42 -16.68 -24.29
C ILE F 146 9.57 -15.85 -23.35
N GLU F 147 9.60 -16.19 -22.07
CA GLU F 147 8.88 -15.37 -21.09
C GLU F 147 9.46 -13.95 -20.98
N ASN F 148 10.79 -13.84 -20.95
CA ASN F 148 11.42 -12.51 -21.03
C ASN F 148 10.96 -11.72 -22.27
N PHE F 149 10.90 -12.40 -23.41
CA PHE F 149 10.44 -11.76 -24.66
C PHE F 149 9.00 -11.28 -24.47
N THR F 150 8.18 -12.19 -23.97
CA THR F 150 6.75 -12.02 -23.74
C THR F 150 6.50 -10.79 -22.90
N LEU F 151 7.13 -10.74 -21.72
CA LEU F 151 6.97 -9.57 -20.84
C LEU F 151 7.47 -8.27 -21.46
N SER F 152 8.58 -8.33 -22.19
CA SER F 152 9.10 -7.14 -22.86
C SER F 152 8.15 -6.60 -23.92
N ALA F 153 7.51 -7.49 -24.68
CA ALA F 153 6.53 -7.08 -25.68
C ALA F 153 5.45 -6.18 -25.06
N ILE F 154 4.97 -6.59 -23.89
CA ILE F 154 3.90 -5.91 -23.17
C ILE F 154 4.36 -4.53 -22.71
N GLU F 155 5.56 -4.44 -22.14
CA GLU F 155 6.08 -3.14 -21.70
C GLU F 155 6.13 -2.13 -22.85
N LEU F 156 6.38 -2.63 -24.06
CA LEU F 156 6.50 -1.80 -25.27
C LEU F 156 5.16 -1.56 -25.98
N GLY F 157 4.06 -2.01 -25.39
CA GLY F 157 2.75 -1.75 -25.93
C GLY F 157 2.19 -2.80 -26.88
N TYR F 158 2.83 -3.96 -26.94
CA TYR F 158 2.36 -5.06 -27.76
C TYR F 158 1.86 -6.22 -26.91
N GLY F 159 1.62 -7.37 -27.53
CA GLY F 159 1.31 -8.55 -26.77
C GLY F 159 1.42 -9.68 -27.76
N SER F 160 1.24 -10.89 -27.23
CA SER F 160 1.54 -12.08 -28.01
C SER F 160 0.86 -13.29 -27.46
N CYS F 161 0.84 -14.35 -28.28
CA CYS F 161 0.50 -15.66 -27.85
C CYS F 161 1.67 -16.58 -28.19
N TRP F 162 2.03 -17.41 -27.25
CA TRP F 162 3.05 -18.46 -27.37
C TRP F 162 2.34 -19.66 -27.95
N LEU F 163 3.00 -20.37 -28.87
CA LEU F 163 2.40 -21.53 -29.52
C LEU F 163 3.36 -22.69 -29.64
N THR F 164 2.91 -23.87 -29.21
CA THR F 164 3.58 -25.12 -29.57
C THR F 164 2.63 -26.11 -30.26
N SER F 165 1.37 -25.72 -30.52
CA SER F 165 0.42 -26.68 -31.09
C SER F 165 0.75 -27.09 -32.53
N GLN F 166 1.56 -26.31 -33.21
CA GLN F 166 1.96 -26.64 -34.58
C GLN F 166 3.02 -27.72 -34.66
N ASN F 167 3.57 -28.18 -33.53
CA ASN F 167 4.81 -28.93 -33.58
C ASN F 167 4.71 -30.34 -34.15
N TYR F 168 3.52 -30.89 -34.34
CA TYR F 168 3.44 -32.12 -35.12
C TYR F 168 3.88 -31.92 -36.56
N ALA F 169 3.99 -30.68 -36.98
CA ALA F 169 4.44 -30.27 -38.31
C ALA F 169 5.75 -29.46 -38.29
N ALA F 170 6.49 -29.56 -37.19
CA ALA F 170 7.72 -28.80 -36.98
C ALA F 170 8.71 -29.02 -38.10
N ASP F 171 8.92 -30.28 -38.49
CA ASP F 171 9.91 -30.60 -39.50
C ASP F 171 9.55 -29.95 -40.80
N GLU F 172 8.26 -29.93 -41.11
CA GLU F 172 7.72 -29.36 -42.34
C GLU F 172 7.82 -27.83 -42.37
N ILE F 173 7.57 -27.21 -41.23
CA ILE F 173 7.75 -25.76 -41.07
C ILE F 173 9.24 -25.44 -41.28
N GLU F 174 10.15 -26.18 -40.66
CA GLU F 174 11.57 -25.93 -40.85
C GLU F 174 11.95 -26.05 -42.33
N ALA F 175 11.40 -27.06 -43.00
CA ALA F 175 11.73 -27.31 -44.40
C ALA F 175 11.25 -26.17 -45.27
N VAL F 176 10.06 -25.64 -45.02
CA VAL F 176 9.57 -24.57 -45.89
C VAL F 176 10.30 -23.26 -45.64
N LEU F 177 10.69 -23.02 -44.39
CA LEU F 177 11.47 -21.83 -44.06
C LEU F 177 12.79 -21.84 -44.84
N GLU F 178 13.46 -22.98 -44.79
CA GLU F 178 14.75 -23.17 -45.45
C GLU F 178 14.66 -23.00 -46.98
N ALA F 179 13.66 -23.64 -47.58
CA ALA F 179 13.48 -23.59 -49.01
C ALA F 179 13.19 -22.16 -49.47
N GLU F 180 12.32 -21.47 -48.74
CA GLU F 180 11.90 -20.12 -49.15
C GLU F 180 12.98 -19.06 -48.96
N THR F 181 13.72 -19.17 -47.85
CA THR F 181 14.60 -18.09 -47.38
C THR F 181 16.09 -18.41 -47.36
N GLY F 182 16.43 -19.68 -47.39
CA GLY F 182 17.81 -20.07 -47.20
C GLY F 182 18.34 -20.11 -45.78
N PHE F 183 17.48 -19.86 -44.79
CA PHE F 183 17.85 -19.98 -43.38
C PHE F 183 18.41 -21.35 -43.12
N GLU F 184 19.53 -21.41 -42.39
CA GLU F 184 20.21 -22.64 -42.05
C GLU F 184 20.15 -22.89 -40.55
N LYS F 185 19.31 -23.85 -40.15
CA LYS F 185 19.05 -24.14 -38.74
C LYS F 185 20.20 -24.86 -38.02
N GLY F 186 21.08 -25.51 -38.79
CA GLY F 186 22.16 -26.32 -38.22
C GLY F 186 21.57 -27.38 -37.31
N GLU F 187 21.99 -27.37 -36.04
CA GLU F 187 21.57 -28.38 -35.05
C GLU F 187 20.25 -27.99 -34.35
N TYR F 188 19.75 -26.80 -34.66
CA TYR F 188 18.55 -26.29 -34.02
C TYR F 188 17.28 -26.84 -34.68
N PHE F 189 16.18 -26.82 -33.93
CA PHE F 189 14.85 -27.23 -34.43
C PHE F 189 13.79 -26.32 -33.86
N LEU F 190 12.59 -26.36 -34.42
CA LEU F 190 11.54 -25.44 -33.96
C LEU F 190 11.09 -25.82 -32.54
N GLY F 191 11.10 -24.84 -31.64
CA GLY F 191 10.62 -25.03 -30.27
C GLY F 191 9.22 -24.49 -30.04
N ALA F 192 9.00 -23.31 -30.58
CA ALA F 192 7.76 -22.55 -30.36
C ALA F 192 7.58 -21.50 -31.46
N LEU F 194 5.67 -17.41 -31.81
CA LEU F 194 4.97 -16.31 -31.18
C LEU F 194 4.21 -15.53 -32.21
N ALA F 195 2.90 -15.38 -31.99
CA ALA F 195 2.07 -14.45 -32.76
C ALA F 195 2.19 -13.11 -32.04
N LEU F 196 2.61 -12.07 -32.74
CA LEU F 196 3.00 -10.83 -32.06
C LEU F 196 2.40 -9.63 -32.75
N GLY F 197 1.90 -8.69 -31.96
CA GLY F 197 1.25 -7.50 -32.50
C GLY F 197 0.67 -6.62 -31.40
N VAL F 198 -0.10 -5.61 -31.79
CA VAL F 198 -0.82 -4.77 -30.83
C VAL F 198 -2.15 -5.49 -30.54
N PRO F 199 -2.39 -5.79 -29.25
CA PRO F 199 -3.60 -6.54 -28.90
C PRO F 199 -4.88 -5.72 -29.08
N GLU F 200 -5.94 -6.39 -29.53
CA GLU F 200 -7.28 -5.83 -29.36
C GLU F 200 -7.59 -5.73 -27.86
N ASP F 201 -8.61 -4.95 -27.54
CA ASP F 201 -8.96 -4.75 -26.14
C ASP F 201 -9.88 -5.86 -25.65
N ASN F 202 -10.02 -5.94 -24.32
CA ASN F 202 -11.01 -6.80 -23.67
C ASN F 202 -10.89 -8.27 -24.05
N LEU F 203 -9.67 -8.79 -24.00
CA LEU F 203 -9.42 -10.19 -24.29
C LEU F 203 -9.63 -11.01 -23.03
N LYS F 204 -9.92 -12.28 -23.23
CA LYS F 204 -10.26 -13.19 -22.12
C LYS F 204 -9.18 -14.23 -21.89
N SER F 205 -8.98 -14.56 -20.60
CA SER F 205 -8.11 -15.62 -20.16
C SER F 205 -8.84 -16.51 -19.19
N PRO F 206 -8.53 -17.82 -19.19
CA PRO F 206 -9.17 -18.66 -18.18
C PRO F 206 -8.63 -18.34 -16.79
N SER F 207 -9.40 -18.64 -15.76
CA SER F 207 -8.98 -18.33 -14.41
C SER F 207 -7.79 -19.19 -13.99
N LYS F 208 -7.04 -18.67 -13.04
CA LYS F 208 -5.86 -19.33 -12.56
C LYS F 208 -6.08 -19.85 -11.14
N LYS F 209 -5.27 -20.84 -10.79
CA LYS F 209 -5.27 -21.42 -9.46
C LYS F 209 -4.99 -20.37 -8.41
N PRO F 210 -5.67 -20.48 -7.27
CA PRO F 210 -5.32 -19.51 -6.22
C PRO F 210 -3.86 -19.74 -5.80
N VAL F 211 -3.15 -18.70 -5.38
CA VAL F 211 -1.72 -18.87 -5.07
C VAL F 211 -1.52 -19.89 -3.98
N GLU F 212 -2.45 -19.95 -3.03
CA GLU F 212 -2.29 -20.90 -1.96
C GLU F 212 -2.34 -22.36 -2.46
N GLU F 213 -2.98 -22.62 -3.59
CA GLU F 213 -3.08 -23.99 -4.12
C GLU F 213 -1.74 -24.49 -4.68
N ILE F 214 -0.94 -23.55 -5.18
CA ILE F 214 0.28 -23.90 -5.90
C ILE F 214 1.54 -23.82 -5.06
N CYS F 215 1.38 -23.88 -3.73
CA CYS F 215 2.53 -23.91 -2.86
C CYS F 215 2.25 -24.56 -1.52
N THR F 216 3.34 -24.95 -0.87
CA THR F 216 3.31 -25.52 0.46
C THR F 216 4.52 -24.97 1.17
N PHE F 217 4.29 -24.32 2.30
CA PHE F 217 5.37 -23.79 3.12
C PHE F 217 5.67 -24.81 4.21
N ILE F 218 6.82 -25.44 4.15
CA ILE F 218 7.16 -26.45 5.14
C ILE F 218 7.46 -25.76 6.44
N LYS F 219 6.83 -26.24 7.52
CA LYS F 219 7.08 -25.71 8.85
C LYS F 219 8.08 -26.64 9.55
#